data_8RN1
#
_entry.id   8RN1
#
_cell.length_a   1.00
_cell.length_b   1.00
_cell.length_c   1.00
_cell.angle_alpha   90.00
_cell.angle_beta   90.00
_cell.angle_gamma   90.00
#
_symmetry.space_group_name_H-M   'P 1'
#
loop_
_entity.id
_entity.type
_entity.pdbx_description
1 polymer 'Polymerase acidic protein'
2 polymer 'RNA-directed RNA polymerase catalytic subunit'
3 polymer "5' cRNA hook (1-12)"
4 polymer 'Polymerase basic protein 2'
#
loop_
_entity_poly.entity_id
_entity_poly.type
_entity_poly.pdbx_seq_one_letter_code
_entity_poly.pdbx_strand_id
1 'polypeptide(L)'
;MDTFITRNFQTTIIQKAKNTMAEFSEDPELQPAMLFNICVHLEVCYVISDMNFLDEEGKAYTALEGQGKEQNLRPQYEVI
EGMPRTIAWMVQRSLAQEHGIETPKYLADLFDYKTKRFIEVGITKGLADDYFWKKKEKLGNSMELMIFSYNQDYSLSNES
SLDEEGKGRVLSRLTELQAELSLKNLWQVLIGEEDVEKGIDFKLGQTISRLRDISVPAGFSNFEGMRSYIDNIDPKGAIE
RNLARMSPLVSVTPKKLTWEDLRPIGPHIYNHELPEVPYNAFLLMSDELGLANMTEGKSKKPKTLAKECLEKYSTLRDQT
DPILIMKSEKANENFLWKLWRDCVNTISNEEMSNELQKTNYAKWATGDGLTYQKIMKEVAIDDETMCQEEPKIPNKCRVA
AWVQTEMNLLSTLTSKRALDLPEIGPDVAPVEHVGSERRKYFVNEINYCKASTVMMKYVLFHTSLLNESNASMGKYKVIP
ITNRVVNEKGESFDMLYGLAVKGQSHLRGDTDVVTVVTFEFSSTDPRVDSGKWPKYTVFRIGSLFVSGREKSVYLYCRVN
GTNKIQMKWGMEARRCLLQSMQQMEAIVEQESSIQGYDMTKACFKGDRVNSPKTFSIGTQEGKLVKGSFGKALRVIFTKC
LMHYVFGNAQLEGFSAESRRLLLLIQALKDRKGPWVFDLEGMYSGIEECISNNPWVIQSAYWFNEWLGFEKEGSKVLESV
DEIMDE
;
A
2 'polypeptide(L)'
;MNINPYFLFIDVPIQAAISTTFPYTGVPPYSHGTGTGYTIDTVIRTHEYSNKGKQYISDVTGCTMVDPTNGPLPEDNEPS
AYAQLDCVLEALDRMDEEHPGLFQAASQNAMETLMVTTVDKLTQGRQTFDWTVCRNQPAATALNTTITSFRLNDLNGADK
GGLIPFCQDIIDSLDRPEMTFFSVKNIKKKLPAKNRKGFLIKRIPMKVKDKITKVEYIKRALSLNTMTKDAERGKLKRRA
IATAGIQIRGFVLVVENLAKNICENLEQSGLPVGGNEKKAKLSNAVAKMLSNCPPGGISMTVTGDNTKWNECLNPRIFLA
MTERITRDSPIWFRDFCSIAPVLFSNKIARLGKGFMITSKTKRLKAQIPCPDLFSIPLERYNEETRAKLKKLKPFFNEEG
TASLSPGMMMGMFNMLSTVLGVAALGIKNIGNKEYLWDGLQSSDDFALFVNAKDEETCMEGINDFYRTCKLLGINMSKKK
SYCNETGMFEFTSMFYRDGFVSNFAMELPSFGVAGVNESADMAIGMTIIKNNMINNGMGPATAQTAIQLFIADYRYTYKC
HRGDSKVEGKRMKIIKELWENTKGRDGLLVADGGPNIYNLRNLHIPEIVLKYNLMDPEYKGRLLHPQNPFVGHLSIEGIK
EADITPAHGPVKKMDYDAVSGTHSWRTKRNRSILNTDQRNMILEEQCYAKCCNLFEACFNSASYRKPVGQHSMLEAMAHR
LRMDARLDYESGRMSKDDFEKAMAHLGEIGYI
;
B
3 'polyribonucleotide' AGCAGAAGCAGA V
4 'polypeptide(L)'
;MTLAKIELLKQLLRDNEAKTVLKQTTVDQYNIIRKFNTSRIEKNPSLRMKWAMCSNFPLALTKGDMANRIPLEYKGIQLK
TNAEDIGTKGQMCSIAAVTWWNTYGPIGDTEGFERVYESFFLRKMRLDNATWGRITFGPVERVRKRVLLNPLTKEMPPDE
ASNVIMEILFPKEAGIPRESTWIHRELIKEKREKLKGTMITPIVLAYMLERELVARRRFLPVAGATSAEFIEMLHCLQGE
NWRQIYHPGGNKLTESRSQSMIVACRKIIRRSIVASNPLELAVEIANKTVIDTEPLKSCLAAIDGGDVACDIIRAALGLK
IRQRQRFGRLELKRISGRGFKNDEEILIGNGTIQKIGIWDGEEEFHVRCGECRGILKKSKMKLEKLLINSAKKEDMRDLI
ILCMVFSQDTRMFQGVRGEINFLNRAGQLLSPMYQLQRYFLNRSNDLFDQWGYEESPKASELHGINESMNASDYTLKGVV
VTRNVIDDFSSTETEKVSITKNLSLIKRTGEVIMGANDVSELESQAQLMITYDTPKMWEMGTTKELVQNTYQWVLKNLVT
LKAQFLLGKEDMFQWDAFEAFESIIPQKMAGQYSGFARAVLKQMRDQEVMKTDQFIKLLPFCFSPPKLRSNGEPYQFLKL
VLKGGGENFIEVRKGSPLFSYNPQTEVLTICGRMMSLKGKIEDEERNRSMGNAVLAGFLVSGKYDPDLGDFKTIEELEKL
KPGEKANILLYQGKPVKVVKRKRYSALSNDISQGIKRQRMTVESMGWALSGWSHPQFEKGGGSGGGSGGSAWSHPQFEK
;
C
#
# COMPACT_ATOMS: atom_id res chain seq x y z
N MET A 1 -33.53 -15.57 3.45
CA MET A 1 -34.23 -16.11 2.25
C MET A 1 -33.42 -17.25 1.64
N ASP A 2 -32.09 -17.19 1.78
CA ASP A 2 -31.24 -18.28 1.31
C ASP A 2 -31.57 -19.57 2.04
N THR A 3 -31.77 -19.49 3.35
CA THR A 3 -32.21 -20.66 4.10
C THR A 3 -33.52 -21.20 3.55
N PHE A 4 -34.39 -20.32 3.05
CA PHE A 4 -35.61 -20.78 2.41
C PHE A 4 -35.34 -21.31 1.01
N ILE A 5 -34.37 -20.72 0.30
CA ILE A 5 -34.03 -21.20 -1.04
C ILE A 5 -33.56 -22.65 -0.96
N THR A 6 -32.74 -22.95 0.04
CA THR A 6 -32.19 -24.30 0.16
C THR A 6 -33.30 -25.34 0.34
N ARG A 7 -34.45 -24.93 0.87
CA ARG A 7 -35.52 -25.90 1.13
C ARG A 7 -36.10 -26.47 -0.15
N ASN A 8 -36.46 -25.60 -1.10
CA ASN A 8 -37.11 -26.06 -2.32
C ASN A 8 -36.13 -26.56 -3.38
N PHE A 9 -34.84 -26.26 -3.24
CA PHE A 9 -33.86 -26.58 -4.26
C PHE A 9 -32.67 -27.28 -3.61
N GLN A 10 -32.20 -28.35 -4.25
CA GLN A 10 -31.08 -29.11 -3.74
C GLN A 10 -29.77 -28.36 -4.00
N THR A 11 -28.70 -28.82 -3.35
CA THR A 11 -27.43 -28.11 -3.40
C THR A 11 -26.93 -27.96 -4.83
N THR A 12 -27.12 -29.00 -5.66
CA THR A 12 -26.63 -28.93 -7.03
C THR A 12 -27.34 -27.83 -7.82
N ILE A 13 -28.66 -27.71 -7.66
CA ILE A 13 -29.38 -26.65 -8.35
C ILE A 13 -28.87 -25.28 -7.88
N ILE A 14 -28.70 -25.11 -6.57
CA ILE A 14 -28.27 -23.82 -6.04
C ILE A 14 -26.88 -23.48 -6.58
N GLN A 15 -25.97 -24.45 -6.60
CA GLN A 15 -24.61 -24.15 -7.04
C GLN A 15 -24.58 -23.89 -8.54
N LYS A 16 -25.38 -24.61 -9.33
CA LYS A 16 -25.42 -24.34 -10.76
C LYS A 16 -25.97 -22.94 -11.02
N ALA A 17 -27.03 -22.54 -10.31
CA ALA A 17 -27.56 -21.19 -10.48
C ALA A 17 -26.56 -20.14 -10.05
N LYS A 18 -25.85 -20.39 -8.94
CA LYS A 18 -24.86 -19.43 -8.47
C LYS A 18 -23.71 -19.30 -9.46
N ASN A 19 -23.31 -20.40 -10.09
CA ASN A 19 -22.27 -20.33 -11.11
C ASN A 19 -22.76 -19.57 -12.34
N THR A 20 -23.99 -19.82 -12.77
CA THR A 20 -24.55 -19.06 -13.88
C THR A 20 -24.57 -17.58 -13.56
N MET A 21 -24.89 -17.22 -12.31
CA MET A 21 -24.78 -15.84 -11.87
C MET A 21 -23.32 -15.38 -11.94
N ALA A 22 -22.38 -16.23 -11.55
CA ALA A 22 -20.97 -15.83 -11.53
C ALA A 22 -20.52 -15.35 -12.90
N GLU A 23 -21.19 -15.79 -13.97
CA GLU A 23 -20.94 -15.27 -15.30
C GLU A 23 -21.73 -14.01 -15.59
N PHE A 24 -22.21 -13.33 -14.55
CA PHE A 24 -22.90 -12.05 -14.65
C PHE A 24 -22.20 -10.95 -13.88
N SER A 25 -21.56 -11.29 -12.75
CA SER A 25 -20.73 -10.35 -11.99
C SER A 25 -21.55 -9.22 -11.38
N GLU A 26 -22.59 -9.61 -10.65
CA GLU A 26 -23.25 -8.74 -9.68
C GLU A 26 -23.43 -9.53 -8.40
N ASP A 27 -23.14 -8.87 -7.27
CA ASP A 27 -23.10 -9.53 -5.97
C ASP A 27 -24.30 -10.47 -5.80
N PRO A 28 -24.09 -11.78 -5.75
CA PRO A 28 -25.24 -12.69 -5.58
C PRO A 28 -26.07 -12.39 -4.35
N GLU A 29 -25.42 -12.00 -3.24
CA GLU A 29 -26.17 -11.65 -2.04
C GLU A 29 -27.08 -10.45 -2.26
N LEU A 30 -26.70 -9.56 -3.18
CA LEU A 30 -27.44 -8.31 -3.33
C LEU A 30 -28.88 -8.55 -3.74
N GLN A 31 -29.11 -9.47 -4.67
CA GLN A 31 -30.45 -9.73 -5.21
C GLN A 31 -30.59 -11.21 -5.53
N PRO A 32 -30.98 -12.03 -4.56
CA PRO A 32 -31.38 -13.39 -4.89
C PRO A 32 -32.59 -13.46 -5.81
N ALA A 33 -33.25 -12.32 -6.03
CA ALA A 33 -34.51 -12.33 -6.76
C ALA A 33 -34.39 -13.11 -8.07
N MET A 34 -33.60 -12.60 -9.01
CA MET A 34 -33.47 -13.32 -10.27
C MET A 34 -32.85 -14.69 -10.07
N LEU A 35 -31.99 -14.86 -9.07
CA LEU A 35 -31.52 -16.21 -8.75
C LEU A 35 -32.70 -17.15 -8.64
N PHE A 36 -33.67 -16.83 -7.77
CA PHE A 36 -34.89 -17.61 -7.73
C PHE A 36 -35.36 -17.93 -9.14
N ASN A 37 -35.66 -16.89 -9.92
CA ASN A 37 -36.22 -17.13 -11.25
C ASN A 37 -35.36 -18.12 -12.01
N ILE A 38 -34.05 -17.86 -12.10
CA ILE A 38 -33.23 -18.71 -12.95
C ILE A 38 -33.27 -20.14 -12.44
N CYS A 39 -33.14 -20.34 -11.13
CA CYS A 39 -33.18 -21.72 -10.64
C CYS A 39 -34.51 -22.34 -11.00
N VAL A 40 -35.61 -21.61 -10.80
CA VAL A 40 -36.91 -22.12 -11.22
C VAL A 40 -36.85 -22.48 -12.69
N HIS A 41 -36.40 -21.55 -13.53
CA HIS A 41 -36.19 -21.85 -14.93
C HIS A 41 -35.39 -23.14 -15.06
N LEU A 42 -34.19 -23.16 -14.48
CA LEU A 42 -33.37 -24.36 -14.59
C LEU A 42 -34.16 -25.57 -14.16
N GLU A 43 -34.84 -25.48 -13.01
CA GLU A 43 -35.59 -26.63 -12.52
C GLU A 43 -36.56 -27.14 -13.56
N VAL A 44 -37.36 -26.24 -14.15
CA VAL A 44 -38.34 -26.72 -15.12
C VAL A 44 -37.63 -27.33 -16.31
N CYS A 45 -36.55 -26.69 -16.77
CA CYS A 45 -35.85 -27.23 -17.93
C CYS A 45 -35.28 -28.61 -17.64
N TYR A 46 -35.20 -28.99 -16.37
CA TYR A 46 -34.78 -30.35 -16.03
C TYR A 46 -35.98 -31.28 -15.91
N VAL A 47 -37.10 -30.79 -15.38
CA VAL A 47 -38.25 -31.66 -15.19
C VAL A 47 -38.85 -32.05 -16.54
N ILE A 48 -38.78 -31.14 -17.53
CA ILE A 48 -39.21 -31.49 -18.87
C ILE A 48 -38.35 -32.61 -19.45
N SER A 49 -37.15 -32.81 -18.90
CA SER A 49 -36.21 -33.80 -19.40
C SER A 49 -35.77 -34.74 -18.27
N ASP A 50 -36.74 -35.22 -17.49
CA ASP A 50 -36.44 -36.12 -16.39
C ASP A 50 -36.53 -37.58 -16.80
N MET A 51 -37.67 -38.00 -17.34
CA MET A 51 -37.88 -39.40 -17.72
C MET A 51 -38.21 -39.57 -19.20
N ASN A 52 -38.21 -38.49 -19.99
CA ASN A 52 -38.54 -38.60 -21.40
C ASN A 52 -37.27 -38.91 -22.19
N PHE A 53 -37.24 -40.06 -22.84
CA PHE A 53 -36.07 -40.54 -23.56
C PHE A 53 -36.47 -40.97 -24.97
N LEU A 54 -35.46 -41.27 -25.77
CA LEU A 54 -35.64 -41.79 -27.13
C LEU A 54 -34.72 -42.96 -27.34
N ASP A 55 -35.08 -43.82 -28.29
CA ASP A 55 -34.31 -45.00 -28.62
C ASP A 55 -33.49 -44.75 -29.89
N GLU A 56 -32.72 -45.76 -30.29
CA GLU A 56 -31.84 -45.61 -31.45
C GLU A 56 -32.60 -45.42 -32.75
N GLU A 57 -33.90 -45.74 -32.77
CA GLU A 57 -34.72 -45.59 -33.97
C GLU A 57 -35.75 -44.47 -33.87
N GLY A 58 -36.12 -44.05 -32.66
CA GLY A 58 -37.09 -42.99 -32.48
C GLY A 58 -38.25 -43.39 -31.58
N LYS A 59 -38.08 -44.48 -30.84
CA LYS A 59 -39.10 -44.91 -29.90
C LYS A 59 -39.25 -43.89 -28.77
N ALA A 60 -40.48 -43.47 -28.50
CA ALA A 60 -40.76 -42.50 -27.46
C ALA A 60 -41.08 -43.22 -26.16
N TYR A 61 -40.36 -42.87 -25.10
CA TYR A 61 -40.57 -43.49 -23.80
C TYR A 61 -39.92 -42.68 -22.69
N ASN A 72 -32.15 -46.72 -23.57
CA ASN A 72 -30.72 -46.79 -23.86
C ASN A 72 -30.06 -45.45 -23.52
N LEU A 73 -28.80 -45.29 -23.94
CA LEU A 73 -27.99 -44.14 -23.55
C LEU A 73 -28.22 -42.96 -24.51
N ARG A 74 -29.48 -42.50 -24.54
CA ARG A 74 -29.81 -41.28 -25.26
C ARG A 74 -31.18 -40.76 -24.82
N PRO A 75 -31.30 -39.51 -24.40
CA PRO A 75 -32.61 -38.93 -24.10
C PRO A 75 -33.21 -38.28 -25.35
N GLN A 76 -34.43 -37.77 -25.18
CA GLN A 76 -35.11 -37.01 -26.23
C GLN A 76 -34.95 -35.51 -26.04
N TYR A 77 -34.20 -35.08 -25.02
CA TYR A 77 -33.99 -33.67 -24.74
C TYR A 77 -32.57 -33.46 -24.27
N GLU A 78 -32.10 -32.21 -24.35
CA GLU A 78 -30.75 -31.86 -23.93
C GLU A 78 -30.80 -30.45 -23.38
N VAL A 79 -30.38 -30.29 -22.13
CA VAL A 79 -30.46 -29.02 -21.43
C VAL A 79 -29.25 -28.16 -21.77
N ILE A 80 -29.48 -26.85 -21.90
CA ILE A 80 -28.42 -25.88 -22.16
C ILE A 80 -28.16 -24.98 -20.96
N GLU A 81 -29.22 -24.61 -20.24
CA GLU A 81 -29.04 -23.68 -19.12
C GLU A 81 -28.24 -24.33 -18.00
N GLY A 82 -27.57 -23.50 -17.22
CA GLY A 82 -26.79 -23.93 -16.07
C GLY A 82 -25.32 -24.17 -16.33
N MET A 83 -25.00 -24.87 -17.42
CA MET A 83 -23.62 -25.14 -17.74
C MET A 83 -22.91 -23.86 -18.18
N PRO A 84 -21.58 -23.86 -18.19
CA PRO A 84 -20.86 -22.63 -18.52
C PRO A 84 -21.26 -22.08 -19.88
N ARG A 85 -21.28 -20.75 -19.99
CA ARG A 85 -21.79 -20.10 -21.19
C ARG A 85 -20.97 -20.52 -22.41
N THR A 86 -19.64 -20.56 -22.28
CA THR A 86 -18.81 -20.91 -23.43
C THR A 86 -19.10 -22.32 -23.92
N ILE A 87 -19.18 -23.28 -23.00
CA ILE A 87 -19.49 -24.65 -23.39
C ILE A 87 -20.90 -24.73 -23.96
N ALA A 88 -21.85 -24.03 -23.34
CA ALA A 88 -23.21 -24.05 -23.85
C ALA A 88 -23.27 -23.56 -25.28
N TRP A 89 -22.58 -22.45 -25.57
CA TRP A 89 -22.61 -21.91 -26.91
C TRP A 89 -21.89 -22.81 -27.91
N MET A 90 -20.76 -23.39 -27.50
CA MET A 90 -20.05 -24.28 -28.42
C MET A 90 -20.89 -25.48 -28.78
N VAL A 91 -21.55 -26.08 -27.79
CA VAL A 91 -22.39 -27.25 -28.07
C VAL A 91 -23.61 -26.83 -28.90
N GLN A 92 -24.17 -25.67 -28.61
CA GLN A 92 -25.32 -25.18 -29.40
C GLN A 92 -24.93 -25.02 -30.86
N ARG A 93 -23.77 -24.41 -31.11
CA ARG A 93 -23.29 -24.26 -32.49
C ARG A 93 -23.03 -25.63 -33.10
N SER A 94 -22.51 -26.58 -32.32
CA SER A 94 -22.27 -27.91 -32.86
C SER A 94 -23.57 -28.54 -33.34
N LEU A 95 -24.62 -28.48 -32.51
CA LEU A 95 -25.91 -29.02 -32.94
C LEU A 95 -26.44 -28.28 -34.17
N ALA A 96 -26.31 -26.95 -34.17
CA ALA A 96 -26.83 -26.17 -35.30
C ALA A 96 -26.16 -26.57 -36.60
N GLN A 97 -24.84 -26.76 -36.58
CA GLN A 97 -24.14 -27.13 -37.81
C GLN A 97 -24.35 -28.61 -38.15
N GLU A 98 -24.57 -29.46 -37.15
CA GLU A 98 -24.78 -30.87 -37.43
C GLU A 98 -26.14 -31.12 -38.07
N HIS A 99 -27.19 -30.50 -37.53
CA HIS A 99 -28.54 -30.72 -38.00
C HIS A 99 -28.93 -29.80 -39.16
N GLY A 100 -28.05 -28.88 -39.56
CA GLY A 100 -28.34 -28.00 -40.66
C GLY A 100 -29.59 -27.17 -40.43
N ILE A 101 -29.70 -26.57 -39.26
CA ILE A 101 -30.85 -25.76 -38.89
C ILE A 101 -30.35 -24.37 -38.50
N GLU A 102 -31.21 -23.37 -38.70
CA GLU A 102 -30.86 -22.01 -38.34
C GLU A 102 -30.57 -21.91 -36.85
N THR A 103 -29.46 -21.27 -36.51
CA THR A 103 -29.06 -21.14 -35.11
C THR A 103 -29.66 -19.88 -34.50
N PRO A 104 -30.39 -19.97 -33.39
CA PRO A 104 -30.95 -18.75 -32.79
C PRO A 104 -29.85 -17.78 -32.38
N LYS A 105 -30.14 -16.50 -32.53
CA LYS A 105 -29.21 -15.45 -32.14
C LYS A 105 -29.24 -15.17 -30.65
N TYR A 106 -30.17 -15.78 -29.91
CA TYR A 106 -30.23 -15.68 -28.47
C TYR A 106 -29.82 -17.00 -27.84
N LEU A 107 -29.68 -17.00 -26.52
CA LEU A 107 -29.31 -18.21 -25.80
C LEU A 107 -30.42 -19.24 -25.92
N ALA A 108 -30.02 -20.50 -26.07
CA ALA A 108 -30.97 -21.61 -26.09
C ALA A 108 -31.06 -22.22 -24.69
N ASP A 109 -32.27 -22.54 -24.27
CA ASP A 109 -32.49 -23.11 -22.94
C ASP A 109 -32.62 -24.62 -22.96
N LEU A 110 -33.11 -25.19 -24.05
CA LEU A 110 -33.31 -26.63 -24.14
C LEU A 110 -33.45 -27.00 -25.60
N PHE A 111 -32.97 -28.19 -25.96
CA PHE A 111 -33.02 -28.68 -27.33
C PHE A 111 -33.72 -30.03 -27.38
N ASP A 112 -34.55 -30.22 -28.40
CA ASP A 112 -35.30 -31.45 -28.58
C ASP A 112 -34.62 -32.33 -29.63
N TYR A 113 -34.81 -33.64 -29.47
CA TYR A 113 -34.19 -34.63 -30.35
C TYR A 113 -35.15 -35.21 -31.39
N LYS A 114 -36.44 -34.85 -31.32
CA LYS A 114 -37.42 -35.36 -32.27
C LYS A 114 -37.77 -34.32 -33.33
N THR A 115 -38.17 -33.13 -32.92
CA THR A 115 -38.40 -32.04 -33.86
C THR A 115 -37.12 -31.32 -34.26
N LYS A 116 -36.02 -31.57 -33.56
CA LYS A 116 -34.73 -30.94 -33.84
C LYS A 116 -34.88 -29.42 -33.83
N ARG A 117 -35.34 -28.91 -32.70
CA ARG A 117 -35.57 -27.48 -32.53
C ARG A 117 -35.14 -27.07 -31.13
N PHE A 118 -34.84 -25.78 -30.97
CA PHE A 118 -34.31 -25.24 -29.72
C PHE A 118 -35.45 -24.69 -28.88
N ILE A 119 -35.60 -25.21 -27.67
CA ILE A 119 -36.70 -24.84 -26.79
C ILE A 119 -36.35 -23.57 -26.02
N GLU A 120 -37.36 -22.73 -25.80
CA GLU A 120 -37.26 -21.56 -24.93
C GLU A 120 -38.41 -21.62 -23.94
N VAL A 121 -38.09 -21.41 -22.66
CA VAL A 121 -39.09 -21.51 -21.61
C VAL A 121 -39.07 -20.24 -20.77
N GLY A 122 -40.26 -19.81 -20.37
CA GLY A 122 -40.40 -18.62 -19.54
C GLY A 122 -41.41 -18.80 -18.42
N ILE A 123 -40.98 -18.58 -17.19
CA ILE A 123 -41.83 -18.71 -16.01
C ILE A 123 -42.21 -17.29 -15.59
N THR A 124 -43.43 -16.88 -15.92
CA THR A 124 -43.91 -15.53 -15.63
C THR A 124 -44.87 -15.55 -14.46
N LYS A 125 -45.18 -14.35 -13.97
CA LYS A 125 -46.06 -14.19 -12.81
C LYS A 125 -47.53 -14.23 -13.20
N GLY A 126 -47.97 -13.30 -14.04
CA GLY A 126 -49.38 -13.17 -14.36
C GLY A 126 -49.77 -13.84 -15.66
N LEU A 127 -50.45 -13.10 -16.53
CA LEU A 127 -50.95 -13.67 -17.77
C LEU A 127 -49.81 -14.16 -18.65
N ALA A 128 -50.05 -15.26 -19.35
CA ALA A 128 -49.02 -15.93 -20.12
C ALA A 128 -49.01 -15.50 -21.59
N ASP A 129 -50.20 -15.32 -22.18
CA ASP A 129 -50.26 -15.04 -23.62
C ASP A 129 -49.53 -13.76 -23.97
N ASP A 130 -49.71 -12.70 -23.16
CA ASP A 130 -48.99 -11.45 -23.42
C ASP A 130 -47.48 -11.65 -23.28
N TYR A 131 -47.07 -12.41 -22.25
CA TYR A 131 -45.65 -12.73 -22.10
C TYR A 131 -45.16 -13.56 -23.27
N PHE A 132 -46.00 -14.46 -23.77
CA PHE A 132 -45.64 -15.25 -24.94
C PHE A 132 -45.42 -14.36 -26.16
N TRP A 133 -46.29 -13.37 -26.36
CA TRP A 133 -46.13 -12.46 -27.49
C TRP A 133 -44.89 -11.59 -27.33
N LYS A 134 -44.58 -11.17 -26.10
CA LYS A 134 -43.35 -10.40 -25.88
C LYS A 134 -42.12 -11.25 -26.18
N LYS A 135 -42.12 -12.52 -25.77
CA LYS A 135 -41.01 -13.41 -26.11
C LYS A 135 -40.91 -13.60 -27.61
N LYS A 136 -42.05 -13.71 -28.31
CA LYS A 136 -42.01 -13.77 -29.77
C LYS A 136 -41.38 -12.51 -30.35
N GLU A 137 -41.77 -11.34 -29.83
CA GLU A 137 -41.18 -10.08 -30.28
C GLU A 137 -39.67 -10.13 -30.12
N LYS A 138 -39.19 -10.61 -28.98
CA LYS A 138 -37.75 -10.75 -28.77
C LYS A 138 -37.14 -11.68 -29.81
N LEU A 139 -37.79 -12.83 -30.05
CA LEU A 139 -37.22 -13.90 -30.85
C LEU A 139 -37.90 -14.03 -32.21
N GLY A 140 -39.22 -14.11 -32.23
CA GLY A 140 -39.95 -14.31 -33.48
C GLY A 140 -40.37 -15.74 -33.66
N ASN A 141 -39.68 -16.46 -34.56
CA ASN A 141 -39.95 -17.86 -34.80
C ASN A 141 -38.69 -18.71 -34.77
N SER A 142 -37.56 -18.15 -34.34
CA SER A 142 -36.32 -18.92 -34.29
C SER A 142 -36.40 -20.07 -33.29
N MET A 143 -37.36 -20.04 -32.36
CA MET A 143 -37.48 -21.06 -31.34
C MET A 143 -38.95 -21.27 -31.02
N GLU A 144 -39.24 -22.41 -30.40
CA GLU A 144 -40.55 -22.71 -29.87
C GLU A 144 -40.58 -22.37 -28.40
N LEU A 145 -41.62 -21.64 -27.99
CA LEU A 145 -41.69 -21.04 -26.67
C LEU A 145 -42.67 -21.81 -25.80
N MET A 146 -42.26 -22.09 -24.56
CA MET A 146 -43.08 -22.78 -23.57
C MET A 146 -43.15 -21.90 -22.34
N ILE A 147 -44.14 -21.02 -22.31
CA ILE A 147 -44.33 -20.08 -21.22
C ILE A 147 -45.27 -20.70 -20.19
N PHE A 148 -44.92 -20.56 -18.91
CA PHE A 148 -45.76 -21.01 -17.82
C PHE A 148 -45.94 -19.89 -16.81
N SER A 149 -47.08 -19.89 -16.13
CA SER A 149 -47.39 -18.86 -15.15
C SER A 149 -48.14 -19.48 -13.99
N TYR A 150 -47.80 -19.03 -12.78
CA TYR A 150 -48.32 -19.65 -11.57
C TYR A 150 -49.83 -19.63 -11.50
N ASN A 151 -50.48 -18.75 -12.24
CA ASN A 151 -51.95 -18.74 -12.27
C ASN A 151 -52.44 -19.80 -13.24
N GLN A 152 -51.96 -21.04 -13.06
CA GLN A 152 -52.34 -22.17 -13.89
C GLN A 152 -52.37 -21.81 -15.37
N ASP A 153 -51.45 -20.95 -15.81
CA ASP A 153 -51.45 -20.46 -17.18
C ASP A 153 -50.29 -21.08 -17.94
N TYR A 154 -50.51 -21.32 -19.24
CA TYR A 154 -49.51 -21.95 -20.06
C TYR A 154 -49.69 -21.49 -21.51
N SER A 155 -48.60 -21.59 -22.27
CA SER A 155 -48.62 -21.23 -23.68
C SER A 155 -47.47 -21.95 -24.37
N LEU A 156 -47.79 -22.92 -25.22
CA LEU A 156 -46.78 -23.70 -25.93
C LEU A 156 -46.98 -23.50 -27.43
N SER A 157 -45.90 -23.18 -28.13
CA SER A 157 -45.99 -22.88 -29.57
C SER A 157 -45.96 -24.13 -30.44
N ASN A 158 -45.75 -25.30 -29.87
CA ASN A 158 -45.74 -26.55 -30.61
C ASN A 158 -46.80 -27.49 -30.04
N GLU A 159 -47.36 -28.32 -30.92
CA GLU A 159 -48.44 -29.22 -30.51
C GLU A 159 -47.90 -30.44 -29.77
N SER A 160 -47.02 -31.21 -30.42
CA SER A 160 -46.54 -32.48 -29.88
C SER A 160 -45.17 -32.33 -29.22
N SER A 161 -44.82 -31.13 -28.75
CA SER A 161 -43.57 -30.95 -28.04
C SER A 161 -43.53 -31.81 -26.78
N LEU A 162 -44.62 -31.82 -26.01
CA LEU A 162 -44.71 -32.64 -24.82
C LEU A 162 -46.18 -32.95 -24.55
N ASP A 163 -46.42 -34.12 -23.97
CA ASP A 163 -47.78 -34.57 -23.71
C ASP A 163 -48.30 -33.90 -22.43
N GLU A 164 -49.47 -34.36 -21.96
CA GLU A 164 -50.08 -33.76 -20.79
C GLU A 164 -49.36 -34.12 -19.49
N GLU A 165 -48.65 -35.25 -19.45
CA GLU A 165 -48.01 -35.67 -18.21
C GLU A 165 -46.99 -34.63 -17.75
N GLY A 166 -46.13 -34.16 -18.67
CA GLY A 166 -45.12 -33.20 -18.30
C GLY A 166 -45.72 -31.85 -17.92
N LYS A 167 -46.71 -31.40 -18.68
CA LYS A 167 -47.36 -30.13 -18.36
C LYS A 167 -48.01 -30.18 -16.99
N GLY A 168 -48.72 -31.27 -16.69
CA GLY A 168 -49.30 -31.41 -15.37
C GLY A 168 -48.26 -31.48 -14.28
N ARG A 169 -47.16 -32.17 -14.53
CA ARG A 169 -46.09 -32.27 -13.53
C ARG A 169 -45.50 -30.91 -13.23
N VAL A 170 -45.23 -30.11 -14.26
CA VAL A 170 -44.64 -28.79 -14.03
C VAL A 170 -45.66 -27.88 -13.37
N LEU A 171 -46.94 -27.99 -13.74
CA LEU A 171 -47.96 -27.20 -13.07
C LEU A 171 -48.03 -27.53 -11.59
N SER A 172 -47.97 -28.83 -11.26
CA SER A 172 -47.95 -29.23 -9.86
C SER A 172 -46.71 -28.69 -9.15
N ARG A 173 -45.56 -28.73 -9.83
CA ARG A 173 -44.32 -28.28 -9.20
C ARG A 173 -44.37 -26.78 -8.93
N LEU A 174 -45.05 -26.03 -9.78
CA LEU A 174 -45.25 -24.61 -9.50
C LEU A 174 -46.42 -24.34 -8.56
N THR A 175 -47.24 -25.36 -8.25
CA THR A 175 -48.35 -25.14 -7.33
C THR A 175 -47.87 -24.73 -5.94
N GLU A 176 -46.78 -25.32 -5.45
CA GLU A 176 -46.29 -24.90 -4.13
C GLU A 176 -45.77 -23.48 -4.18
N LEU A 177 -44.98 -23.14 -5.19
CA LEU A 177 -44.35 -21.82 -5.24
C LEU A 177 -45.34 -20.70 -5.52
N GLN A 178 -46.55 -21.01 -5.99
CA GLN A 178 -47.54 -19.96 -6.18
C GLN A 178 -48.17 -19.52 -4.86
N ALA A 179 -48.09 -20.36 -3.83
CA ALA A 179 -48.71 -20.06 -2.54
C ALA A 179 -47.72 -20.22 -1.40
N GLU A 180 -46.77 -21.14 -1.54
CA GLU A 180 -45.82 -21.39 -0.46
C GLU A 180 -45.07 -20.12 -0.10
N LEU A 181 -44.74 -19.29 -1.10
CA LEU A 181 -44.06 -18.04 -0.81
C LEU A 181 -44.98 -17.07 -0.08
N SER A 182 -46.26 -17.05 -0.45
CA SER A 182 -47.19 -16.11 0.18
C SER A 182 -47.47 -16.48 1.63
N LEU A 183 -47.69 -17.76 1.91
CA LEU A 183 -48.07 -18.15 3.27
C LEU A 183 -46.97 -17.81 4.27
N LYS A 184 -45.72 -18.06 3.91
CA LYS A 184 -44.59 -17.62 4.72
C LYS A 184 -44.18 -16.18 4.39
N ASN A 185 -45.06 -15.44 3.72
CA ASN A 185 -44.86 -14.01 3.47
C ASN A 185 -43.56 -13.78 2.68
N LEU A 186 -43.57 -14.27 1.44
CA LEU A 186 -42.47 -14.00 0.52
C LEU A 186 -42.97 -13.52 -0.83
N TRP A 187 -44.24 -13.78 -1.13
CA TRP A 187 -44.83 -13.43 -2.42
C TRP A 187 -44.69 -11.95 -2.76
N GLN A 188 -44.71 -11.10 -1.73
CA GLN A 188 -44.75 -9.66 -1.97
C GLN A 188 -43.51 -9.17 -2.70
N VAL A 189 -42.34 -9.70 -2.33
CA VAL A 189 -41.07 -9.16 -2.82
C VAL A 189 -40.57 -10.01 -3.99
N LEU A 190 -41.48 -10.73 -4.64
CA LEU A 190 -41.13 -11.55 -5.80
C LEU A 190 -41.13 -10.66 -7.04
N ILE A 191 -39.96 -10.49 -7.65
CA ILE A 191 -39.82 -9.66 -8.84
C ILE A 191 -40.12 -10.49 -10.08
N GLY A 192 -40.69 -9.84 -11.10
CA GLY A 192 -41.07 -10.52 -12.31
C GLY A 192 -39.89 -11.05 -13.10
N GLU A 193 -40.14 -11.55 -14.31
CA GLU A 193 -39.11 -12.10 -15.18
C GLU A 193 -38.81 -11.24 -16.39
N GLU A 194 -39.75 -10.40 -16.81
CA GLU A 194 -39.52 -9.53 -17.96
C GLU A 194 -38.61 -8.36 -17.61
N ASP A 195 -38.49 -8.02 -16.33
CA ASP A 195 -37.73 -6.84 -15.94
C ASP A 195 -36.26 -6.96 -16.36
N VAL A 196 -35.67 -8.15 -16.17
CA VAL A 196 -34.28 -8.36 -16.55
C VAL A 196 -34.07 -8.28 -18.05
N GLU A 197 -35.13 -8.21 -18.85
CA GLU A 197 -35.03 -8.14 -20.30
C GLU A 197 -35.97 -7.09 -20.86
N LYS A 198 -36.19 -6.01 -20.11
CA LYS A 198 -37.07 -4.94 -20.60
C LYS A 198 -36.51 -4.30 -21.85
N GLY A 199 -35.20 -4.04 -21.88
CA GLY A 199 -34.59 -3.35 -22.99
C GLY A 199 -34.14 -4.26 -24.11
N ILE A 200 -34.93 -4.34 -25.18
CA ILE A 200 -34.60 -5.16 -26.33
C ILE A 200 -34.66 -4.33 -27.60
N ASP A 201 -35.44 -3.25 -27.58
CA ASP A 201 -35.68 -2.44 -28.76
C ASP A 201 -34.66 -1.30 -28.81
N PHE A 202 -33.98 -1.17 -29.94
CA PHE A 202 -32.92 -0.18 -30.08
C PHE A 202 -32.80 0.17 -31.56
N LYS A 203 -33.34 1.32 -31.94
CA LYS A 203 -33.37 1.77 -33.33
C LYS A 203 -32.49 3.00 -33.48
N LEU A 204 -31.65 2.99 -34.52
CA LEU A 204 -30.75 4.10 -34.77
C LEU A 204 -31.46 5.20 -35.56
N GLY A 205 -31.15 6.45 -35.23
CA GLY A 205 -31.70 7.57 -35.97
C GLY A 205 -30.98 7.79 -37.29
N GLN A 206 -31.52 8.74 -38.07
CA GLN A 206 -30.94 9.02 -39.37
C GLN A 206 -29.54 9.60 -39.24
N THR A 207 -29.37 10.59 -38.36
CA THR A 207 -28.07 11.23 -38.23
C THR A 207 -27.00 10.24 -37.77
N ILE A 208 -27.31 9.45 -36.74
CA ILE A 208 -26.32 8.47 -36.29
C ILE A 208 -26.07 7.43 -37.38
N SER A 209 -27.11 7.07 -38.14
CA SER A 209 -26.92 6.12 -39.22
C SER A 209 -25.91 6.64 -40.24
N ARG A 210 -26.00 7.92 -40.58
CA ARG A 210 -25.03 8.51 -41.50
C ARG A 210 -23.63 8.52 -40.90
N LEU A 211 -23.53 8.82 -39.60
CA LEU A 211 -22.22 8.80 -38.95
C LEU A 211 -21.59 7.41 -39.04
N ARG A 212 -22.40 6.38 -38.78
CA ARG A 212 -21.90 5.01 -38.93
C ARG A 212 -21.51 4.74 -40.38
N ASP A 213 -22.30 5.24 -41.32
CA ASP A 213 -22.01 5.02 -42.73
C ASP A 213 -20.66 5.60 -43.12
N ILE A 214 -20.36 6.83 -42.68
CA ILE A 214 -19.07 7.44 -42.98
C ILE A 214 -17.96 6.93 -42.07
N SER A 215 -18.27 6.08 -41.11
CA SER A 215 -17.28 5.49 -40.22
C SER A 215 -16.90 4.08 -40.67
N VAL A 216 -16.86 3.85 -41.97
CA VAL A 216 -16.53 2.53 -42.51
C VAL A 216 -15.07 2.56 -42.97
N PRO A 217 -14.34 1.46 -42.89
CA PRO A 217 -12.97 1.46 -43.41
C PRO A 217 -12.94 1.80 -44.89
N ALA A 218 -11.80 2.36 -45.32
CA ALA A 218 -11.65 2.75 -46.70
C ALA A 218 -11.86 1.55 -47.63
N GLY A 219 -12.52 1.80 -48.76
CA GLY A 219 -12.78 0.78 -49.74
C GLY A 219 -14.19 0.22 -49.72
N PHE A 220 -14.99 0.56 -48.72
CA PHE A 220 -16.35 0.05 -48.59
C PHE A 220 -17.34 1.20 -48.75
N SER A 221 -18.41 0.95 -49.51
CA SER A 221 -19.35 2.02 -49.84
C SER A 221 -20.07 2.54 -48.60
N ASN A 222 -20.65 1.64 -47.81
CA ASN A 222 -21.40 2.03 -46.63
C ASN A 222 -21.27 0.95 -45.58
N PHE A 223 -22.02 1.12 -44.49
CA PHE A 223 -21.92 0.18 -43.37
C PHE A 223 -22.51 -1.18 -43.73
N GLU A 224 -23.54 -1.22 -44.56
CA GLU A 224 -24.11 -2.51 -44.95
C GLU A 224 -23.08 -3.36 -45.68
N GLY A 225 -22.33 -2.76 -46.59
CA GLY A 225 -21.29 -3.51 -47.28
C GLY A 225 -20.22 -4.02 -46.33
N MET A 226 -19.82 -3.19 -45.36
CA MET A 226 -18.83 -3.62 -44.38
C MET A 226 -19.34 -4.80 -43.57
N ARG A 227 -20.59 -4.73 -43.12
CA ARG A 227 -21.16 -5.82 -42.34
C ARG A 227 -21.22 -7.10 -43.17
N SER A 228 -21.66 -6.99 -44.42
CA SER A 228 -21.73 -8.17 -45.28
C SER A 228 -20.34 -8.77 -45.48
N TYR A 229 -19.35 -7.91 -45.77
CA TYR A 229 -17.99 -8.40 -45.97
C TYR A 229 -17.47 -9.12 -44.75
N ILE A 230 -17.59 -8.49 -43.58
CA ILE A 230 -17.04 -9.08 -42.36
C ILE A 230 -17.76 -10.38 -42.02
N ASP A 231 -19.07 -10.45 -42.30
CA ASP A 231 -19.83 -11.64 -41.94
C ASP A 231 -19.58 -12.79 -42.91
N ASN A 232 -19.29 -12.50 -44.18
CA ASN A 232 -19.27 -13.54 -45.20
C ASN A 232 -17.85 -13.96 -45.57
N ILE A 233 -17.00 -13.03 -45.99
CA ILE A 233 -15.72 -13.39 -46.57
C ILE A 233 -14.82 -14.03 -45.52
N ASP A 234 -14.08 -15.05 -45.92
CA ASP A 234 -13.10 -15.68 -45.05
C ASP A 234 -11.71 -15.18 -45.42
N PRO A 235 -11.06 -14.37 -44.58
CA PRO A 235 -9.77 -13.76 -44.96
C PRO A 235 -8.57 -14.64 -44.62
N LYS A 236 -8.60 -15.90 -45.04
CA LYS A 236 -7.48 -16.79 -44.81
C LYS A 236 -6.28 -16.36 -45.64
N GLY A 237 -5.10 -16.38 -45.02
CA GLY A 237 -3.87 -16.04 -45.70
C GLY A 237 -3.60 -14.56 -45.82
N ALA A 238 -4.47 -13.70 -45.30
CA ALA A 238 -4.26 -12.26 -45.44
C ALA A 238 -2.96 -11.82 -44.78
N ILE A 239 -2.69 -12.32 -43.57
CA ILE A 239 -1.49 -11.91 -42.86
C ILE A 239 -0.25 -12.29 -43.65
N GLU A 240 -0.20 -13.54 -44.13
CA GLU A 240 0.98 -13.99 -44.86
C GLU A 240 1.16 -13.22 -46.17
N ARG A 241 0.06 -13.01 -46.90
CA ARG A 241 0.14 -12.24 -48.14
C ARG A 241 0.69 -10.84 -47.89
N ASN A 242 0.09 -10.13 -46.94
CA ASN A 242 0.51 -8.76 -46.67
C ASN A 242 1.95 -8.70 -46.19
N LEU A 243 2.35 -9.64 -45.34
CA LEU A 243 3.74 -9.68 -44.90
C LEU A 243 4.67 -9.92 -46.09
N ALA A 244 4.28 -10.81 -47.00
CA ALA A 244 5.11 -11.09 -48.16
C ALA A 244 5.28 -9.85 -49.03
N ARG A 245 4.20 -9.09 -49.22
CA ARG A 245 4.26 -7.91 -50.08
C ARG A 245 4.67 -6.64 -49.33
N MET A 246 4.98 -6.74 -48.04
CA MET A 246 5.49 -5.59 -47.29
C MET A 246 6.97 -5.41 -47.55
N SER A 247 7.41 -4.16 -47.53
CA SER A 247 8.80 -3.85 -47.85
C SER A 247 9.73 -4.46 -46.80
N PRO A 248 10.89 -4.97 -47.21
CA PRO A 248 11.86 -5.45 -46.20
C PRO A 248 12.38 -4.34 -45.30
N LEU A 249 12.28 -3.08 -45.71
CA LEU A 249 12.78 -1.98 -44.89
C LEU A 249 12.11 -1.94 -43.52
N VAL A 250 10.90 -2.49 -43.40
CA VAL A 250 10.20 -2.53 -42.12
C VAL A 250 10.71 -3.72 -41.33
N SER A 251 11.79 -3.50 -40.58
CA SER A 251 12.41 -4.55 -39.80
C SER A 251 12.80 -3.99 -38.44
N VAL A 252 12.89 -4.89 -37.45
CA VAL A 252 13.26 -4.46 -36.10
C VAL A 252 14.76 -4.25 -35.98
N THR A 253 15.55 -4.76 -36.91
CA THR A 253 17.00 -4.63 -36.90
C THR A 253 17.59 -5.21 -35.62
N PRO A 254 17.56 -6.53 -35.45
CA PRO A 254 18.17 -7.12 -34.25
C PRO A 254 19.67 -6.88 -34.23
N LYS A 255 20.22 -6.79 -33.03
CA LYS A 255 21.65 -6.58 -32.86
C LYS A 255 22.04 -7.11 -31.49
N LYS A 256 22.91 -8.12 -31.46
CA LYS A 256 23.35 -8.69 -30.20
C LYS A 256 24.18 -7.66 -29.43
N LEU A 257 23.87 -7.49 -28.16
CA LEU A 257 24.56 -6.50 -27.34
C LEU A 257 25.86 -7.05 -26.80
N THR A 258 26.85 -6.17 -26.66
CA THR A 258 28.16 -6.54 -26.15
C THR A 258 28.69 -5.40 -25.29
N TRP A 259 29.64 -5.73 -24.42
CA TRP A 259 30.20 -4.72 -23.53
C TRP A 259 30.78 -3.55 -24.30
N GLU A 260 31.21 -3.78 -25.53
CA GLU A 260 31.78 -2.70 -26.33
C GLU A 260 30.73 -1.65 -26.70
N ASP A 261 29.51 -2.10 -26.99
CA ASP A 261 28.47 -1.17 -27.41
C ASP A 261 28.12 -0.18 -26.31
N LEU A 262 28.31 -0.55 -25.05
CA LEU A 262 27.90 0.27 -23.92
C LEU A 262 28.93 1.38 -23.71
N ARG A 263 28.78 2.45 -24.49
CA ARG A 263 29.63 3.61 -24.34
C ARG A 263 29.16 4.49 -23.19
N PRO A 264 30.03 5.33 -22.64
CA PRO A 264 29.60 6.21 -21.55
C PRO A 264 28.46 7.11 -22.00
N ILE A 265 27.52 7.35 -21.10
CA ILE A 265 26.34 8.14 -21.40
C ILE A 265 26.62 9.60 -21.13
N GLY A 266 26.11 10.47 -22.00
CA GLY A 266 26.27 11.90 -21.84
C GLY A 266 27.73 12.30 -21.74
N PRO A 267 28.50 12.04 -22.79
CA PRO A 267 29.92 12.39 -22.75
C PRO A 267 30.17 13.88 -22.63
N HIS A 268 29.20 14.73 -22.98
CA HIS A 268 29.43 16.17 -22.94
C HIS A 268 29.77 16.65 -21.53
N ILE A 269 29.37 15.91 -20.50
CA ILE A 269 29.70 16.30 -19.14
C ILE A 269 31.20 16.29 -18.88
N TYR A 270 31.99 15.66 -19.76
CA TYR A 270 33.44 15.72 -19.67
C TYR A 270 34.02 16.91 -20.42
N ASN A 271 33.20 17.69 -21.12
CA ASN A 271 33.66 18.84 -21.86
C ASN A 271 33.84 20.02 -20.90
N HIS A 272 35.05 20.56 -20.83
CA HIS A 272 35.36 21.60 -19.86
C HIS A 272 34.85 22.96 -20.27
N GLU A 273 34.42 23.14 -21.53
CA GLU A 273 33.93 24.45 -21.95
C GLU A 273 32.64 24.82 -21.23
N LEU A 274 31.74 23.86 -21.06
CA LEU A 274 30.46 24.17 -20.41
C LEU A 274 30.70 24.51 -18.94
N PRO A 275 29.97 25.48 -18.39
CA PRO A 275 30.15 25.81 -16.98
C PRO A 275 29.79 24.63 -16.09
N GLU A 276 30.52 24.48 -14.99
CA GLU A 276 30.24 23.40 -14.06
C GLU A 276 28.90 23.65 -13.38
N VAL A 277 28.12 22.58 -13.23
CA VAL A 277 26.74 22.73 -12.74
C VAL A 277 26.77 23.41 -11.37
N PRO A 278 26.02 24.48 -11.17
CA PRO A 278 26.11 25.21 -9.90
C PRO A 278 25.16 24.67 -8.85
N TYR A 279 25.37 25.14 -7.62
CA TYR A 279 24.51 24.75 -6.52
C TYR A 279 23.12 25.34 -6.70
N ASN A 280 22.09 24.52 -6.52
CA ASN A 280 20.73 24.99 -6.71
C ASN A 280 19.75 24.45 -5.67
N ALA A 281 20.22 23.73 -4.66
CA ALA A 281 19.33 23.20 -3.64
C ALA A 281 18.69 24.34 -2.86
N PHE A 282 17.46 24.09 -2.37
CA PHE A 282 16.71 25.13 -1.70
C PHE A 282 17.42 25.61 -0.44
N LEU A 283 17.98 24.68 0.34
CA LEU A 283 18.69 25.01 1.56
C LEU A 283 20.05 24.35 1.56
N LEU A 284 21.01 25.00 2.20
CA LEU A 284 22.34 24.41 2.34
C LEU A 284 22.23 23.06 3.03
N MET A 285 23.00 22.08 2.53
CA MET A 285 22.89 20.71 2.99
C MET A 285 24.10 20.27 3.80
N SER A 286 25.31 20.39 3.26
CA SER A 286 26.51 20.01 3.99
C SER A 286 27.28 21.20 4.55
N ASP A 287 27.13 22.38 3.94
CA ASP A 287 27.79 23.58 4.43
C ASP A 287 27.01 24.29 5.52
N GLU A 288 25.87 23.75 5.93
CA GLU A 288 25.04 24.40 6.93
C GLU A 288 25.81 24.54 8.24
N LEU A 289 25.67 25.71 8.87
CA LEU A 289 26.26 25.99 10.18
C LEU A 289 25.13 26.38 11.11
N GLY A 290 24.79 25.49 12.05
CA GLY A 290 23.68 25.70 12.94
C GLY A 290 24.14 26.32 14.25
N LEU A 291 23.62 27.51 14.55
CA LEU A 291 23.84 28.12 15.85
C LEU A 291 23.03 27.34 16.88
N ALA A 292 23.71 26.75 17.85
CA ALA A 292 23.12 25.80 18.78
C ALA A 292 22.83 26.48 20.11
N ASN A 293 21.61 26.29 20.62
CA ASN A 293 21.23 26.79 21.93
C ASN A 293 20.73 25.62 22.78
N MET A 294 21.27 25.50 23.98
CA MET A 294 20.95 24.37 24.86
C MET A 294 19.61 24.60 25.53
N THR A 295 18.67 23.67 25.31
CA THR A 295 17.38 23.68 25.97
C THR A 295 17.10 22.30 26.52
N GLU A 296 16.12 22.20 27.41
CA GLU A 296 15.84 20.97 28.13
C GLU A 296 14.35 20.62 28.08
N GLY A 297 13.67 21.02 27.02
CA GLY A 297 12.22 20.91 27.03
C GLY A 297 11.49 21.81 26.05
N LYS A 298 10.60 22.64 26.58
CA LYS A 298 9.57 23.34 25.83
C LYS A 298 9.99 23.72 24.42
N SER A 299 9.15 23.38 23.44
CA SER A 299 9.36 23.77 22.05
C SER A 299 8.76 25.16 21.86
N LYS A 300 9.53 26.17 22.25
CA LYS A 300 9.05 27.55 22.25
C LYS A 300 8.77 28.01 20.83
N LYS A 301 8.25 29.23 20.69
CA LYS A 301 7.85 29.73 19.39
C LYS A 301 9.08 29.87 18.49
N PRO A 302 8.90 29.72 17.18
CA PRO A 302 10.06 29.92 16.29
C PRO A 302 10.68 31.29 16.43
N LYS A 303 9.87 32.34 16.56
CA LYS A 303 10.41 33.68 16.73
C LYS A 303 11.16 33.79 18.05
N THR A 304 10.57 33.28 19.13
CA THR A 304 11.25 33.32 20.43
C THR A 304 12.53 32.50 20.40
N LEU A 305 12.50 31.34 19.75
CA LEU A 305 13.70 30.52 19.68
C LEU A 305 14.81 31.23 18.91
N ALA A 306 14.46 31.84 17.77
CA ALA A 306 15.46 32.58 17.01
C ALA A 306 16.00 33.74 17.82
N LYS A 307 15.11 34.45 18.54
CA LYS A 307 15.55 35.57 19.37
C LYS A 307 16.56 35.09 20.40
N GLU A 308 16.27 33.99 21.09
CA GLU A 308 17.19 33.48 22.11
C GLU A 308 18.50 33.04 21.50
N CYS A 309 18.45 32.32 20.37
CA CYS A 309 19.68 31.84 19.75
C CYS A 309 20.56 32.99 19.32
N LEU A 310 19.97 34.04 18.73
CA LEU A 310 20.76 35.20 18.35
C LEU A 310 21.28 35.94 19.58
N GLU A 311 20.51 35.96 20.67
CA GLU A 311 21.00 36.56 21.91
C GLU A 311 22.26 35.85 22.39
N LYS A 312 22.26 34.53 22.34
CA LYS A 312 23.46 33.79 22.77
C LYS A 312 24.68 34.21 21.97
N TYR A 313 24.51 34.55 20.70
CA TYR A 313 25.60 34.92 19.81
C TYR A 313 25.50 36.38 19.39
N SER A 314 25.22 37.26 20.35
CA SER A 314 25.02 38.68 20.05
C SER A 314 26.12 39.24 19.16
N THR A 315 27.33 38.69 19.27
CA THR A 315 28.43 39.17 18.45
C THR A 315 28.10 39.05 16.97
N LEU A 316 27.66 37.87 16.54
CA LEU A 316 27.23 37.71 15.15
C LEU A 316 25.99 38.53 14.86
N ARG A 317 25.05 38.59 15.81
CA ARG A 317 23.81 39.30 15.58
C ARG A 317 24.06 40.80 15.40
N ASP A 318 24.98 41.35 16.18
CA ASP A 318 25.21 42.80 16.20
C ASP A 318 26.14 43.27 15.09
N GLN A 319 26.66 42.38 14.26
CA GLN A 319 27.52 42.81 13.17
C GLN A 319 26.77 43.74 12.22
N THR A 320 27.44 44.83 11.83
CA THR A 320 26.83 45.80 10.93
C THR A 320 27.78 46.33 9.87
N ASP A 321 29.01 45.83 9.79
CA ASP A 321 29.98 46.26 8.76
C ASP A 321 30.54 45.01 8.07
N PRO A 322 29.72 44.36 7.26
CA PRO A 322 30.15 43.10 6.66
C PRO A 322 31.18 43.31 5.57
N ILE A 323 31.86 42.22 5.22
CA ILE A 323 32.80 42.19 4.11
C ILE A 323 32.14 41.39 3.00
N LEU A 324 31.84 42.04 1.89
CA LEU A 324 31.20 41.38 0.76
C LEU A 324 32.22 40.46 0.08
N ILE A 325 31.98 39.15 0.16
CA ILE A 325 32.92 38.19 -0.40
C ILE A 325 32.53 37.79 -1.81
N MET A 326 31.25 37.47 -2.03
CA MET A 326 30.77 37.09 -3.35
C MET A 326 29.46 37.80 -3.65
N LYS A 327 29.34 38.28 -4.89
CA LYS A 327 28.11 38.92 -5.36
C LYS A 327 27.61 38.17 -6.60
N SER A 328 26.33 37.82 -6.59
CA SER A 328 25.73 37.16 -7.74
C SER A 328 25.55 38.17 -8.87
N GLU A 329 25.42 37.64 -10.09
CA GLU A 329 25.41 38.50 -11.27
C GLU A 329 24.35 39.59 -11.16
N LYS A 330 23.13 39.21 -10.79
CA LYS A 330 21.99 40.12 -10.75
C LYS A 330 21.46 40.28 -9.33
N ALA A 331 22.36 40.43 -8.37
CA ALA A 331 22.00 40.63 -6.97
C ALA A 331 22.45 42.00 -6.49
N ASN A 332 21.57 42.67 -5.75
CA ASN A 332 21.86 43.99 -5.18
C ASN A 332 22.36 43.79 -3.76
N GLU A 333 23.67 43.94 -3.56
CA GLU A 333 24.26 43.63 -2.26
C GLU A 333 23.69 44.52 -1.16
N ASN A 334 23.54 45.81 -1.43
CA ASN A 334 23.02 46.71 -0.39
C ASN A 334 21.62 46.30 0.01
N PHE A 335 20.76 45.98 -0.96
CA PHE A 335 19.40 45.60 -0.64
C PHE A 335 19.37 44.30 0.15
N LEU A 336 20.20 43.32 -0.22
CA LEU A 336 20.24 42.08 0.53
C LEU A 336 20.69 42.31 1.96
N TRP A 337 21.71 43.13 2.15
CA TRP A 337 22.17 43.40 3.51
C TRP A 337 21.12 44.13 4.33
N LYS A 338 20.44 45.10 3.72
CA LYS A 338 19.37 45.80 4.44
C LYS A 338 18.26 44.83 4.82
N LEU A 339 17.90 43.92 3.91
CA LEU A 339 16.88 42.95 4.23
C LEU A 339 17.32 42.04 5.37
N TRP A 340 18.59 41.63 5.37
CA TRP A 340 19.09 40.79 6.46
C TRP A 340 19.04 41.53 7.79
N ARG A 341 19.45 42.80 7.79
CA ARG A 341 19.40 43.58 9.02
C ARG A 341 17.96 43.75 9.50
N ASP A 342 17.04 43.98 8.57
CA ASP A 342 15.63 44.07 8.93
C ASP A 342 15.14 42.76 9.54
N CYS A 343 15.53 41.63 8.96
CA CYS A 343 15.14 40.34 9.50
C CYS A 343 15.66 40.18 10.93
N VAL A 344 16.94 40.47 11.14
CA VAL A 344 17.53 40.29 12.47
C VAL A 344 16.84 41.20 13.47
N ASN A 345 16.61 42.46 13.10
CA ASN A 345 15.98 43.39 14.03
C ASN A 345 14.56 42.95 14.36
N THR A 346 13.79 42.52 13.36
CA THR A 346 12.42 42.11 13.61
C THR A 346 12.38 40.87 14.49
N ILE A 347 13.28 39.91 14.25
CA ILE A 347 13.27 38.70 15.05
C ILE A 347 13.76 38.98 16.46
N SER A 348 14.58 40.02 16.63
CA SER A 348 15.13 40.37 17.94
C SER A 348 14.30 41.39 18.70
N ASN A 349 13.20 41.86 18.13
CA ASN A 349 12.38 42.84 18.81
C ASN A 349 11.45 42.15 19.81
N GLU A 350 10.77 42.97 20.62
CA GLU A 350 9.86 42.46 21.63
C GLU A 350 8.48 42.11 21.06
N GLU A 351 8.16 42.58 19.86
CA GLU A 351 6.86 42.32 19.27
C GLU A 351 6.74 40.85 18.87
N MET A 352 5.57 40.26 19.15
CA MET A 352 5.34 38.87 18.76
C MET A 352 5.30 38.73 17.24
N SER A 353 4.72 39.71 16.54
CA SER A 353 4.59 39.62 15.10
C SER A 353 5.97 39.62 14.45
N ASN A 354 6.09 38.86 13.37
CA ASN A 354 7.32 38.74 12.60
C ASN A 354 7.10 39.24 11.17
N GLU A 355 6.40 40.37 11.04
CA GLU A 355 6.10 40.96 9.74
C GLU A 355 7.11 42.05 9.40
N LEU A 356 7.48 42.12 8.13
CA LEU A 356 8.42 43.13 7.64
C LEU A 356 7.66 44.14 6.79
N GLN A 357 7.91 45.42 7.03
CA GLN A 357 7.27 46.46 6.24
C GLN A 357 7.69 46.36 4.79
N LYS A 358 6.73 46.55 3.89
CA LYS A 358 6.97 46.43 2.45
C LYS A 358 7.74 47.66 1.98
N THR A 359 9.07 47.57 2.10
CA THR A 359 9.95 48.69 1.78
C THR A 359 10.59 48.45 0.41
N ASN A 360 11.48 49.37 0.01
CA ASN A 360 12.04 49.30 -1.34
C ASN A 360 12.90 48.06 -1.53
N TYR A 361 13.84 47.82 -0.62
CA TYR A 361 14.70 46.65 -0.77
C TYR A 361 13.90 45.37 -0.58
N ALA A 362 12.94 45.37 0.35
CA ALA A 362 12.06 44.22 0.48
C ALA A 362 11.26 44.01 -0.80
N LYS A 363 10.77 45.10 -1.40
CA LYS A 363 10.01 44.97 -2.63
C LYS A 363 10.87 44.39 -3.74
N TRP A 364 12.14 44.80 -3.82
CA TRP A 364 13.02 44.26 -4.86
C TRP A 364 13.33 42.79 -4.62
N ALA A 365 13.67 42.43 -3.38
CA ALA A 365 14.06 41.05 -3.10
C ALA A 365 12.90 40.10 -3.34
N THR A 366 11.68 40.50 -2.94
CA THR A 366 10.49 39.73 -3.21
C THR A 366 9.99 39.90 -4.65
N GLY A 367 10.57 40.82 -5.40
CA GLY A 367 10.12 41.05 -6.77
C GLY A 367 8.73 41.60 -6.86
N ASP A 368 8.39 42.56 -6.00
CA ASP A 368 7.05 43.13 -6.01
C ASP A 368 6.78 43.81 -7.35
N GLY A 369 5.57 43.62 -7.86
CA GLY A 369 5.13 44.29 -9.06
C GLY A 369 5.96 43.99 -10.29
N LEU A 370 6.23 42.71 -10.54
CA LEU A 370 6.96 42.31 -11.73
C LEU A 370 6.10 41.62 -12.78
N THR A 371 4.97 41.05 -12.40
CA THR A 371 4.14 40.31 -13.36
C THR A 371 3.63 41.26 -14.43
N TYR A 372 3.55 40.74 -15.66
CA TYR A 372 3.09 41.55 -16.78
C TYR A 372 1.59 41.79 -16.67
N GLN A 373 1.18 43.00 -17.01
CA GLN A 373 -0.25 43.32 -16.99
C GLN A 373 -0.98 42.58 -18.11
N LYS A 374 -2.24 42.24 -17.85
CA LYS A 374 -3.08 41.55 -18.81
C LYS A 374 -3.98 42.57 -19.51
N ILE A 375 -4.13 42.43 -20.82
CA ILE A 375 -4.95 43.32 -21.62
C ILE A 375 -5.90 42.46 -22.47
N MET A 376 -6.85 43.14 -23.10
CA MET A 376 -7.82 42.45 -23.94
C MET A 376 -7.14 41.79 -25.12
N LYS A 377 -7.75 40.71 -25.61
CA LYS A 377 -7.17 39.99 -26.74
C LYS A 377 -7.13 40.85 -28.00
N GLU A 378 -8.16 41.68 -28.20
CA GLU A 378 -8.21 42.51 -29.40
C GLU A 378 -7.03 43.47 -29.45
N VAL A 379 -6.70 44.09 -28.32
CA VAL A 379 -5.58 45.03 -28.30
C VAL A 379 -4.29 44.33 -28.67
N ALA A 380 -4.05 43.15 -28.11
CA ALA A 380 -2.83 42.40 -28.45
C ALA A 380 -2.83 42.02 -29.92
N ILE A 381 -3.98 41.59 -30.45
CA ILE A 381 -4.06 41.20 -31.85
C ILE A 381 -3.71 42.37 -32.75
N ASP A 382 -4.25 43.55 -32.44
CA ASP A 382 -3.94 44.74 -33.24
C ASP A 382 -2.45 45.05 -33.19
N ASP A 383 -1.85 44.95 -32.01
CA ASP A 383 -0.44 45.30 -31.86
C ASP A 383 0.42 44.34 -32.67
N GLU A 384 1.57 44.85 -33.12
CA GLU A 384 2.53 44.06 -33.88
C GLU A 384 3.73 43.63 -33.06
N THR A 385 4.19 44.46 -32.13
CA THR A 385 5.37 44.12 -31.34
C THR A 385 5.11 43.01 -30.32
N MET A 386 3.86 42.62 -30.11
CA MET A 386 3.55 41.55 -29.16
C MET A 386 3.69 40.20 -29.86
N CYS A 387 4.68 39.41 -29.42
CA CYS A 387 4.93 38.11 -30.01
C CYS A 387 5.17 37.10 -28.89
N GLN A 388 4.86 35.84 -29.18
CA GLN A 388 5.03 34.76 -28.22
C GLN A 388 6.52 34.56 -27.96
N GLU A 389 6.92 34.71 -26.69
CA GLU A 389 8.33 34.60 -26.34
C GLU A 389 8.86 33.21 -26.63
N GLU A 390 10.10 33.14 -27.11
CA GLU A 390 10.75 31.85 -27.27
C GLU A 390 10.95 31.21 -25.90
N PRO A 391 10.58 29.94 -25.71
CA PRO A 391 10.73 29.33 -24.39
C PRO A 391 12.19 29.20 -24.00
N LYS A 392 12.44 29.31 -22.70
CA LYS A 392 13.78 29.15 -22.17
C LYS A 392 14.12 27.67 -22.05
N ILE A 393 15.29 27.29 -22.52
CA ILE A 393 15.72 25.89 -22.50
C ILE A 393 16.75 25.72 -21.40
N PRO A 394 16.71 24.63 -20.64
CA PRO A 394 17.74 24.45 -19.60
C PRO A 394 19.14 24.43 -20.22
N ASN A 395 20.07 25.07 -19.52
CA ASN A 395 21.44 25.14 -19.99
C ASN A 395 22.13 23.79 -19.80
N LYS A 396 23.15 23.55 -20.62
CA LYS A 396 23.98 22.36 -20.50
C LYS A 396 25.13 22.66 -19.55
N CYS A 397 25.39 21.73 -18.63
CA CYS A 397 26.44 21.89 -17.63
C CYS A 397 27.26 20.61 -17.54
N ARG A 398 28.45 20.73 -16.96
CA ARG A 398 29.37 19.61 -16.82
C ARG A 398 29.46 19.16 -15.36
N VAL A 399 30.21 18.09 -15.13
CA VAL A 399 30.31 17.53 -13.80
C VAL A 399 30.90 18.56 -12.84
N ALA A 400 30.47 18.50 -11.59
CA ALA A 400 30.98 19.35 -10.53
C ALA A 400 31.32 18.50 -9.32
N ALA A 401 32.44 18.81 -8.67
CA ALA A 401 32.88 18.02 -7.54
C ALA A 401 32.07 18.28 -6.27
N TRP A 402 31.39 19.43 -6.19
CA TRP A 402 30.64 19.73 -4.98
C TRP A 402 29.54 18.71 -4.74
N VAL A 403 28.96 18.14 -5.80
CA VAL A 403 27.96 17.10 -5.61
C VAL A 403 28.58 15.87 -4.97
N GLN A 404 29.76 15.48 -5.43
CA GLN A 404 30.45 14.35 -4.82
C GLN A 404 30.75 14.64 -3.35
N THR A 405 31.18 15.87 -3.04
CA THR A 405 31.44 16.22 -1.65
C THR A 405 30.16 16.15 -0.83
N GLU A 406 29.05 16.62 -1.39
CA GLU A 406 27.77 16.52 -0.69
C GLU A 406 27.42 15.08 -0.38
N MET A 407 27.54 14.21 -1.38
CA MET A 407 27.24 12.80 -1.17
C MET A 407 28.14 12.20 -0.09
N ASN A 408 29.43 12.51 -0.14
CA ASN A 408 30.35 11.94 0.84
C ASN A 408 30.04 12.44 2.24
N LEU A 409 29.79 13.74 2.39
CA LEU A 409 29.64 14.31 3.73
C LEU A 409 28.30 13.93 4.35
N LEU A 410 27.22 13.98 3.58
CA LEU A 410 25.90 13.76 4.16
C LEU A 410 25.67 12.31 4.54
N SER A 411 26.49 11.38 4.03
CA SER A 411 26.40 9.97 4.39
C SER A 411 27.26 9.61 5.59
N THR A 412 28.03 10.57 6.12
CA THR A 412 28.90 10.30 7.25
C THR A 412 28.14 10.48 8.56
N LEU A 413 28.45 9.62 9.53
CA LEU A 413 27.78 9.68 10.81
C LEU A 413 28.15 10.96 11.56
N THR A 414 27.19 11.47 12.32
CA THR A 414 27.38 12.66 13.14
C THR A 414 26.86 12.39 14.55
N SER A 415 27.39 13.14 15.50
CA SER A 415 27.02 12.98 16.91
C SER A 415 25.76 13.74 17.26
N LYS A 416 24.68 13.50 16.50
CA LYS A 416 23.41 14.18 16.72
C LYS A 416 22.27 13.24 16.36
N ARG A 417 21.07 13.62 16.75
CA ARG A 417 19.86 12.87 16.39
C ARG A 417 18.76 13.88 16.10
N ALA A 418 18.22 13.84 14.88
CA ALA A 418 17.15 14.75 14.50
C ALA A 418 15.79 14.08 14.53
N LEU A 419 15.72 12.79 14.24
CA LEU A 419 14.45 12.07 14.29
C LEU A 419 13.96 11.95 15.71
N ASP A 420 12.65 12.15 15.90
CA ASP A 420 12.00 11.97 17.18
C ASP A 420 10.68 11.22 16.98
N LEU A 421 10.76 10.10 16.28
CA LEU A 421 9.56 9.38 15.89
C LEU A 421 8.77 8.96 17.12
N PRO A 422 7.43 8.92 17.04
CA PRO A 422 6.63 8.57 18.22
C PRO A 422 6.66 7.09 18.55
N GLU A 423 5.88 6.68 19.53
CA GLU A 423 5.88 5.30 20.00
C GLU A 423 4.76 4.51 19.33
N ILE A 424 4.83 3.19 19.48
CA ILE A 424 3.80 2.27 19.01
C ILE A 424 3.51 1.26 20.11
N GLY A 425 2.44 0.51 19.94
CA GLY A 425 2.02 -0.47 20.91
C GLY A 425 3.02 -1.60 21.05
N PRO A 426 3.06 -2.23 22.22
CA PRO A 426 4.00 -3.34 22.42
C PRO A 426 3.78 -4.44 21.39
N ASP A 427 4.88 -5.04 20.96
CA ASP A 427 4.82 -6.13 19.98
C ASP A 427 4.36 -7.42 20.65
N VAL A 428 3.55 -8.19 19.94
CA VAL A 428 3.04 -9.45 20.47
C VAL A 428 3.40 -10.59 19.52
N ALA A 429 2.88 -10.54 18.29
CA ALA A 429 3.08 -11.63 17.37
C ALA A 429 4.50 -11.61 16.79
N PRO A 430 4.95 -12.72 16.22
CA PRO A 430 6.31 -12.74 15.65
C PRO A 430 6.53 -11.70 14.57
N VAL A 431 5.51 -11.41 13.75
CA VAL A 431 5.70 -10.47 12.65
C VAL A 431 6.06 -9.09 13.18
N GLU A 432 5.34 -8.61 14.20
CA GLU A 432 5.69 -7.32 14.76
C GLU A 432 7.01 -7.38 15.50
N HIS A 433 7.40 -8.55 16.02
CA HIS A 433 8.71 -8.67 16.63
C HIS A 433 9.82 -8.46 15.61
N VAL A 434 9.70 -9.10 14.45
CA VAL A 434 10.72 -8.93 13.42
C VAL A 434 10.68 -7.50 12.87
N GLY A 435 9.48 -6.93 12.75
CA GLY A 435 9.39 -5.55 12.32
C GLY A 435 10.09 -4.60 13.29
N SER A 436 9.88 -4.81 14.59
CA SER A 436 10.55 -3.99 15.59
C SER A 436 12.06 -4.16 15.53
N GLU A 437 12.53 -5.40 15.33
CA GLU A 437 13.96 -5.62 15.19
C GLU A 437 14.52 -4.84 14.01
N ARG A 438 13.85 -4.94 12.85
CA ARG A 438 14.33 -4.25 11.66
C ARG A 438 14.34 -2.75 11.86
N ARG A 439 13.27 -2.20 12.43
CA ARG A 439 13.23 -0.77 12.69
C ARG A 439 14.32 -0.36 13.67
N LYS A 440 14.53 -1.17 14.71
CA LYS A 440 15.58 -0.87 15.68
C LYS A 440 16.91 -0.71 14.97
N TYR A 441 17.28 -1.69 14.13
CA TYR A 441 18.56 -1.62 13.46
C TYR A 441 18.62 -0.44 12.49
N PHE A 442 17.58 -0.28 11.67
CA PHE A 442 17.61 0.75 10.64
C PHE A 442 17.66 2.15 11.26
N VAL A 443 16.90 2.37 12.33
CA VAL A 443 16.95 3.68 12.99
C VAL A 443 18.28 3.87 13.70
N ASN A 444 18.77 2.82 14.38
CA ASN A 444 20.07 2.94 15.04
C ASN A 444 21.14 3.36 14.04
N GLU A 445 21.00 2.97 12.78
CA GLU A 445 21.99 3.37 11.79
C GLU A 445 21.70 4.77 11.23
N ILE A 446 20.44 5.03 10.85
CA ILE A 446 20.12 6.27 10.14
C ILE A 446 20.21 7.48 11.07
N ASN A 447 19.71 7.33 12.30
CA ASN A 447 19.47 8.51 13.14
C ASN A 447 20.75 9.32 13.35
N TYR A 448 21.91 8.69 13.26
CA TYR A 448 23.19 9.35 13.54
C TYR A 448 23.88 9.83 12.27
N CYS A 449 23.11 10.18 11.24
CA CYS A 449 23.66 10.61 9.97
C CYS A 449 23.26 12.05 9.68
N LYS A 450 24.14 12.76 8.97
CA LYS A 450 23.87 14.15 8.64
C LYS A 450 22.64 14.28 7.75
N ALA A 451 22.42 13.31 6.87
CA ALA A 451 21.30 13.39 5.95
C ALA A 451 19.98 13.50 6.69
N SER A 452 19.85 12.78 7.80
CA SER A 452 18.62 12.84 8.58
C SER A 452 18.38 14.25 9.12
N THR A 453 19.43 14.88 9.65
CA THR A 453 19.27 16.25 10.15
C THR A 453 18.90 17.21 9.03
N VAL A 454 19.53 17.04 7.85
CA VAL A 454 19.21 17.92 6.73
C VAL A 454 17.75 17.74 6.34
N MET A 455 17.28 16.50 6.30
CA MET A 455 15.89 16.24 5.93
C MET A 455 14.93 16.83 6.96
N MET A 456 15.27 16.72 8.25
CA MET A 456 14.43 17.32 9.28
C MET A 456 14.36 18.84 9.11
N LYS A 457 15.50 19.48 8.84
CA LYS A 457 15.50 20.91 8.59
C LYS A 457 14.59 21.24 7.41
N TYR A 458 14.73 20.49 6.32
CA TYR A 458 13.92 20.73 5.14
C TYR A 458 12.43 20.62 5.45
N VAL A 459 12.03 19.54 6.11
CA VAL A 459 10.60 19.32 6.35
C VAL A 459 10.05 20.38 7.29
N LEU A 460 10.77 20.70 8.37
CA LEU A 460 10.27 21.71 9.29
C LEU A 460 10.15 23.06 8.61
N PHE A 461 11.17 23.45 7.83
CA PHE A 461 11.11 24.73 7.15
C PHE A 461 9.96 24.77 6.15
N HIS A 462 9.75 23.69 5.41
CA HIS A 462 8.68 23.67 4.43
C HIS A 462 7.32 23.73 5.12
N THR A 463 7.16 23.05 6.25
CA THR A 463 5.92 23.15 7.00
C THR A 463 5.65 24.58 7.41
N SER A 464 6.66 25.23 8.00
CA SER A 464 6.47 26.61 8.43
C SER A 464 6.17 27.52 7.25
N LEU A 465 6.88 27.31 6.13
CA LEU A 465 6.67 28.14 4.95
C LEU A 465 5.26 27.99 4.40
N LEU A 466 4.76 26.75 4.31
CA LEU A 466 3.41 26.55 3.82
C LEU A 466 2.40 27.19 4.75
N ASN A 467 2.58 27.03 6.06
CA ASN A 467 1.65 27.65 7.00
C ASN A 467 1.63 29.15 6.83
N GLU A 468 2.81 29.77 6.75
CA GLU A 468 2.88 31.22 6.63
C GLU A 468 2.29 31.70 5.30
N SER A 469 2.59 31.02 4.21
CA SER A 469 2.08 31.44 2.91
C SER A 469 0.57 31.33 2.87
N ASN A 470 0.01 30.27 3.44
CA ASN A 470 -1.44 30.11 3.41
C ASN A 470 -2.15 31.06 4.36
N ALA A 471 -1.54 31.39 5.50
CA ALA A 471 -2.21 32.20 6.51
C ALA A 471 -1.87 33.68 6.43
N SER A 472 -0.76 34.04 5.79
CA SER A 472 -0.30 35.43 5.70
C SER A 472 -0.04 35.80 4.25
N MET A 473 -1.03 35.54 3.39
CA MET A 473 -0.85 35.69 1.96
C MET A 473 -0.31 37.07 1.60
N GLY A 474 -0.88 38.13 2.18
CA GLY A 474 -0.57 39.48 1.79
C GLY A 474 0.47 40.19 2.64
N LYS A 475 1.24 39.47 3.45
CA LYS A 475 2.21 40.08 4.36
C LYS A 475 3.59 39.50 4.13
N TYR A 476 4.60 40.35 4.19
CA TYR A 476 5.98 39.88 4.20
C TYR A 476 6.32 39.36 5.58
N LYS A 477 6.86 38.14 5.64
CA LYS A 477 7.15 37.49 6.91
C LYS A 477 8.58 36.96 6.91
N VAL A 478 9.20 36.99 8.07
CA VAL A 478 10.54 36.43 8.27
C VAL A 478 10.38 35.10 8.98
N ILE A 479 10.86 34.03 8.34
CA ILE A 479 10.63 32.67 8.83
C ILE A 479 11.96 32.03 9.20
N PRO A 480 12.31 31.94 10.48
CA PRO A 480 13.61 31.38 10.85
C PRO A 480 13.73 29.93 10.39
N ILE A 481 14.92 29.56 9.96
CA ILE A 481 15.24 28.18 9.61
C ILE A 481 15.72 27.50 10.89
N THR A 482 14.88 26.64 11.45
CA THR A 482 15.10 26.10 12.78
C THR A 482 15.01 24.57 12.75
N ASN A 483 15.65 23.96 13.74
CA ASN A 483 15.62 22.52 13.90
C ASN A 483 15.78 22.19 15.39
N ARG A 484 15.33 21.00 15.76
CA ARG A 484 15.50 20.48 17.11
C ARG A 484 16.35 19.22 17.04
N VAL A 485 17.43 19.19 17.82
CA VAL A 485 18.40 18.11 17.74
C VAL A 485 18.67 17.60 19.15
N VAL A 486 19.06 16.33 19.25
CA VAL A 486 19.44 15.72 20.51
C VAL A 486 20.72 14.93 20.30
N ASN A 487 21.72 15.17 21.13
CA ASN A 487 22.99 14.48 21.01
C ASN A 487 22.92 13.14 21.72
N GLU A 488 23.98 12.35 21.58
CA GLU A 488 24.00 11.00 22.14
C GLU A 488 23.85 11.00 23.65
N LYS A 489 24.20 12.11 24.30
CA LYS A 489 24.20 12.19 25.75
C LYS A 489 22.87 12.68 26.33
N GLY A 490 21.86 12.88 25.49
CA GLY A 490 20.54 13.26 25.95
C GLY A 490 20.29 14.75 26.02
N GLU A 491 21.31 15.58 25.83
CA GLU A 491 21.08 17.01 25.81
C GLU A 491 20.29 17.41 24.57
N SER A 492 19.40 18.38 24.74
CA SER A 492 18.57 18.88 23.65
C SER A 492 19.06 20.26 23.22
N PHE A 493 19.22 20.44 21.92
CA PHE A 493 19.63 21.71 21.35
C PHE A 493 18.59 22.17 20.33
N ASP A 494 18.46 23.49 20.23
CA ASP A 494 17.73 24.12 19.14
C ASP A 494 18.75 24.77 18.22
N MET A 495 18.69 24.40 16.94
CA MET A 495 19.62 24.86 15.93
C MET A 495 18.95 25.91 15.06
N LEU A 496 19.58 27.08 14.95
CA LEU A 496 19.15 28.13 14.03
C LEU A 496 20.15 28.18 12.89
N TYR A 497 19.71 27.78 11.70
CA TYR A 497 20.60 27.79 10.53
C TYR A 497 20.53 29.07 9.74
N GLY A 498 19.41 29.80 9.80
CA GLY A 498 19.29 31.02 9.04
C GLY A 498 17.86 31.56 9.11
N LEU A 499 17.62 32.57 8.30
CA LEU A 499 16.34 33.26 8.27
C LEU A 499 15.84 33.36 6.83
N ALA A 500 14.52 33.29 6.68
CA ALA A 500 13.88 33.32 5.37
C ALA A 500 12.83 34.42 5.34
N VAL A 501 12.87 35.23 4.30
CA VAL A 501 11.85 36.25 4.04
C VAL A 501 10.86 35.67 3.06
N LYS A 502 9.58 35.70 3.42
CA LYS A 502 8.50 35.19 2.58
C LYS A 502 7.84 36.39 1.90
N GLY A 503 7.76 36.35 0.58
CA GLY A 503 7.12 37.39 -0.19
C GLY A 503 5.62 37.19 -0.27
N GLN A 504 4.99 37.98 -1.13
CA GLN A 504 3.57 37.82 -1.39
C GLN A 504 3.29 36.40 -1.88
N SER A 505 2.27 35.78 -1.31
CA SER A 505 1.96 34.38 -1.59
C SER A 505 0.49 34.23 -1.96
N HIS A 506 0.00 35.11 -2.85
CA HIS A 506 -1.35 34.99 -3.41
C HIS A 506 -1.35 33.83 -4.41
N LEU A 507 -1.14 32.64 -3.87
CA LEU A 507 -1.03 31.42 -4.68
C LEU A 507 -2.43 30.91 -4.99
N ARG A 508 -2.85 31.10 -6.24
CA ARG A 508 -4.14 30.57 -6.68
C ARG A 508 -3.97 29.21 -7.34
N GLY A 509 -3.17 29.15 -8.39
CA GLY A 509 -2.88 27.87 -9.01
C GLY A 509 -1.90 27.05 -8.21
N ASP A 510 -1.85 25.76 -8.51
CA ASP A 510 -0.90 24.88 -7.83
C ASP A 510 0.53 25.30 -8.10
N THR A 511 0.82 25.83 -9.28
CA THR A 511 2.18 26.16 -9.69
C THR A 511 2.55 27.62 -9.43
N ASP A 512 1.66 28.39 -8.79
CA ASP A 512 1.98 29.78 -8.49
C ASP A 512 3.24 29.84 -7.64
N VAL A 513 4.11 30.79 -7.95
CA VAL A 513 5.44 30.87 -7.35
C VAL A 513 5.46 31.97 -6.30
N VAL A 514 5.95 31.64 -5.11
CA VAL A 514 6.22 32.60 -4.05
C VAL A 514 7.73 32.64 -3.84
N THR A 515 8.28 33.84 -3.81
CA THR A 515 9.72 34.04 -3.67
C THR A 515 10.10 34.05 -2.20
N VAL A 516 11.21 33.40 -1.89
CA VAL A 516 11.73 33.30 -0.52
C VAL A 516 13.20 33.72 -0.55
N VAL A 517 13.57 34.63 0.32
CA VAL A 517 14.95 35.10 0.41
C VAL A 517 15.60 34.40 1.60
N THR A 518 16.61 33.57 1.32
CA THR A 518 17.25 32.75 2.34
C THR A 518 18.60 33.33 2.70
N PHE A 519 18.81 33.59 3.99
CA PHE A 519 20.11 34.00 4.54
C PHE A 519 20.51 32.90 5.51
N GLU A 520 21.47 32.07 5.11
CA GLU A 520 21.82 30.87 5.85
C GLU A 520 23.27 30.95 6.31
N PHE A 521 23.50 30.66 7.58
CA PHE A 521 24.86 30.66 8.11
C PHE A 521 25.64 29.48 7.54
N SER A 522 26.96 29.69 7.40
CA SER A 522 27.82 28.62 6.90
C SER A 522 29.24 28.89 7.32
N SER A 523 30.07 27.85 7.25
CA SER A 523 31.48 27.94 7.58
C SER A 523 32.39 27.78 6.37
N THR A 524 31.84 27.44 5.21
CA THR A 524 32.64 27.23 4.02
C THR A 524 32.90 28.56 3.33
N ASP A 525 34.16 28.84 3.03
CA ASP A 525 34.51 30.02 2.26
C ASP A 525 34.13 29.78 0.80
N PRO A 526 33.25 30.59 0.21
CA PRO A 526 32.85 30.31 -1.18
C PRO A 526 34.01 30.33 -2.15
N ARG A 527 35.05 31.14 -1.88
CA ARG A 527 36.16 31.24 -2.81
C ARG A 527 36.90 29.93 -2.97
N VAL A 528 36.71 28.98 -2.07
CA VAL A 528 37.35 27.67 -2.22
C VAL A 528 36.87 27.01 -3.50
N ASP A 529 35.56 27.05 -3.75
CA ASP A 529 34.96 26.49 -4.97
C ASP A 529 34.06 27.56 -5.57
N SER A 530 34.65 28.44 -6.39
CA SER A 530 33.90 29.56 -6.93
C SER A 530 32.74 29.09 -7.79
N GLY A 531 32.96 28.07 -8.61
CA GLY A 531 31.92 27.59 -9.51
C GLY A 531 30.68 27.10 -8.80
N LYS A 532 30.80 26.73 -7.52
CA LYS A 532 29.66 26.24 -6.77
C LYS A 532 28.70 27.33 -6.34
N TRP A 533 29.14 28.60 -6.33
CA TRP A 533 28.35 29.69 -5.79
C TRP A 533 28.25 30.83 -6.80
N PRO A 534 27.59 30.61 -7.94
CA PRO A 534 27.25 31.74 -8.80
C PRO A 534 25.89 32.31 -8.45
N LYS A 535 25.08 31.54 -7.72
CA LYS A 535 23.74 31.95 -7.34
C LYS A 535 23.67 32.62 -5.99
N TYR A 536 24.75 32.60 -5.21
CA TYR A 536 24.72 32.98 -3.81
C TYR A 536 25.51 34.24 -3.58
N THR A 537 24.89 35.22 -2.91
CA THR A 537 25.57 36.41 -2.43
C THR A 537 26.04 36.15 -1.01
N VAL A 538 27.36 36.20 -0.80
CA VAL A 538 27.97 35.76 0.44
C VAL A 538 28.72 36.93 1.06
N PHE A 539 28.35 37.25 2.30
CA PHE A 539 29.09 38.17 3.16
C PHE A 539 29.80 37.37 4.25
N ARG A 540 30.78 38.00 4.88
CA ARG A 540 31.50 37.42 6.01
C ARG A 540 31.02 38.11 7.27
N ILE A 541 30.14 37.45 8.02
CA ILE A 541 29.49 38.10 9.15
C ILE A 541 30.27 37.97 10.46
N GLY A 542 31.17 37.00 10.57
CA GLY A 542 31.95 36.96 11.80
C GLY A 542 32.87 35.78 11.96
N SER A 543 33.15 35.41 13.22
CA SER A 543 34.02 34.29 13.52
C SER A 543 33.54 33.62 14.79
N LEU A 544 33.85 32.34 14.93
CA LEU A 544 33.45 31.56 16.09
C LEU A 544 34.61 30.69 16.55
N PHE A 545 34.63 30.41 17.84
CA PHE A 545 35.61 29.51 18.45
C PHE A 545 34.98 28.13 18.60
N VAL A 546 35.56 27.13 17.93
CA VAL A 546 34.97 25.81 17.88
C VAL A 546 35.95 24.76 18.41
N SER A 547 37.07 24.59 17.73
CA SER A 547 38.03 23.52 18.01
C SER A 547 39.43 24.09 18.14
N GLY A 548 39.56 25.15 18.94
CA GLY A 548 40.84 25.81 19.09
C GLY A 548 41.20 26.76 17.96
N ARG A 549 40.29 26.96 17.01
CA ARG A 549 40.54 27.82 15.86
C ARG A 549 39.37 28.78 15.69
N GLU A 550 39.68 30.00 15.24
CA GLU A 550 38.67 31.01 14.97
C GLU A 550 38.17 30.79 13.55
N LYS A 551 37.14 29.97 13.41
CA LYS A 551 36.58 29.65 12.11
C LYS A 551 35.65 30.77 11.66
N SER A 552 35.84 31.23 10.42
CA SER A 552 35.00 32.28 9.89
C SER A 552 33.57 31.77 9.70
N VAL A 553 32.62 32.68 9.84
CA VAL A 553 31.20 32.39 9.67
C VAL A 553 30.66 33.38 8.64
N TYR A 554 30.19 32.84 7.52
CA TYR A 554 29.64 33.63 6.43
C TYR A 554 28.13 33.46 6.38
N LEU A 555 27.47 34.40 5.72
CA LEU A 555 26.03 34.40 5.52
C LEU A 555 25.76 34.28 4.03
N TYR A 556 25.31 33.11 3.60
CA TYR A 556 24.95 32.88 2.20
C TYR A 556 23.55 33.43 1.96
N CYS A 557 23.46 34.45 1.12
CA CYS A 557 22.20 35.12 0.82
C CYS A 557 21.79 34.77 -0.61
N ARG A 558 20.55 34.32 -0.77
CA ARG A 558 20.06 33.93 -2.08
C ARG A 558 18.58 34.22 -2.18
N VAL A 559 18.10 34.36 -3.42
CA VAL A 559 16.68 34.49 -3.72
C VAL A 559 16.23 33.22 -4.42
N ASN A 560 15.27 32.52 -3.83
CA ASN A 560 14.74 31.27 -4.37
C ASN A 560 13.22 31.41 -4.50
N GLY A 561 12.58 30.36 -4.97
CA GLY A 561 11.13 30.38 -5.13
C GLY A 561 10.56 28.99 -5.04
N THR A 562 9.33 28.90 -4.52
CA THR A 562 8.65 27.63 -4.39
C THR A 562 7.15 27.83 -4.60
N ASN A 563 6.47 26.76 -4.96
CA ASN A 563 5.02 26.75 -5.15
C ASN A 563 4.38 25.86 -4.09
N LYS A 564 3.05 25.74 -4.17
CA LYS A 564 2.34 24.93 -3.18
C LYS A 564 2.79 23.47 -3.24
N ILE A 565 2.97 22.93 -4.44
CA ILE A 565 3.29 21.52 -4.57
C ILE A 565 4.62 21.21 -3.89
N GLN A 566 5.64 22.04 -4.14
CA GLN A 566 6.94 21.79 -3.53
C GLN A 566 6.85 21.86 -2.01
N MET A 567 6.11 22.84 -1.48
CA MET A 567 5.98 22.94 -0.03
C MET A 567 5.26 21.73 0.55
N LYS A 568 4.19 21.29 -0.10
CA LYS A 568 3.46 20.12 0.40
C LYS A 568 4.34 18.88 0.38
N TRP A 569 5.15 18.71 -0.67
CA TRP A 569 6.05 17.57 -0.71
C TRP A 569 7.16 17.71 0.32
N GLY A 570 7.63 18.93 0.59
CA GLY A 570 8.61 19.11 1.63
C GLY A 570 8.07 18.73 3.00
N MET A 571 6.80 19.04 3.26
CA MET A 571 6.18 18.60 4.49
C MET A 571 6.23 17.09 4.62
N GLU A 572 6.30 16.37 3.50
CA GLU A 572 6.27 14.92 3.48
C GLU A 572 7.63 14.31 3.15
N ALA A 573 8.72 15.06 3.33
CA ALA A 573 10.03 14.54 3.00
C ALA A 573 10.38 13.32 3.84
N ARG A 574 9.71 13.13 4.98
CA ARG A 574 9.98 11.98 5.82
C ARG A 574 9.80 10.68 5.03
N ARG A 575 8.98 10.72 3.99
CA ARG A 575 8.78 9.53 3.16
C ARG A 575 10.09 8.95 2.67
N CYS A 576 11.15 9.76 2.60
CA CYS A 576 12.45 9.22 2.20
C CYS A 576 12.78 7.99 3.04
N LEU A 577 12.63 8.09 4.36
CA LEU A 577 12.82 6.94 5.23
C LEU A 577 12.21 5.69 4.61
N LEU A 578 10.92 5.73 4.32
CA LEU A 578 10.22 4.57 3.80
C LEU A 578 10.97 4.00 2.59
N GLN A 579 11.27 4.86 1.61
CA GLN A 579 11.93 4.36 0.41
C GLN A 579 13.23 3.65 0.75
N SER A 580 13.99 4.21 1.69
CA SER A 580 15.18 3.51 2.16
C SER A 580 14.80 2.22 2.88
N MET A 581 13.90 2.32 3.87
CA MET A 581 13.59 1.18 4.72
C MET A 581 13.17 -0.01 3.87
N GLN A 582 12.05 0.13 3.16
CA GLN A 582 11.60 -0.90 2.23
C GLN A 582 12.79 -1.50 1.50
N GLN A 583 13.59 -0.64 0.85
CA GLN A 583 14.73 -1.13 0.08
C GLN A 583 15.52 -2.15 0.89
N MET A 584 16.08 -1.71 2.02
CA MET A 584 16.92 -2.62 2.80
C MET A 584 16.12 -3.82 3.28
N GLU A 585 14.87 -3.59 3.68
CA GLU A 585 14.04 -4.71 4.09
C GLU A 585 14.02 -5.78 3.00
N ALA A 586 13.84 -5.36 1.75
CA ALA A 586 13.85 -6.32 0.65
C ALA A 586 15.11 -7.17 0.72
N ILE A 587 16.27 -6.52 0.83
CA ILE A 587 17.53 -7.27 0.92
C ILE A 587 17.46 -8.26 2.06
N VAL A 588 17.03 -7.80 3.24
CA VAL A 588 16.92 -8.71 4.37
C VAL A 588 16.04 -9.88 3.99
N GLU A 589 14.85 -9.59 3.45
CA GLU A 589 13.96 -10.67 3.04
C GLU A 589 14.67 -11.63 2.11
N GLN A 590 15.43 -11.10 1.15
CA GLN A 590 16.15 -11.97 0.24
C GLN A 590 17.09 -12.91 0.98
N GLU A 591 17.90 -12.37 1.90
CA GLU A 591 18.80 -13.25 2.63
C GLU A 591 18.06 -14.15 3.59
N SER A 592 16.81 -13.83 3.95
CA SER A 592 16.02 -14.80 4.67
C SER A 592 15.67 -15.98 3.78
N SER A 593 15.32 -15.70 2.51
CA SER A 593 14.96 -16.79 1.60
C SER A 593 16.11 -17.77 1.44
N ILE A 594 17.34 -17.28 1.28
CA ILE A 594 18.48 -18.16 1.14
C ILE A 594 18.71 -18.99 2.39
N GLN A 595 18.30 -18.50 3.57
CA GLN A 595 18.58 -19.19 4.82
C GLN A 595 17.36 -19.79 5.49
N GLY A 596 16.17 -19.26 5.22
CA GLY A 596 14.95 -19.82 5.76
C GLY A 596 14.55 -19.29 7.13
N TYR A 597 15.41 -18.54 7.80
CA TYR A 597 15.09 -17.94 9.09
C TYR A 597 15.47 -16.48 9.07
N ASP A 598 14.98 -15.75 10.08
CA ASP A 598 15.29 -14.33 10.20
C ASP A 598 16.78 -14.08 10.08
N MET A 599 17.16 -13.28 9.09
CA MET A 599 18.56 -12.94 8.85
C MET A 599 18.90 -11.51 9.24
N THR A 600 17.99 -10.82 9.93
CA THR A 600 18.25 -9.42 10.28
C THR A 600 19.51 -9.29 11.12
N LYS A 601 19.59 -10.07 12.21
CA LYS A 601 20.78 -10.01 13.06
C LYS A 601 22.02 -10.40 12.27
N ALA A 602 21.94 -11.49 11.49
CA ALA A 602 23.08 -11.89 10.68
C ALA A 602 23.41 -10.83 9.64
N CYS A 603 22.38 -10.21 9.06
CA CYS A 603 22.61 -9.15 8.08
C CYS A 603 23.39 -8.00 8.69
N PHE A 604 23.00 -7.57 9.88
CA PHE A 604 23.60 -6.38 10.46
C PHE A 604 24.88 -6.69 11.20
N LYS A 605 24.80 -7.56 12.21
CA LYS A 605 25.93 -7.85 13.09
C LYS A 605 26.55 -9.21 12.84
N GLY A 606 25.92 -10.07 12.05
CA GLY A 606 26.45 -11.39 11.81
C GLY A 606 26.21 -12.33 12.97
N ASP A 607 26.73 -13.54 12.84
CA ASP A 607 26.62 -14.56 13.88
C ASP A 607 27.68 -15.62 13.62
N ARG A 608 27.68 -16.64 14.48
CA ARG A 608 28.65 -17.73 14.34
C ARG A 608 28.52 -18.41 12.98
N VAL A 609 27.31 -18.46 12.43
CA VAL A 609 27.09 -19.18 11.18
C VAL A 609 27.39 -18.30 9.98
N ASN A 610 26.71 -17.17 9.86
CA ASN A 610 26.83 -16.29 8.72
C ASN A 610 27.56 -15.02 9.12
N SER A 611 28.59 -14.67 8.36
CA SER A 611 29.36 -13.46 8.63
C SER A 611 28.53 -12.23 8.28
N PRO A 612 28.86 -11.07 8.87
CA PRO A 612 28.13 -9.85 8.53
C PRO A 612 28.23 -9.54 7.05
N LYS A 613 27.14 -9.01 6.50
CA LYS A 613 27.09 -8.67 5.08
C LYS A 613 27.84 -7.36 4.81
N THR A 614 28.43 -7.28 3.62
CA THR A 614 29.17 -6.11 3.19
C THR A 614 28.77 -5.75 1.77
N PHE A 615 28.82 -4.46 1.46
CA PHE A 615 28.48 -3.95 0.14
C PHE A 615 29.61 -3.13 -0.42
N SER A 616 29.91 -3.32 -1.69
CA SER A 616 30.85 -2.44 -2.38
C SER A 616 30.28 -1.02 -2.38
N ILE A 617 31.03 -0.09 -1.80
CA ILE A 617 30.51 1.24 -1.47
C ILE A 617 31.08 2.31 -2.40
N GLY A 618 32.38 2.30 -2.62
CA GLY A 618 32.98 3.35 -3.41
C GLY A 618 34.40 3.03 -3.80
N THR A 619 35.16 4.09 -4.10
CA THR A 619 36.52 3.98 -4.59
C THR A 619 37.47 4.77 -3.69
N GLN A 620 38.70 4.28 -3.60
CA GLN A 620 39.74 4.94 -2.82
C GLN A 620 41.06 4.71 -3.53
N GLU A 621 41.65 5.80 -4.04
CA GLU A 621 42.86 5.71 -4.86
C GLU A 621 42.63 4.81 -6.07
N GLY A 622 41.42 4.88 -6.62
CA GLY A 622 41.07 4.07 -7.77
C GLY A 622 40.78 2.62 -7.47
N LYS A 623 40.68 2.24 -6.20
CA LYS A 623 40.44 0.87 -5.80
C LYS A 623 39.08 0.73 -5.14
N LEU A 624 38.35 -0.30 -5.54
CA LEU A 624 37.03 -0.56 -4.96
C LEU A 624 37.17 -0.83 -3.47
N VAL A 625 36.24 -0.27 -2.68
CA VAL A 625 36.23 -0.45 -1.24
C VAL A 625 34.85 -0.92 -0.81
N LYS A 626 34.79 -1.58 0.34
CA LYS A 626 33.56 -2.18 0.84
C LYS A 626 33.21 -1.61 2.20
N GLY A 627 31.92 -1.38 2.42
CA GLY A 627 31.40 -0.92 3.69
C GLY A 627 30.36 -1.89 4.25
N SER A 628 29.94 -1.60 5.48
CA SER A 628 29.02 -2.48 6.19
C SER A 628 27.60 -2.28 5.67
N PHE A 629 26.67 -3.08 6.21
CA PHE A 629 25.27 -2.95 5.84
C PHE A 629 24.73 -1.58 6.21
N GLY A 630 25.08 -1.10 7.41
CA GLY A 630 24.61 0.21 7.83
C GLY A 630 25.08 1.32 6.91
N LYS A 631 26.32 1.23 6.43
CA LYS A 631 26.84 2.25 5.54
C LYS A 631 26.04 2.30 4.24
N ALA A 632 25.75 1.12 3.67
CA ALA A 632 24.93 1.09 2.46
C ALA A 632 23.54 1.64 2.71
N LEU A 633 22.96 1.31 3.87
CA LEU A 633 21.65 1.87 4.23
C LEU A 633 21.71 3.39 4.26
N ARG A 634 22.73 3.95 4.93
CA ARG A 634 22.85 5.40 5.02
C ARG A 634 23.03 6.02 3.65
N VAL A 635 23.83 5.37 2.78
CA VAL A 635 24.06 5.92 1.45
C VAL A 635 22.76 5.93 0.65
N ILE A 636 22.00 4.84 0.68
CA ILE A 636 20.75 4.86 -0.10
C ILE A 636 19.78 5.87 0.50
N PHE A 637 19.82 6.07 1.82
CA PHE A 637 18.97 7.09 2.42
C PHE A 637 19.35 8.49 1.94
N THR A 638 20.65 8.79 1.90
CA THR A 638 21.08 10.08 1.36
C THR A 638 20.73 10.19 -0.12
N LYS A 639 20.76 9.09 -0.85
CA LYS A 639 20.36 9.11 -2.25
C LYS A 639 18.89 9.47 -2.38
N CYS A 640 18.05 8.92 -1.50
CA CYS A 640 16.63 9.29 -1.51
C CYS A 640 16.45 10.77 -1.17
N LEU A 641 17.18 11.24 -0.18
CA LEU A 641 17.09 12.65 0.17
C LEU A 641 17.52 13.53 -1.00
N MET A 642 18.57 13.13 -1.71
CA MET A 642 19.01 13.87 -2.89
C MET A 642 17.93 13.84 -3.97
N HIS A 643 17.34 12.67 -4.21
CA HIS A 643 16.23 12.58 -5.15
C HIS A 643 15.18 13.62 -4.81
N TYR A 644 14.88 13.78 -3.53
CA TYR A 644 13.96 14.84 -3.13
C TYR A 644 14.50 16.20 -3.51
N VAL A 645 15.64 16.59 -2.92
CA VAL A 645 16.10 17.97 -3.03
C VAL A 645 16.40 18.37 -4.46
N PHE A 646 16.79 17.43 -5.32
CA PHE A 646 17.12 17.72 -6.70
C PHE A 646 16.14 17.07 -7.67
N GLY A 647 14.90 16.86 -7.26
CA GLY A 647 13.94 16.18 -8.11
C GLY A 647 13.22 17.15 -9.03
N ASN A 648 13.13 16.78 -10.30
CA ASN A 648 12.36 17.54 -11.28
C ASN A 648 12.27 16.68 -12.54
N ALA A 649 11.62 17.22 -13.57
CA ALA A 649 11.34 16.43 -14.77
C ALA A 649 12.61 15.80 -15.31
N GLN A 650 13.73 16.50 -15.24
CA GLN A 650 14.98 15.96 -15.77
C GLN A 650 15.36 14.67 -15.06
N LEU A 651 15.27 14.66 -13.74
CA LEU A 651 15.62 13.45 -12.99
C LEU A 651 14.68 12.30 -13.32
N GLU A 652 13.38 12.59 -13.43
CA GLU A 652 12.42 11.54 -13.76
C GLU A 652 12.74 10.94 -15.13
N GLY A 653 12.94 11.80 -16.13
CA GLY A 653 13.27 11.29 -17.45
C GLY A 653 14.56 10.50 -17.45
N PHE A 654 15.59 11.01 -16.78
CA PHE A 654 16.88 10.32 -16.76
C PHE A 654 16.74 8.94 -16.13
N SER A 655 16.07 8.86 -14.98
CA SER A 655 15.91 7.57 -14.32
C SER A 655 15.13 6.60 -15.19
N ALA A 656 14.02 7.07 -15.76
CA ALA A 656 13.18 6.19 -16.56
C ALA A 656 13.96 5.66 -17.76
N GLU A 657 14.73 6.52 -18.42
CA GLU A 657 15.44 6.09 -19.61
C GLU A 657 16.67 5.24 -19.29
N SER A 658 17.33 5.49 -18.16
CA SER A 658 18.51 4.73 -17.80
C SER A 658 18.18 3.41 -17.13
N ARG A 659 16.94 3.22 -16.68
CA ARG A 659 16.56 1.92 -16.14
C ARG A 659 16.74 0.82 -17.18
N ARG A 660 16.44 1.11 -18.43
CA ARG A 660 16.60 0.11 -19.48
C ARG A 660 18.07 -0.26 -19.65
N LEU A 661 18.95 0.73 -19.64
CA LEU A 661 20.38 0.44 -19.75
C LEU A 661 20.87 -0.35 -18.56
N LEU A 662 20.36 -0.03 -17.36
CA LEU A 662 20.73 -0.80 -16.18
C LEU A 662 20.29 -2.25 -16.32
N LEU A 663 19.07 -2.48 -16.81
CA LEU A 663 18.60 -3.84 -16.98
C LEU A 663 19.42 -4.58 -18.03
N LEU A 664 19.82 -3.90 -19.10
CA LEU A 664 20.67 -4.53 -20.10
C LEU A 664 22.03 -4.91 -19.50
N ILE A 665 22.59 -4.04 -18.68
CA ILE A 665 23.85 -4.35 -18.03
C ILE A 665 23.69 -5.57 -17.12
N GLN A 666 22.58 -5.61 -16.38
CA GLN A 666 22.31 -6.76 -15.51
C GLN A 666 22.22 -8.04 -16.34
N ALA A 667 21.53 -7.97 -17.47
CA ALA A 667 21.42 -9.14 -18.34
C ALA A 667 22.79 -9.59 -18.83
N LEU A 668 23.64 -8.64 -19.22
CA LEU A 668 24.99 -8.99 -19.64
C LEU A 668 25.76 -9.66 -18.51
N LYS A 669 25.62 -9.15 -17.29
CA LYS A 669 26.31 -9.75 -16.16
C LYS A 669 25.87 -11.20 -15.96
N ASP A 670 24.58 -11.46 -16.08
CA ASP A 670 24.05 -12.81 -15.93
C ASP A 670 24.32 -13.68 -17.15
N ARG A 671 25.06 -13.18 -18.14
CA ARG A 671 25.35 -13.94 -19.36
C ARG A 671 24.05 -14.36 -20.05
N LYS A 672 23.07 -13.47 -20.04
CA LYS A 672 21.80 -13.70 -20.70
C LYS A 672 21.78 -13.16 -22.12
N GLY A 673 22.95 -12.91 -22.71
CA GLY A 673 23.07 -12.53 -24.10
C GLY A 673 21.98 -11.59 -24.58
N PRO A 674 21.83 -10.46 -23.92
CA PRO A 674 20.77 -9.53 -24.30
C PRO A 674 20.98 -8.97 -25.70
N TRP A 675 19.86 -8.67 -26.37
CA TRP A 675 19.87 -8.06 -27.68
C TRP A 675 19.22 -6.69 -27.60
N VAL A 676 19.53 -5.84 -28.57
CA VAL A 676 18.94 -4.52 -28.68
C VAL A 676 18.44 -4.31 -30.09
N PHE A 677 17.49 -3.39 -30.24
CA PHE A 677 16.89 -3.09 -31.52
C PHE A 677 17.25 -1.72 -32.05
N ASP A 678 17.36 -0.72 -31.17
CA ASP A 678 17.88 0.59 -31.57
C ASP A 678 18.60 1.18 -30.34
N LEU A 679 19.90 0.92 -30.26
CA LEU A 679 20.66 1.40 -29.12
C LEU A 679 20.86 2.90 -29.16
N GLU A 680 21.05 3.45 -30.36
CA GLU A 680 21.27 4.89 -30.48
C GLU A 680 20.06 5.66 -29.99
N GLY A 681 18.85 5.17 -30.28
CA GLY A 681 17.66 5.83 -29.78
C GLY A 681 17.61 5.86 -28.27
N MET A 682 17.92 4.74 -27.63
CA MET A 682 17.92 4.70 -26.17
C MET A 682 18.97 5.64 -25.60
N TYR A 683 20.15 5.67 -26.21
CA TYR A 683 21.19 6.57 -25.73
C TYR A 683 20.76 8.03 -25.87
N SER A 684 20.13 8.38 -26.98
CA SER A 684 19.65 9.75 -27.15
C SER A 684 18.58 10.09 -26.13
N GLY A 685 17.67 9.15 -25.87
CA GLY A 685 16.65 9.38 -24.85
C GLY A 685 17.25 9.61 -23.49
N ILE A 686 18.31 8.85 -23.15
CA ILE A 686 18.98 9.05 -21.88
C ILE A 686 19.68 10.41 -21.85
N GLU A 687 20.37 10.76 -22.94
CA GLU A 687 21.23 11.94 -22.93
C GLU A 687 20.41 13.23 -22.94
N GLU A 688 19.26 13.25 -23.60
CA GLU A 688 18.51 14.50 -23.69
C GLU A 688 18.03 15.00 -22.34
N CYS A 689 18.04 14.16 -21.30
CA CYS A 689 17.59 14.56 -19.98
C CYS A 689 18.69 15.15 -19.12
N ILE A 690 19.96 15.06 -19.55
CA ILE A 690 21.09 15.53 -18.77
C ILE A 690 21.37 16.96 -19.22
N SER A 691 20.73 17.93 -18.56
CA SER A 691 20.91 19.32 -18.95
C SER A 691 21.57 20.16 -17.86
N ASN A 692 20.95 20.31 -16.69
CA ASN A 692 21.56 21.13 -15.63
C ASN A 692 21.31 20.62 -14.22
N ASN A 693 20.67 19.48 -14.04
CA ASN A 693 20.35 19.01 -12.70
C ASN A 693 21.60 18.38 -12.08
N PRO A 694 22.11 18.90 -10.97
CA PRO A 694 23.38 18.37 -10.43
C PRO A 694 23.32 16.88 -10.15
N TRP A 695 22.21 16.39 -9.59
CA TRP A 695 22.11 14.97 -9.31
C TRP A 695 22.13 14.15 -10.59
N VAL A 696 21.48 14.63 -11.64
CA VAL A 696 21.46 13.88 -12.89
C VAL A 696 22.87 13.79 -13.47
N ILE A 697 23.62 14.90 -13.44
CA ILE A 697 24.98 14.89 -13.97
C ILE A 697 25.85 13.93 -13.17
N GLN A 698 25.77 14.02 -11.84
CA GLN A 698 26.58 13.11 -11.04
C GLN A 698 26.15 11.67 -11.23
N SER A 699 24.85 11.43 -11.45
CA SER A 699 24.40 10.07 -11.73
C SER A 699 24.99 9.56 -13.04
N ALA A 700 25.06 10.43 -14.04
CA ALA A 700 25.71 10.03 -15.29
C ALA A 700 27.17 9.69 -15.07
N TYR A 701 27.87 10.51 -14.28
CA TYR A 701 29.28 10.23 -14.02
C TYR A 701 29.45 8.90 -13.29
N TRP A 702 28.64 8.68 -12.25
CA TRP A 702 28.74 7.43 -11.50
C TRP A 702 28.37 6.25 -12.37
N PHE A 703 27.37 6.41 -13.24
CA PHE A 703 27.01 5.34 -14.15
C PHE A 703 28.17 5.00 -15.07
N ASN A 704 28.86 6.01 -15.60
CA ASN A 704 30.01 5.74 -16.44
C ASN A 704 31.09 4.98 -15.66
N GLU A 705 31.38 5.44 -14.44
CA GLU A 705 32.42 4.79 -13.65
C GLU A 705 32.05 3.34 -13.33
N TRP A 706 30.81 3.11 -12.90
CA TRP A 706 30.39 1.76 -12.54
C TRP A 706 30.32 0.87 -13.78
N LEU A 707 29.94 1.42 -14.93
CA LEU A 707 29.99 0.66 -16.17
C LEU A 707 31.42 0.26 -16.50
N GLY A 708 32.37 1.17 -16.30
CA GLY A 708 33.76 0.81 -16.50
C GLY A 708 34.22 -0.30 -15.59
N PHE A 709 33.83 -0.22 -14.31
CA PHE A 709 34.21 -1.27 -13.37
C PHE A 709 33.57 -2.60 -13.74
N GLU A 710 32.32 -2.57 -14.18
CA GLU A 710 31.65 -3.80 -14.61
C GLU A 710 32.34 -4.38 -15.84
N LYS A 711 32.75 -3.53 -16.77
CA LYS A 711 33.50 -4.01 -17.93
C LYS A 711 34.79 -4.67 -17.49
N GLU A 712 35.50 -4.05 -16.54
CA GLU A 712 36.73 -4.65 -16.04
C GLU A 712 36.46 -6.01 -15.40
N GLY A 713 35.38 -6.10 -14.62
CA GLY A 713 35.06 -7.36 -13.97
C GLY A 713 34.66 -8.44 -14.94
N SER A 714 33.97 -8.08 -16.02
CA SER A 714 33.45 -9.07 -16.96
C SER A 714 34.57 -9.91 -17.57
N LYS A 715 35.80 -9.41 -17.60
CA LYS A 715 36.92 -10.17 -18.13
C LYS A 715 37.19 -11.40 -17.28
N MET B 1 38.83 9.22 -0.71
CA MET B 1 37.85 8.22 -1.21
C MET B 1 36.57 8.91 -1.67
N ASN B 2 36.03 8.43 -2.80
CA ASN B 2 34.82 9.00 -3.38
C ASN B 2 33.75 7.91 -3.40
N ILE B 3 32.60 8.21 -2.81
CA ILE B 3 31.49 7.26 -2.77
C ILE B 3 30.83 7.18 -4.14
N ASN B 4 30.24 6.03 -4.45
CA ASN B 4 29.56 5.80 -5.71
C ASN B 4 28.35 4.93 -5.45
N PRO B 5 27.14 5.50 -5.38
CA PRO B 5 25.97 4.68 -5.04
C PRO B 5 25.77 3.51 -5.99
N TYR B 6 26.00 3.70 -7.29
CA TYR B 6 25.77 2.63 -8.24
C TYR B 6 26.65 1.42 -7.95
N PHE B 7 27.75 1.60 -7.22
CA PHE B 7 28.58 0.45 -6.88
C PHE B 7 27.82 -0.59 -6.09
N LEU B 8 26.71 -0.20 -5.46
CA LEU B 8 25.85 -1.18 -4.80
C LEU B 8 25.48 -2.31 -5.73
N PHE B 9 25.18 -1.99 -7.00
CA PHE B 9 24.78 -3.02 -7.93
C PHE B 9 25.87 -4.06 -8.16
N ILE B 10 27.12 -3.73 -7.83
CA ILE B 10 28.21 -4.68 -8.04
C ILE B 10 28.02 -5.90 -7.15
N ASP B 11 27.49 -5.70 -5.96
CA ASP B 11 27.32 -6.78 -4.99
C ASP B 11 25.91 -7.33 -4.94
N VAL B 12 24.92 -6.61 -5.48
CA VAL B 12 23.53 -7.03 -5.43
C VAL B 12 22.94 -6.96 -6.84
N PRO B 13 22.03 -7.86 -7.21
CA PRO B 13 21.40 -7.75 -8.53
C PRO B 13 20.60 -6.46 -8.64
N ILE B 14 20.54 -5.92 -9.87
CA ILE B 14 19.82 -4.67 -10.09
C ILE B 14 18.34 -4.83 -9.74
N GLN B 15 17.73 -5.94 -10.17
CA GLN B 15 16.33 -6.15 -9.87
C GLN B 15 16.07 -6.19 -8.37
N ALA B 16 16.96 -6.85 -7.61
CA ALA B 16 16.78 -6.94 -6.18
C ALA B 16 16.75 -5.55 -5.53
N ALA B 17 17.48 -4.60 -6.10
CA ALA B 17 17.55 -3.24 -5.57
C ALA B 17 17.03 -2.23 -6.59
N ILE B 18 16.04 -2.63 -7.39
CA ILE B 18 15.51 -1.73 -8.41
C ILE B 18 14.88 -0.50 -7.77
N SER B 19 14.37 -0.63 -6.55
CA SER B 19 13.71 0.50 -5.91
C SER B 19 14.63 1.71 -5.80
N THR B 20 15.94 1.49 -5.74
CA THR B 20 16.88 2.61 -5.65
C THR B 20 16.85 3.48 -6.89
N THR B 21 16.50 2.92 -8.05
CA THR B 21 16.49 3.67 -9.30
C THR B 21 15.17 4.36 -9.57
N PHE B 22 14.21 4.28 -8.64
CA PHE B 22 12.92 4.94 -8.83
C PHE B 22 12.92 6.21 -7.98
N PRO B 23 12.97 7.40 -8.58
CA PRO B 23 12.97 8.64 -7.77
C PRO B 23 11.55 9.09 -7.41
N TYR B 24 10.91 8.33 -6.52
CA TYR B 24 9.56 8.62 -6.08
C TYR B 24 9.51 9.52 -4.86
N THR B 25 10.66 9.88 -4.29
CA THR B 25 10.67 10.86 -3.21
C THR B 25 10.68 12.30 -3.71
N GLY B 26 11.01 12.52 -4.98
CA GLY B 26 11.05 13.85 -5.52
C GLY B 26 9.67 14.37 -5.89
N VAL B 27 9.61 15.67 -6.12
CA VAL B 27 8.37 16.33 -6.52
C VAL B 27 8.03 15.88 -7.93
N PRO B 28 6.85 15.32 -8.18
CA PRO B 28 6.53 14.88 -9.53
C PRO B 28 6.41 16.06 -10.46
N PRO B 29 6.73 15.90 -11.75
CA PRO B 29 6.65 17.02 -12.68
C PRO B 29 5.22 17.55 -12.78
N TYR B 30 5.11 18.87 -12.92
CA TYR B 30 3.82 19.53 -13.08
C TYR B 30 3.88 20.49 -14.25
N SER B 31 2.76 20.60 -14.96
CA SER B 31 2.68 21.45 -16.14
C SER B 31 2.27 22.86 -15.74
N HIS B 32 2.90 23.85 -16.38
CA HIS B 32 2.62 25.25 -16.12
C HIS B 32 1.90 25.86 -17.32
N GLY B 33 0.80 26.56 -17.06
CA GLY B 33 0.12 27.28 -18.11
C GLY B 33 -0.71 26.38 -19.03
N THR B 34 -0.87 26.84 -20.26
CA THR B 34 -1.79 26.22 -21.20
C THR B 34 -1.33 24.81 -21.58
N GLY B 35 -2.29 23.98 -21.91
CA GLY B 35 -2.05 22.69 -22.52
C GLY B 35 -2.33 22.63 -24.00
N THR B 36 -2.55 23.78 -24.65
CA THR B 36 -2.86 23.78 -26.07
C THR B 36 -1.69 23.26 -26.90
N GLY B 37 -0.46 23.60 -26.52
CA GLY B 37 0.68 23.16 -27.30
C GLY B 37 0.76 21.65 -27.39
N TYR B 38 0.60 20.96 -26.27
CA TYR B 38 0.68 19.51 -26.27
C TYR B 38 -0.49 18.89 -27.02
N THR B 39 -1.68 19.47 -26.89
CA THR B 39 -2.83 18.96 -27.65
C THR B 39 -2.60 19.09 -29.14
N ILE B 40 -2.08 20.22 -29.58
CA ILE B 40 -1.78 20.40 -31.00
C ILE B 40 -0.69 19.42 -31.44
N ASP B 41 0.30 19.19 -30.57
CA ASP B 41 1.33 18.22 -30.90
C ASP B 41 0.73 16.83 -31.09
N THR B 42 -0.18 16.44 -30.19
CA THR B 42 -0.83 15.15 -30.32
C THR B 42 -1.64 15.06 -31.61
N VAL B 43 -2.37 16.12 -31.95
CA VAL B 43 -3.16 16.11 -33.18
C VAL B 43 -2.25 15.98 -34.40
N ILE B 44 -1.16 16.74 -34.41
CA ILE B 44 -0.23 16.69 -35.54
C ILE B 44 0.37 15.30 -35.67
N ARG B 45 0.80 14.71 -34.55
CA ARG B 45 1.39 13.38 -34.61
C ARG B 45 0.38 12.35 -35.08
N THR B 46 -0.86 12.44 -34.60
CA THR B 46 -1.89 11.50 -35.03
C THR B 46 -2.13 11.62 -36.52
N HIS B 47 -2.20 12.85 -37.05
CA HIS B 47 -2.45 13.01 -38.47
C HIS B 47 -1.23 12.69 -39.32
N GLU B 48 -0.03 12.71 -38.73
CA GLU B 48 1.16 12.42 -39.51
C GLU B 48 1.26 10.93 -39.83
N TYR B 49 0.93 10.08 -38.88
CA TYR B 49 1.00 8.64 -39.10
C TYR B 49 -0.08 8.13 -40.04
N SER B 50 -1.07 8.96 -40.38
CA SER B 50 -2.18 8.52 -41.21
C SER B 50 -2.44 9.45 -42.40
N ASN B 51 -1.54 10.39 -42.68
CA ASN B 51 -1.78 11.32 -43.78
C ASN B 51 -1.85 10.61 -45.12
N LYS B 52 -1.15 9.48 -45.27
CA LYS B 52 -1.16 8.76 -46.53
C LYS B 52 -2.48 8.06 -46.79
N GLY B 53 -3.38 8.01 -45.81
CA GLY B 53 -4.66 7.35 -45.98
C GLY B 53 -5.64 8.22 -46.75
N LYS B 54 -6.88 7.73 -46.81
CA LYS B 54 -7.92 8.43 -47.56
C LYS B 54 -8.36 9.67 -46.79
N GLN B 55 -8.32 10.83 -47.44
CA GLN B 55 -8.71 12.09 -46.83
C GLN B 55 -9.98 12.60 -47.51
N TYR B 56 -10.95 13.02 -46.70
CA TYR B 56 -12.21 13.51 -47.24
C TYR B 56 -12.80 14.51 -46.25
N ILE B 57 -14.02 14.96 -46.53
CA ILE B 57 -14.71 15.94 -45.70
C ILE B 57 -15.99 15.29 -45.18
N SER B 58 -16.18 15.32 -43.87
CA SER B 58 -17.39 14.76 -43.28
C SER B 58 -18.61 15.54 -43.75
N ASP B 59 -19.67 14.81 -44.07
CA ASP B 59 -20.91 15.40 -44.54
C ASP B 59 -21.91 15.64 -43.42
N VAL B 60 -21.57 15.32 -42.18
CA VAL B 60 -22.43 15.57 -41.05
C VAL B 60 -21.96 16.77 -40.24
N THR B 61 -20.65 16.89 -40.02
CA THR B 61 -20.08 17.99 -39.26
C THR B 61 -19.23 18.94 -40.09
N GLY B 62 -18.81 18.52 -41.28
CA GLY B 62 -17.96 19.35 -42.12
C GLY B 62 -16.49 19.30 -41.79
N CYS B 63 -16.08 18.43 -40.87
CA CYS B 63 -14.68 18.34 -40.49
C CYS B 63 -13.88 17.56 -41.53
N THR B 64 -12.55 17.68 -41.44
CA THR B 64 -11.66 16.91 -42.29
C THR B 64 -11.40 15.56 -41.67
N MET B 65 -11.62 14.50 -42.44
CA MET B 65 -11.53 13.13 -41.96
C MET B 65 -10.38 12.42 -42.67
N VAL B 66 -9.53 11.76 -41.88
CA VAL B 66 -8.40 10.98 -42.39
C VAL B 66 -8.62 9.55 -41.95
N ASP B 67 -8.62 8.63 -42.92
CA ASP B 67 -8.90 7.22 -42.69
C ASP B 67 -7.72 6.39 -43.17
N PRO B 68 -6.89 5.86 -42.27
CA PRO B 68 -5.70 5.13 -42.72
C PRO B 68 -5.91 3.66 -43.00
N THR B 69 -6.93 3.06 -42.38
CA THR B 69 -7.11 1.61 -42.51
C THR B 69 -7.33 1.23 -43.96
N ASN B 70 -6.83 0.07 -44.35
CA ASN B 70 -6.80 -0.38 -45.73
C ASN B 70 -5.94 0.52 -46.61
N GLY B 71 -5.07 1.31 -45.99
CA GLY B 71 -4.17 2.16 -46.74
C GLY B 71 -2.92 1.43 -47.16
N PRO B 72 -2.04 2.16 -47.84
CA PRO B 72 -0.78 1.55 -48.29
C PRO B 72 0.05 1.06 -47.11
N LEU B 73 0.73 -0.07 -47.31
CA LEU B 73 1.54 -0.63 -46.24
C LEU B 73 2.75 0.26 -45.99
N PRO B 74 3.23 0.33 -44.75
CA PRO B 74 4.38 1.20 -44.45
C PRO B 74 5.65 0.69 -45.11
N GLU B 75 6.53 1.63 -45.41
CA GLU B 75 7.82 1.31 -46.04
C GLU B 75 9.00 1.69 -45.16
N ASP B 76 8.77 2.26 -43.98
CA ASP B 76 9.84 2.63 -43.05
C ASP B 76 9.45 2.13 -41.66
N ASN B 77 10.32 2.40 -40.69
CA ASN B 77 10.09 1.96 -39.32
C ASN B 77 9.34 2.99 -38.49
N GLU B 78 8.92 4.10 -39.07
CA GLU B 78 8.18 5.10 -38.34
C GLU B 78 6.80 4.56 -37.96
N PRO B 79 6.16 5.14 -36.95
CA PRO B 79 4.85 4.65 -36.54
C PRO B 79 3.87 4.66 -37.70
N SER B 80 3.09 3.58 -37.80
CA SER B 80 2.15 3.38 -38.91
C SER B 80 0.80 2.95 -38.36
N ALA B 81 -0.24 3.69 -38.71
CA ALA B 81 -1.61 3.36 -38.34
C ALA B 81 -2.40 2.73 -39.48
N TYR B 82 -1.71 2.33 -40.55
CA TYR B 82 -2.37 1.76 -41.73
C TYR B 82 -2.66 0.28 -41.52
N ALA B 83 -3.49 0.01 -40.52
CA ALA B 83 -3.91 -1.36 -40.24
C ALA B 83 -4.78 -1.89 -41.38
N GLN B 84 -4.69 -3.20 -41.62
CA GLN B 84 -5.46 -3.86 -42.66
C GLN B 84 -6.60 -4.65 -42.04
N LEU B 85 -7.81 -4.45 -42.57
CA LEU B 85 -8.97 -5.11 -41.99
C LEU B 85 -8.88 -6.62 -42.12
N ASP B 86 -8.40 -7.11 -43.27
CA ASP B 86 -8.31 -8.55 -43.47
C ASP B 86 -7.47 -9.21 -42.40
N CYS B 87 -6.32 -8.62 -42.06
CA CYS B 87 -5.44 -9.21 -41.06
C CYS B 87 -6.09 -9.22 -39.68
N VAL B 88 -6.75 -8.12 -39.31
CA VAL B 88 -7.45 -8.09 -38.03
C VAL B 88 -8.50 -9.20 -37.97
N LEU B 89 -9.25 -9.38 -39.05
CA LEU B 89 -10.25 -10.43 -39.08
C LEU B 89 -9.60 -11.80 -38.96
N GLU B 90 -8.46 -12.00 -39.63
CA GLU B 90 -7.75 -13.28 -39.52
C GLU B 90 -7.34 -13.53 -38.07
N ALA B 91 -6.79 -12.52 -37.41
CA ALA B 91 -6.35 -12.69 -36.03
C ALA B 91 -7.54 -13.02 -35.13
N LEU B 92 -8.65 -12.31 -35.30
CA LEU B 92 -9.82 -12.57 -34.48
C LEU B 92 -10.38 -13.97 -34.73
N ASP B 93 -10.38 -14.40 -36.00
CA ASP B 93 -10.88 -15.74 -36.31
C ASP B 93 -9.98 -16.80 -35.69
N ARG B 94 -8.66 -16.61 -35.74
CA ARG B 94 -7.77 -17.56 -35.10
C ARG B 94 -8.00 -17.60 -33.60
N MET B 95 -8.19 -16.44 -32.96
CA MET B 95 -8.45 -16.43 -31.53
C MET B 95 -9.76 -17.13 -31.22
N ASP B 96 -10.77 -16.96 -32.08
CA ASP B 96 -12.00 -17.71 -31.92
C ASP B 96 -11.76 -19.20 -32.01
N GLU B 97 -10.93 -19.63 -32.95
CA GLU B 97 -10.60 -21.05 -33.08
C GLU B 97 -9.94 -21.57 -31.80
N GLU B 98 -9.02 -20.79 -31.23
CA GLU B 98 -8.38 -21.19 -29.99
C GLU B 98 -9.31 -21.07 -28.80
N HIS B 99 -10.37 -20.28 -28.91
CA HIS B 99 -11.36 -20.10 -27.83
C HIS B 99 -12.75 -20.27 -28.41
N PRO B 100 -13.13 -21.49 -28.76
CA PRO B 100 -14.44 -21.69 -29.40
C PRO B 100 -15.58 -21.18 -28.52
N GLY B 101 -16.47 -20.41 -29.14
CA GLY B 101 -17.63 -19.88 -28.44
C GLY B 101 -17.35 -18.74 -27.49
N LEU B 102 -16.09 -18.36 -27.32
CA LEU B 102 -15.78 -17.30 -26.36
C LEU B 102 -16.40 -15.98 -26.77
N PHE B 103 -16.33 -15.65 -28.07
CA PHE B 103 -16.82 -14.35 -28.52
C PHE B 103 -18.32 -14.22 -28.29
N GLN B 104 -19.09 -15.20 -28.74
CA GLN B 104 -20.54 -15.12 -28.60
C GLN B 104 -20.96 -15.19 -27.13
N ALA B 105 -20.28 -16.01 -26.33
CA ALA B 105 -20.59 -16.07 -24.91
C ALA B 105 -20.34 -14.73 -24.24
N ALA B 106 -19.22 -14.09 -24.55
CA ALA B 106 -18.93 -12.79 -23.97
C ALA B 106 -19.93 -11.74 -24.44
N SER B 107 -20.33 -11.81 -25.72
CA SER B 107 -21.33 -10.88 -26.22
C SER B 107 -22.64 -11.04 -25.48
N GLN B 108 -23.08 -12.27 -25.29
CA GLN B 108 -24.32 -12.51 -24.54
C GLN B 108 -24.20 -12.01 -23.11
N ASN B 109 -23.07 -12.29 -22.46
CA ASN B 109 -22.88 -11.84 -21.08
C ASN B 109 -22.96 -10.33 -20.98
N ALA B 110 -22.24 -9.63 -21.85
CA ALA B 110 -22.27 -8.17 -21.83
C ALA B 110 -23.65 -7.65 -22.15
N MET B 111 -24.36 -8.30 -23.09
CA MET B 111 -25.70 -7.84 -23.46
C MET B 111 -26.66 -7.97 -22.29
N GLU B 112 -26.60 -9.08 -21.55
CA GLU B 112 -27.48 -9.22 -20.40
C GLU B 112 -27.10 -8.27 -19.27
N THR B 113 -25.79 -8.10 -19.02
CA THR B 113 -25.36 -7.11 -18.05
C THR B 113 -25.89 -5.73 -18.41
N LEU B 114 -25.87 -5.39 -19.70
CA LEU B 114 -26.42 -4.13 -20.16
C LEU B 114 -27.93 -4.05 -19.98
N MET B 115 -28.65 -5.15 -20.20
CA MET B 115 -30.06 -5.15 -19.82
C MET B 115 -30.24 -4.75 -18.37
N VAL B 116 -29.53 -5.44 -17.46
CA VAL B 116 -29.77 -5.19 -16.04
C VAL B 116 -29.15 -3.89 -15.57
N THR B 117 -28.25 -3.29 -16.34
CA THR B 117 -27.62 -2.05 -15.93
C THR B 117 -28.62 -0.90 -15.94
N THR B 118 -28.45 0.02 -14.99
CA THR B 118 -29.30 1.19 -14.85
C THR B 118 -28.49 2.45 -15.11
N VAL B 119 -29.20 3.57 -15.29
CA VAL B 119 -28.55 4.83 -15.64
C VAL B 119 -27.62 5.28 -14.52
N ASP B 120 -27.97 4.99 -13.27
CA ASP B 120 -27.15 5.42 -12.14
C ASP B 120 -25.73 4.89 -12.23
N LYS B 121 -25.52 3.76 -12.93
CA LYS B 121 -24.17 3.22 -13.08
C LYS B 121 -23.24 4.27 -13.67
N LEU B 122 -23.76 5.12 -14.56
CA LEU B 122 -22.92 6.12 -15.20
C LEU B 122 -22.26 7.06 -14.20
N THR B 123 -22.80 7.16 -12.99
CA THR B 123 -22.22 8.04 -11.98
C THR B 123 -20.92 7.49 -11.40
N GLN B 124 -20.57 6.24 -11.70
CA GLN B 124 -19.38 5.62 -11.13
C GLN B 124 -18.10 6.07 -11.79
N GLY B 125 -18.17 6.81 -12.90
CA GLY B 125 -16.99 7.21 -13.63
C GLY B 125 -16.28 8.38 -12.98
N ARG B 126 -15.18 8.77 -13.62
CA ARG B 126 -14.37 9.90 -13.18
C ARG B 126 -14.85 11.17 -13.89
N GLN B 127 -14.08 12.24 -13.80
CA GLN B 127 -14.45 13.51 -14.44
C GLN B 127 -14.88 13.27 -15.87
N THR B 128 -15.93 13.98 -16.29
CA THR B 128 -16.47 13.88 -17.64
C THR B 128 -16.72 15.27 -18.19
N PHE B 129 -16.70 15.37 -19.52
CA PHE B 129 -16.85 16.65 -20.21
C PHE B 129 -18.34 16.98 -20.35
N ASP B 130 -18.85 17.77 -19.43
CA ASP B 130 -20.21 18.28 -19.54
C ASP B 130 -20.27 19.28 -20.69
N TRP B 131 -21.22 19.07 -21.60
CA TRP B 131 -21.34 19.93 -22.77
C TRP B 131 -22.26 21.11 -22.53
N THR B 132 -23.19 21.00 -21.58
CA THR B 132 -24.05 22.14 -21.26
C THR B 132 -23.24 23.34 -20.81
N VAL B 133 -22.09 23.10 -20.17
CA VAL B 133 -21.17 24.15 -19.78
C VAL B 133 -19.80 24.00 -20.43
N CYS B 134 -19.54 22.89 -21.13
CA CYS B 134 -18.27 22.68 -21.82
C CYS B 134 -17.10 22.71 -20.84
N ARG B 135 -17.17 21.87 -19.82
CA ARG B 135 -16.12 21.80 -18.81
C ARG B 135 -16.11 20.43 -18.18
N ASN B 136 -15.00 20.10 -17.52
CA ASN B 136 -14.89 18.82 -16.83
C ASN B 136 -15.57 18.92 -15.47
N GLN B 137 -16.53 18.04 -15.23
CA GLN B 137 -17.31 18.02 -14.00
C GLN B 137 -17.43 16.58 -13.53
N PRO B 138 -17.77 16.37 -12.25
CA PRO B 138 -17.98 15.00 -11.76
C PRO B 138 -19.05 14.29 -12.57
N ALA B 139 -18.90 12.98 -12.68
CA ALA B 139 -19.79 12.19 -13.53
C ALA B 139 -21.25 12.40 -13.13
N ALA B 140 -21.53 12.41 -11.83
CA ALA B 140 -22.92 12.57 -11.39
C ALA B 140 -23.48 13.90 -11.83
N THR B 141 -22.71 14.98 -11.68
CA THR B 141 -23.20 16.30 -12.09
C THR B 141 -23.46 16.35 -13.59
N ALA B 142 -22.56 15.79 -14.38
CA ALA B 142 -22.77 15.77 -15.83
C ALA B 142 -24.02 14.98 -16.18
N LEU B 143 -24.22 13.83 -15.53
CA LEU B 143 -25.40 13.04 -15.79
C LEU B 143 -26.67 13.80 -15.45
N ASN B 144 -26.69 14.47 -14.30
CA ASN B 144 -27.86 15.25 -13.92
C ASN B 144 -28.14 16.34 -14.93
N THR B 145 -27.09 17.07 -15.34
CA THR B 145 -27.28 18.17 -16.27
C THR B 145 -27.81 17.67 -17.61
N THR B 146 -27.24 16.58 -18.13
CA THR B 146 -27.69 16.07 -19.42
C THR B 146 -29.11 15.54 -19.32
N ILE B 147 -29.46 14.90 -18.20
CA ILE B 147 -30.83 14.40 -18.04
C ILE B 147 -31.82 15.55 -18.02
N THR B 148 -31.50 16.62 -17.28
CA THR B 148 -32.39 17.78 -17.28
C THR B 148 -32.50 18.38 -18.67
N SER B 149 -31.39 18.52 -19.38
CA SER B 149 -31.43 19.06 -20.73
C SER B 149 -32.32 18.22 -21.63
N PHE B 150 -32.16 16.90 -21.57
CA PHE B 150 -32.99 16.01 -22.37
C PHE B 150 -34.46 16.15 -21.98
N ARG B 151 -34.73 16.37 -20.70
CA ARG B 151 -36.10 16.65 -20.28
C ARG B 151 -36.65 17.88 -20.97
N LEU B 152 -35.84 18.94 -21.07
CA LEU B 152 -36.31 20.16 -21.70
C LEU B 152 -36.69 19.93 -23.16
N ASN B 153 -36.01 19.01 -23.84
CA ASN B 153 -36.23 18.77 -25.26
C ASN B 153 -37.12 17.56 -25.52
N ASP B 154 -37.95 17.17 -24.55
CA ASP B 154 -38.90 16.08 -24.70
C ASP B 154 -38.20 14.73 -24.84
N LEU B 155 -37.04 14.58 -24.21
CA LEU B 155 -36.32 13.30 -24.16
C LEU B 155 -36.37 12.82 -22.71
N ASN B 156 -37.32 11.94 -22.41
CA ASN B 156 -37.56 11.47 -21.06
C ASN B 156 -37.23 9.98 -20.92
N GLY B 157 -36.30 9.49 -21.74
CA GLY B 157 -35.92 8.09 -21.66
C GLY B 157 -35.36 7.71 -20.31
N ALA B 158 -34.54 8.59 -19.73
CA ALA B 158 -33.93 8.29 -18.44
C ALA B 158 -34.98 8.01 -17.38
N ASP B 159 -36.20 8.53 -17.56
CA ASP B 159 -37.26 8.27 -16.60
C ASP B 159 -37.52 6.78 -16.44
N LYS B 160 -37.39 6.02 -17.53
CA LYS B 160 -37.63 4.58 -17.46
C LYS B 160 -36.68 3.90 -16.49
N GLY B 161 -35.50 4.48 -16.24
CA GLY B 161 -34.57 3.95 -15.26
C GLY B 161 -33.48 3.10 -15.86
N GLY B 162 -33.79 2.37 -16.93
CA GLY B 162 -32.82 1.53 -17.57
C GLY B 162 -31.81 2.31 -18.40
N LEU B 163 -30.67 1.66 -18.66
CA LEU B 163 -29.65 2.30 -19.47
C LEU B 163 -30.03 2.32 -20.95
N ILE B 164 -30.79 1.32 -21.41
CA ILE B 164 -31.19 1.28 -22.80
C ILE B 164 -32.01 2.51 -23.20
N PRO B 165 -33.08 2.88 -22.50
CA PRO B 165 -33.79 4.10 -22.89
C PRO B 165 -32.94 5.34 -22.80
N PHE B 166 -32.02 5.42 -21.83
CA PHE B 166 -31.15 6.59 -21.75
C PHE B 166 -30.27 6.70 -22.99
N CYS B 167 -29.67 5.58 -23.42
CA CYS B 167 -28.84 5.64 -24.60
C CYS B 167 -29.67 5.87 -25.86
N GLN B 168 -30.90 5.35 -25.89
CA GLN B 168 -31.79 5.64 -27.00
C GLN B 168 -32.06 7.13 -27.09
N ASP B 169 -32.33 7.77 -25.95
CA ASP B 169 -32.48 9.22 -25.93
C ASP B 169 -31.20 9.91 -26.40
N ILE B 170 -30.05 9.38 -25.99
CA ILE B 170 -28.78 9.97 -26.41
C ILE B 170 -28.70 10.00 -27.93
N ILE B 171 -28.96 8.86 -28.58
CA ILE B 171 -28.82 8.82 -30.03
C ILE B 171 -29.90 9.66 -30.69
N ASP B 172 -31.12 9.64 -30.15
CA ASP B 172 -32.19 10.43 -30.74
C ASP B 172 -31.92 11.93 -30.62
N SER B 173 -31.14 12.34 -29.62
CA SER B 173 -30.82 13.75 -29.47
C SER B 173 -30.06 14.27 -30.68
N LEU B 174 -29.24 13.43 -31.30
CA LEU B 174 -28.52 13.85 -32.50
C LEU B 174 -29.46 14.20 -33.64
N ASP B 175 -30.71 13.75 -33.59
CA ASP B 175 -31.67 14.02 -34.65
C ASP B 175 -32.44 15.31 -34.44
N ARG B 176 -32.44 15.86 -33.23
CA ARG B 176 -33.24 17.05 -32.96
C ARG B 176 -32.72 18.24 -33.77
N PRO B 177 -33.59 18.98 -34.46
CA PRO B 177 -33.09 20.13 -35.22
C PRO B 177 -32.42 21.17 -34.34
N GLU B 178 -32.94 21.39 -33.13
CA GLU B 178 -32.35 22.34 -32.19
C GLU B 178 -32.49 21.78 -30.79
N MET B 179 -31.57 22.18 -29.92
CA MET B 179 -31.51 21.67 -28.55
C MET B 179 -31.45 22.82 -27.57
N THR B 180 -32.21 22.70 -26.48
CA THR B 180 -32.20 23.67 -25.40
C THR B 180 -31.59 23.04 -24.15
N PHE B 181 -30.72 23.80 -23.48
CA PHE B 181 -29.97 23.26 -22.36
C PHE B 181 -29.77 24.33 -21.29
N PHE B 182 -29.46 23.87 -20.09
CA PHE B 182 -29.18 24.75 -18.96
C PHE B 182 -27.69 25.06 -18.94
N SER B 183 -27.36 26.34 -19.05
CA SER B 183 -25.98 26.81 -19.00
C SER B 183 -25.79 27.69 -17.77
N VAL B 184 -24.52 27.95 -17.45
CA VAL B 184 -24.14 28.82 -16.36
C VAL B 184 -23.40 30.00 -16.95
N LYS B 185 -23.90 31.20 -16.71
CA LYS B 185 -23.32 32.41 -17.28
C LYS B 185 -23.10 33.47 -16.20
N PRO B 205 -22.02 34.16 -11.51
CA PRO B 205 -22.64 33.12 -12.34
C PRO B 205 -24.11 32.87 -11.99
N MET B 206 -24.91 32.54 -12.99
CA MET B 206 -26.32 32.24 -12.79
C MET B 206 -26.79 31.28 -13.86
N LYS B 207 -27.86 30.54 -13.54
CA LYS B 207 -28.41 29.56 -14.47
C LYS B 207 -29.22 30.26 -15.55
N VAL B 208 -29.14 29.73 -16.77
CA VAL B 208 -29.79 30.32 -17.93
C VAL B 208 -30.15 29.20 -18.90
N LYS B 209 -31.09 29.47 -19.80
CA LYS B 209 -31.46 28.54 -20.85
C LYS B 209 -30.88 29.02 -22.17
N ASP B 210 -30.17 28.12 -22.87
CA ASP B 210 -29.53 28.46 -24.13
C ASP B 210 -29.86 27.42 -25.18
N LYS B 211 -29.96 27.88 -26.43
CA LYS B 211 -30.38 27.05 -27.54
C LYS B 211 -29.27 26.96 -28.58
N ILE B 212 -29.04 25.75 -29.09
CA ILE B 212 -28.02 25.52 -30.10
C ILE B 212 -28.62 24.71 -31.24
N THR B 213 -27.99 24.81 -32.41
CA THR B 213 -28.49 24.12 -33.60
C THR B 213 -28.01 22.68 -33.61
N LYS B 214 -28.55 21.90 -34.55
CA LYS B 214 -28.28 20.47 -34.59
C LYS B 214 -26.79 20.19 -34.82
N VAL B 215 -26.18 20.90 -35.76
CA VAL B 215 -24.77 20.66 -36.06
C VAL B 215 -23.91 21.02 -34.85
N GLU B 216 -24.20 22.15 -34.20
CA GLU B 216 -23.43 22.55 -33.03
C GLU B 216 -23.58 21.54 -31.91
N TYR B 217 -24.81 21.04 -31.68
CA TYR B 217 -25.00 20.03 -30.66
C TYR B 217 -24.23 18.75 -31.00
N ILE B 218 -24.23 18.36 -32.27
CA ILE B 218 -23.50 17.16 -32.68
C ILE B 218 -22.02 17.35 -32.40
N LYS B 219 -21.48 18.51 -32.76
CA LYS B 219 -20.07 18.78 -32.50
C LYS B 219 -19.76 18.73 -31.01
N ARG B 220 -20.62 19.34 -30.20
CA ARG B 220 -20.39 19.34 -28.76
C ARG B 220 -20.43 17.93 -28.19
N ALA B 221 -21.40 17.12 -28.64
CA ALA B 221 -21.48 15.75 -28.14
C ALA B 221 -20.25 14.95 -28.55
N LEU B 222 -19.77 15.14 -29.76
CA LEU B 222 -18.58 14.46 -30.25
C LEU B 222 -17.29 15.11 -29.77
N SER B 223 -17.38 16.25 -29.09
CA SER B 223 -16.19 16.99 -28.70
C SER B 223 -15.47 16.31 -27.53
N LEU B 224 -14.19 16.64 -27.39
CA LEU B 224 -13.34 16.11 -26.33
C LEU B 224 -12.67 17.27 -25.60
N ASN B 225 -12.53 17.15 -24.29
CA ASN B 225 -11.77 18.12 -23.53
C ASN B 225 -10.35 17.61 -23.35
N THR B 226 -9.39 18.52 -23.44
CA THR B 226 -7.98 18.15 -23.39
C THR B 226 -7.28 18.93 -22.28
N MET B 227 -6.41 18.24 -21.55
CA MET B 227 -5.64 18.88 -20.49
C MET B 227 -4.33 18.14 -20.31
N THR B 228 -3.30 18.87 -19.89
CA THR B 228 -2.00 18.26 -19.67
C THR B 228 -2.06 17.28 -18.51
N LYS B 229 -1.43 16.12 -18.70
CA LYS B 229 -1.33 15.17 -17.61
C LYS B 229 -0.36 15.68 -16.56
N ASP B 230 -0.79 15.70 -15.30
CA ASP B 230 0.01 16.24 -14.21
C ASP B 230 0.47 15.12 -13.29
N ALA B 231 1.67 15.29 -12.75
CA ALA B 231 2.26 14.36 -11.79
C ALA B 231 2.57 13.00 -12.42
N GLU B 232 2.84 12.98 -13.73
CA GLU B 232 3.26 11.76 -14.38
C GLU B 232 4.75 11.51 -14.14
N ARG B 233 5.09 10.28 -13.82
CA ARG B 233 6.46 9.92 -13.48
C ARG B 233 7.16 9.31 -14.69
N GLY B 234 8.48 9.50 -14.73
CA GLY B 234 9.30 8.89 -15.77
C GLY B 234 9.05 9.40 -17.17
N LYS B 235 8.73 10.68 -17.32
CA LYS B 235 8.55 11.29 -18.63
C LYS B 235 9.06 12.72 -18.59
N LEU B 236 10.12 12.99 -19.34
CA LEU B 236 10.73 14.32 -19.31
C LEU B 236 9.76 15.38 -19.83
N LYS B 237 9.09 15.09 -20.94
CA LYS B 237 8.19 16.05 -21.58
C LYS B 237 6.74 15.68 -21.28
N ARG B 238 5.93 16.69 -21.04
CA ARG B 238 4.53 16.47 -20.71
C ARG B 238 3.76 15.96 -21.93
N ARG B 239 2.62 15.33 -21.65
CA ARG B 239 1.73 14.84 -22.69
C ARG B 239 0.30 15.16 -22.29
N ALA B 240 -0.55 15.35 -23.30
CA ALA B 240 -1.94 15.71 -23.06
C ALA B 240 -2.82 14.47 -22.95
N ILE B 241 -3.93 14.62 -22.23
CA ILE B 241 -4.92 13.57 -22.08
C ILE B 241 -6.29 14.16 -22.36
N ALA B 242 -7.23 13.28 -22.68
CA ALA B 242 -8.55 13.68 -23.15
C ALA B 242 -9.63 13.07 -22.26
N THR B 243 -10.65 13.88 -21.98
CA THR B 243 -11.85 13.44 -21.29
C THR B 243 -13.01 13.58 -22.25
N ALA B 244 -13.85 12.54 -22.33
CA ALA B 244 -14.95 12.50 -23.25
C ALA B 244 -16.23 13.02 -22.60
N GLY B 245 -17.28 13.12 -23.40
CA GLY B 245 -18.57 13.58 -22.91
C GLY B 245 -19.34 12.49 -22.21
N ILE B 246 -20.50 12.88 -21.67
CA ILE B 246 -21.35 11.92 -20.96
C ILE B 246 -22.17 11.09 -21.91
N GLN B 247 -22.33 11.51 -23.17
CA GLN B 247 -23.18 10.78 -24.10
C GLN B 247 -22.64 9.38 -24.37
N ILE B 248 -21.33 9.25 -24.55
CA ILE B 248 -20.75 7.99 -24.98
C ILE B 248 -20.37 7.08 -23.81
N ARG B 249 -20.62 7.51 -22.57
CA ARG B 249 -20.17 6.72 -21.44
C ARG B 249 -20.85 5.36 -21.38
N GLY B 250 -22.13 5.30 -21.73
CA GLY B 250 -22.81 4.00 -21.73
C GLY B 250 -22.26 3.05 -22.77
N PHE B 251 -22.06 3.55 -23.99
CA PHE B 251 -21.57 2.69 -25.06
C PHE B 251 -20.15 2.22 -24.77
N VAL B 252 -19.28 3.12 -24.31
CA VAL B 252 -17.93 2.70 -23.96
C VAL B 252 -17.97 1.74 -22.79
N LEU B 253 -18.90 1.93 -21.86
CA LEU B 253 -19.01 1.01 -20.73
C LEU B 253 -19.34 -0.39 -21.21
N VAL B 254 -20.34 -0.52 -22.10
CA VAL B 254 -20.72 -1.85 -22.55
C VAL B 254 -19.61 -2.47 -23.39
N VAL B 255 -18.95 -1.67 -24.23
CA VAL B 255 -17.85 -2.20 -25.03
C VAL B 255 -16.72 -2.71 -24.13
N GLU B 256 -16.40 -1.94 -23.09
CA GLU B 256 -15.35 -2.35 -22.17
C GLU B 256 -15.76 -3.59 -21.38
N ASN B 257 -17.04 -3.70 -21.01
CA ASN B 257 -17.49 -4.92 -20.34
C ASN B 257 -17.33 -6.13 -21.25
N LEU B 258 -17.69 -5.99 -22.53
CA LEU B 258 -17.50 -7.09 -23.48
C LEU B 258 -16.03 -7.46 -23.59
N ALA B 259 -15.16 -6.46 -23.75
CA ALA B 259 -13.74 -6.73 -23.89
C ALA B 259 -13.17 -7.36 -22.62
N LYS B 260 -13.64 -6.92 -21.46
CA LYS B 260 -13.21 -7.51 -20.21
C LYS B 260 -13.63 -8.97 -20.11
N ASN B 261 -14.87 -9.27 -20.54
CA ASN B 261 -15.31 -10.66 -20.54
C ASN B 261 -14.43 -11.50 -21.43
N ILE B 262 -14.04 -10.97 -22.59
CA ILE B 262 -13.12 -11.71 -23.45
C ILE B 262 -11.75 -11.87 -22.79
N CYS B 263 -11.24 -10.81 -22.17
CA CYS B 263 -9.90 -10.84 -21.61
C CYS B 263 -9.81 -11.84 -20.46
N GLU B 264 -10.85 -11.90 -19.62
CA GLU B 264 -10.81 -12.76 -18.46
C GLU B 264 -10.49 -14.20 -18.84
N ASN B 265 -10.97 -14.64 -19.99
CA ASN B 265 -10.76 -16.01 -20.44
C ASN B 265 -9.50 -16.18 -21.29
N LEU B 266 -8.75 -15.11 -21.52
CA LEU B 266 -7.54 -15.18 -22.34
C LEU B 266 -6.33 -15.39 -21.43
N GLU B 267 -5.57 -16.46 -21.70
CA GLU B 267 -4.43 -16.80 -20.85
C GLU B 267 -3.36 -15.72 -20.90
N GLN B 268 -3.11 -15.14 -22.07
CA GLN B 268 -2.04 -14.17 -22.25
C GLN B 268 -2.47 -12.76 -21.91
N SER B 269 -3.70 -12.55 -21.45
CA SER B 269 -4.17 -11.23 -21.07
C SER B 269 -3.67 -10.89 -19.68
N GLY B 270 -2.79 -9.90 -19.59
CA GLY B 270 -2.28 -9.47 -18.31
C GLY B 270 -3.26 -8.55 -17.59
N LEU B 271 -4.50 -9.01 -17.46
CA LEU B 271 -5.56 -8.21 -16.87
C LEU B 271 -6.68 -9.15 -16.46
N PRO B 272 -7.62 -8.67 -15.63
CA PRO B 272 -7.69 -7.37 -14.97
C PRO B 272 -7.11 -7.39 -13.58
N VAL B 273 -6.81 -8.57 -13.04
CA VAL B 273 -6.36 -8.66 -11.65
C VAL B 273 -4.97 -8.06 -11.51
N GLY B 274 -4.69 -7.52 -10.33
CA GLY B 274 -3.38 -6.99 -10.02
C GLY B 274 -2.90 -7.51 -8.69
N GLY B 275 -1.57 -7.49 -8.54
CA GLY B 275 -0.96 -7.94 -7.31
C GLY B 275 -0.49 -9.38 -7.38
N ASN B 276 -0.93 -10.20 -6.42
CA ASN B 276 -0.44 -11.58 -6.35
C ASN B 276 -0.75 -12.35 -7.62
N GLU B 277 -1.96 -12.21 -8.15
CA GLU B 277 -2.29 -12.89 -9.39
C GLU B 277 -1.40 -12.42 -10.53
N LYS B 278 -0.96 -11.16 -10.50
CA LYS B 278 -0.07 -10.67 -11.54
C LYS B 278 1.26 -11.41 -11.52
N LYS B 279 1.88 -11.52 -10.34
CA LYS B 279 3.13 -12.25 -10.23
C LYS B 279 2.93 -13.73 -10.59
N ALA B 280 1.81 -14.30 -10.13
CA ALA B 280 1.53 -15.69 -10.45
C ALA B 280 1.41 -15.89 -11.95
N LYS B 281 0.72 -14.98 -12.64
CA LYS B 281 0.58 -15.09 -14.09
C LYS B 281 1.92 -14.96 -14.78
N LEU B 282 2.75 -14.01 -14.34
CA LEU B 282 4.08 -13.87 -14.93
C LEU B 282 4.88 -15.16 -14.78
N SER B 283 4.95 -15.69 -13.56
CA SER B 283 5.73 -16.89 -13.32
C SER B 283 5.17 -18.07 -14.11
N ASN B 284 3.85 -18.23 -14.13
CA ASN B 284 3.25 -19.34 -14.84
C ASN B 284 3.53 -19.25 -16.33
N ALA B 285 3.42 -18.06 -16.91
CA ALA B 285 3.74 -17.91 -18.33
C ALA B 285 5.20 -18.25 -18.59
N VAL B 286 6.11 -17.76 -17.75
CA VAL B 286 7.53 -18.05 -17.96
C VAL B 286 7.76 -19.55 -17.91
N ALA B 287 7.22 -20.23 -16.89
CA ALA B 287 7.46 -21.66 -16.74
C ALA B 287 6.85 -22.45 -17.88
N LYS B 288 5.60 -22.16 -18.23
CA LYS B 288 4.98 -22.80 -19.40
C LYS B 288 5.85 -22.61 -20.63
N MET B 289 6.48 -21.44 -20.75
CA MET B 289 7.25 -21.15 -21.95
C MET B 289 8.54 -21.94 -21.97
N LEU B 290 9.21 -22.05 -20.82
CA LEU B 290 10.41 -22.90 -20.76
C LEU B 290 10.07 -24.34 -21.08
N SER B 291 8.98 -24.85 -20.49
CA SER B 291 8.66 -26.26 -20.65
C SER B 291 8.35 -26.61 -22.10
N ASN B 292 7.78 -25.67 -22.85
CA ASN B 292 7.37 -25.91 -24.23
C ASN B 292 8.50 -25.66 -25.23
N CYS B 293 9.75 -25.65 -24.77
CA CYS B 293 10.87 -25.37 -25.66
C CYS B 293 11.40 -26.66 -26.26
N PRO B 294 11.55 -26.74 -27.58
CA PRO B 294 12.09 -27.97 -28.18
C PRO B 294 13.48 -28.25 -27.64
N PRO B 295 13.82 -29.51 -27.42
CA PRO B 295 15.12 -29.82 -26.82
C PRO B 295 16.26 -29.28 -27.67
N GLY B 296 17.27 -28.74 -27.00
CA GLY B 296 18.41 -28.16 -27.67
C GLY B 296 18.18 -26.77 -28.26
N GLY B 297 16.98 -26.22 -28.09
CA GLY B 297 16.66 -24.91 -28.61
C GLY B 297 16.97 -23.82 -27.62
N ILE B 298 16.32 -22.67 -27.79
CA ILE B 298 16.54 -21.53 -26.92
C ILE B 298 15.27 -20.71 -26.83
N SER B 299 15.07 -20.08 -25.68
CA SER B 299 13.93 -19.21 -25.39
C SER B 299 14.44 -17.81 -25.10
N MET B 300 13.83 -16.81 -25.75
CA MET B 300 14.20 -15.41 -25.56
C MET B 300 12.97 -14.58 -25.26
N THR B 301 13.13 -13.63 -24.34
CA THR B 301 12.06 -12.75 -23.90
C THR B 301 12.36 -11.33 -24.35
N VAL B 302 11.36 -10.68 -24.94
CA VAL B 302 11.44 -9.30 -25.39
C VAL B 302 10.55 -8.48 -24.47
N THR B 303 11.17 -7.56 -23.73
CA THR B 303 10.42 -6.55 -23.00
C THR B 303 10.13 -5.41 -23.97
N GLY B 304 8.85 -5.21 -24.29
CA GLY B 304 8.50 -4.20 -25.26
C GLY B 304 7.78 -3.02 -24.66
N ASP B 305 7.77 -1.91 -25.37
CA ASP B 305 6.98 -0.75 -25.01
C ASP B 305 6.39 -0.19 -26.29
N ASN B 306 5.10 0.07 -26.30
CA ASN B 306 4.41 0.53 -27.49
C ASN B 306 4.50 2.05 -27.57
N THR B 307 5.14 2.54 -28.63
CA THR B 307 5.23 3.97 -28.86
C THR B 307 4.04 4.43 -29.69
N LYS B 308 3.46 5.56 -29.29
CA LYS B 308 2.28 6.10 -29.95
C LYS B 308 1.14 5.07 -29.96
N TRP B 309 1.04 4.31 -28.86
CA TRP B 309 0.00 3.29 -28.77
C TRP B 309 -1.38 3.89 -29.02
N ASN B 310 -1.71 4.96 -28.31
CA ASN B 310 -3.01 5.59 -28.49
C ASN B 310 -3.13 6.20 -29.88
N GLU B 311 -2.08 6.85 -30.36
CA GLU B 311 -2.16 7.58 -31.62
C GLU B 311 -2.38 6.63 -32.80
N CYS B 312 -1.66 5.51 -32.83
CA CYS B 312 -1.68 4.66 -34.01
C CYS B 312 -2.97 3.84 -34.12
N LEU B 313 -3.54 3.43 -33.00
CA LEU B 313 -4.79 2.68 -33.05
C LEU B 313 -5.88 3.50 -33.71
N ASN B 314 -6.71 2.84 -34.52
CA ASN B 314 -7.75 3.51 -35.27
C ASN B 314 -9.12 3.07 -34.79
N PRO B 315 -10.06 4.00 -34.56
CA PRO B 315 -11.40 3.58 -34.11
C PRO B 315 -12.11 2.65 -35.07
N ARG B 316 -11.89 2.79 -36.38
CA ARG B 316 -12.56 1.93 -37.34
C ARG B 316 -12.17 0.47 -37.14
N ILE B 317 -10.90 0.22 -36.78
CA ILE B 317 -10.48 -1.14 -36.47
C ILE B 317 -11.27 -1.67 -35.29
N PHE B 318 -11.49 -0.84 -34.27
CA PHE B 318 -12.30 -1.26 -33.14
C PHE B 318 -13.74 -1.51 -33.55
N LEU B 319 -14.27 -0.73 -34.49
CA LEU B 319 -15.61 -0.99 -35.01
C LEU B 319 -15.68 -2.36 -35.65
N ALA B 320 -14.67 -2.69 -36.47
CA ALA B 320 -14.63 -4.01 -37.09
C ALA B 320 -14.50 -5.09 -36.02
N MET B 321 -13.71 -4.83 -34.99
CA MET B 321 -13.56 -5.81 -33.91
C MET B 321 -14.90 -6.08 -33.24
N THR B 322 -15.65 -5.03 -32.93
CA THR B 322 -16.96 -5.21 -32.30
C THR B 322 -17.90 -5.96 -33.22
N GLU B 323 -17.90 -5.62 -34.52
CA GLU B 323 -18.76 -6.32 -35.46
C GLU B 323 -18.43 -7.81 -35.51
N ARG B 324 -17.15 -8.16 -35.50
CA ARG B 324 -16.78 -9.57 -35.56
C ARG B 324 -17.07 -10.28 -34.25
N ILE B 325 -16.90 -9.59 -33.12
CA ILE B 325 -17.15 -10.21 -31.82
C ILE B 325 -18.63 -10.55 -31.68
N THR B 326 -19.51 -9.69 -32.19
CA THR B 326 -20.95 -9.89 -32.10
C THR B 326 -21.51 -10.53 -33.36
N ARG B 327 -20.76 -11.44 -33.98
CA ARG B 327 -21.21 -12.08 -35.20
C ARG B 327 -22.55 -12.78 -35.01
N ASP B 328 -22.69 -13.52 -33.92
CA ASP B 328 -23.89 -14.31 -33.64
C ASP B 328 -24.75 -13.69 -32.55
N SER B 329 -24.84 -12.37 -32.52
CA SER B 329 -25.64 -11.66 -31.54
C SER B 329 -26.77 -10.89 -32.21
N PRO B 330 -27.80 -10.53 -31.46
CA PRO B 330 -28.96 -9.86 -32.08
C PRO B 330 -28.55 -8.55 -32.72
N ILE B 331 -29.29 -8.17 -33.78
CA ILE B 331 -28.94 -6.99 -34.55
C ILE B 331 -28.90 -5.76 -33.65
N TRP B 332 -29.87 -5.63 -32.74
CA TRP B 332 -29.92 -4.45 -31.90
C TRP B 332 -28.66 -4.34 -31.03
N PHE B 333 -28.21 -5.46 -30.47
CA PHE B 333 -27.00 -5.41 -29.65
C PHE B 333 -25.77 -5.13 -30.50
N ARG B 334 -25.74 -5.63 -31.73
CA ARG B 334 -24.64 -5.30 -32.63
C ARG B 334 -24.58 -3.80 -32.85
N ASP B 335 -25.74 -3.18 -33.11
CA ASP B 335 -25.76 -1.72 -33.27
C ASP B 335 -25.29 -1.03 -32.00
N PHE B 336 -25.76 -1.51 -30.85
CA PHE B 336 -25.39 -0.86 -29.59
C PHE B 336 -23.89 -0.91 -29.37
N CYS B 337 -23.27 -2.06 -29.63
CA CYS B 337 -21.82 -2.14 -29.52
C CYS B 337 -21.14 -1.25 -30.55
N SER B 338 -21.67 -1.21 -31.77
CA SER B 338 -21.01 -0.48 -32.85
C SER B 338 -21.08 1.03 -32.67
N ILE B 339 -22.03 1.53 -31.87
CA ILE B 339 -22.17 2.98 -31.74
C ILE B 339 -20.87 3.61 -31.26
N ALA B 340 -20.29 3.08 -30.19
CA ALA B 340 -19.13 3.75 -29.58
C ALA B 340 -17.99 3.93 -30.56
N PRO B 341 -17.54 2.91 -31.29
CA PRO B 341 -16.51 3.15 -32.31
C PRO B 341 -16.93 4.20 -33.33
N VAL B 342 -18.20 4.25 -33.69
CA VAL B 342 -18.65 5.23 -34.68
C VAL B 342 -18.44 6.64 -34.16
N LEU B 343 -18.87 6.90 -32.93
CA LEU B 343 -18.69 8.23 -32.36
C LEU B 343 -17.22 8.56 -32.18
N PHE B 344 -16.42 7.59 -31.74
CA PHE B 344 -14.99 7.86 -31.56
C PHE B 344 -14.33 8.18 -32.89
N SER B 345 -14.68 7.47 -33.95
CA SER B 345 -14.07 7.72 -35.26
C SER B 345 -14.39 9.12 -35.76
N ASN B 346 -15.46 9.73 -35.26
CA ASN B 346 -15.83 11.09 -35.63
C ASN B 346 -15.56 12.08 -34.51
N LYS B 347 -14.69 11.74 -33.58
CA LYS B 347 -14.44 12.59 -32.42
C LYS B 347 -13.77 13.89 -32.86
N ILE B 348 -14.01 14.94 -32.06
CA ILE B 348 -13.41 16.25 -32.28
C ILE B 348 -12.72 16.66 -30.98
N ALA B 349 -11.52 17.22 -31.09
CA ALA B 349 -10.70 17.55 -29.93
C ALA B 349 -10.71 19.04 -29.68
N ARG B 350 -10.95 19.43 -28.43
CA ARG B 350 -10.80 20.82 -28.02
C ARG B 350 -9.33 21.11 -27.72
N LEU B 351 -8.88 22.28 -28.10
CA LEU B 351 -7.46 22.62 -28.02
C LEU B 351 -7.09 23.30 -26.71
N GLY B 352 -8.01 23.44 -25.77
CA GLY B 352 -7.66 23.93 -24.45
C GLY B 352 -7.85 25.42 -24.26
N LYS B 353 -6.88 26.06 -23.60
CA LYS B 353 -7.00 27.46 -23.22
C LYS B 353 -6.40 28.42 -24.23
N GLY B 354 -5.48 27.97 -25.07
CA GLY B 354 -4.86 28.84 -26.06
C GLY B 354 -3.40 29.09 -25.78
N PHE B 355 -2.90 30.26 -26.20
CA PHE B 355 -1.48 30.57 -26.07
C PHE B 355 -1.32 31.99 -25.51
N MET B 356 -0.23 32.20 -24.77
CA MET B 356 0.04 33.50 -24.17
C MET B 356 1.12 34.22 -24.98
N ILE B 357 0.81 35.43 -25.43
CA ILE B 357 1.74 36.26 -26.17
C ILE B 357 2.10 37.45 -25.29
N THR B 358 3.39 37.74 -25.18
CA THR B 358 3.89 38.74 -24.24
C THR B 358 4.87 39.68 -24.92
N SER B 359 4.80 40.96 -24.54
CA SER B 359 5.79 41.96 -24.90
C SER B 359 6.60 42.26 -23.64
N LYS B 360 7.88 41.91 -23.67
CA LYS B 360 8.74 42.10 -22.51
C LYS B 360 9.04 43.58 -22.29
N THR B 361 9.18 44.34 -23.38
CA THR B 361 9.52 45.76 -23.24
C THR B 361 8.44 46.49 -22.44
N LYS B 362 7.17 46.21 -22.71
CA LYS B 362 6.07 46.83 -22.00
C LYS B 362 5.59 45.98 -20.82
N ARG B 363 6.18 44.82 -20.59
CA ARG B 363 5.75 43.93 -19.51
C ARG B 363 4.26 43.67 -19.60
N LEU B 364 3.83 43.23 -20.78
CA LEU B 364 2.42 42.98 -21.04
C LEU B 364 2.23 41.55 -21.52
N LYS B 365 1.13 40.94 -21.12
CA LYS B 365 0.76 39.59 -21.55
C LYS B 365 -0.69 39.57 -21.99
N ALA B 366 -0.99 38.67 -22.93
CA ALA B 366 -2.35 38.53 -23.44
C ALA B 366 -2.58 37.10 -23.86
N GLN B 367 -3.74 36.56 -23.48
CA GLN B 367 -4.11 35.19 -23.78
C GLN B 367 -4.95 35.16 -25.04
N ILE B 368 -4.48 34.43 -26.05
CA ILE B 368 -5.22 34.19 -27.29
C ILE B 368 -5.94 32.86 -27.15
N PRO B 369 -7.26 32.83 -27.05
CA PRO B 369 -7.97 31.55 -26.99
C PRO B 369 -7.88 30.80 -28.30
N CYS B 370 -8.33 29.55 -28.26
CA CYS B 370 -8.22 28.68 -29.43
C CYS B 370 -8.94 29.25 -30.65
N PRO B 371 -10.17 29.74 -30.56
CA PRO B 371 -10.83 30.26 -31.77
C PRO B 371 -10.03 31.36 -32.46
N ASP B 372 -9.35 32.20 -31.70
CA ASP B 372 -8.54 33.29 -32.25
C ASP B 372 -7.09 32.88 -32.46
N LEU B 373 -6.82 31.58 -32.60
CA LEU B 373 -5.43 31.14 -32.74
C LEU B 373 -4.78 31.70 -33.99
N PHE B 374 -5.53 31.73 -35.09
CA PHE B 374 -5.02 32.25 -36.35
C PHE B 374 -5.38 33.72 -36.57
N SER B 375 -5.98 34.37 -35.57
CA SER B 375 -6.35 35.77 -35.71
C SER B 375 -5.14 36.69 -35.85
N ILE B 376 -3.94 36.19 -35.57
CA ILE B 376 -2.72 36.99 -35.66
C ILE B 376 -1.77 36.31 -36.64
N PRO B 377 -0.91 37.05 -37.33
CA PRO B 377 0.05 36.41 -38.25
C PRO B 377 0.94 35.45 -37.49
N LEU B 378 1.23 34.31 -38.13
CA LEU B 378 2.01 33.28 -37.47
C LEU B 378 3.43 33.71 -37.17
N GLU B 379 3.90 34.79 -37.80
CA GLU B 379 5.27 35.26 -37.53
C GLU B 379 5.43 35.67 -36.08
N ARG B 380 4.34 36.05 -35.41
CA ARG B 380 4.42 36.48 -34.02
C ARG B 380 4.49 35.31 -33.05
N TYR B 381 4.35 34.08 -33.52
CA TYR B 381 4.54 32.90 -32.70
C TYR B 381 5.99 32.47 -32.75
N ASN B 382 6.39 31.65 -31.77
CA ASN B 382 7.73 31.09 -31.79
C ASN B 382 7.81 29.99 -32.84
N GLU B 383 9.03 29.50 -33.08
CA GLU B 383 9.24 28.53 -34.16
C GLU B 383 8.39 27.28 -33.95
N GLU B 384 8.43 26.71 -32.75
CA GLU B 384 7.72 25.47 -32.50
C GLU B 384 6.22 25.65 -32.72
N THR B 385 5.64 26.67 -32.10
CA THR B 385 4.21 26.91 -32.28
C THR B 385 3.90 27.28 -33.73
N ARG B 386 4.81 27.98 -34.39
CA ARG B 386 4.59 28.31 -35.80
C ARG B 386 4.43 27.06 -36.63
N ALA B 387 5.37 26.11 -36.50
CA ALA B 387 5.26 24.87 -37.25
C ALA B 387 4.01 24.09 -36.85
N LYS B 388 3.71 24.06 -35.55
CA LYS B 388 2.54 23.31 -35.08
C LYS B 388 1.28 23.84 -35.73
N LEU B 389 1.07 25.16 -35.68
CA LEU B 389 -0.14 25.73 -36.26
C LEU B 389 -0.15 25.58 -37.78
N LYS B 390 1.01 25.71 -38.42
CA LYS B 390 1.06 25.54 -39.88
C LYS B 390 0.60 24.14 -40.27
N LYS B 391 1.02 23.13 -39.52
CA LYS B 391 0.59 21.77 -39.80
C LYS B 391 -0.85 21.52 -39.37
N LEU B 392 -1.34 22.24 -38.36
CA LEU B 392 -2.70 22.04 -37.88
C LEU B 392 -3.74 22.69 -38.78
N LYS B 393 -3.35 23.73 -39.51
CA LYS B 393 -4.28 24.52 -40.33
C LYS B 393 -5.37 23.67 -40.97
N PRO B 394 -5.03 22.66 -41.76
CA PRO B 394 -6.09 21.92 -42.48
C PRO B 394 -7.12 21.27 -41.57
N PHE B 395 -6.72 20.81 -40.40
CA PHE B 395 -7.63 20.13 -39.48
C PHE B 395 -8.30 21.07 -38.50
N PHE B 396 -8.06 22.37 -38.62
CA PHE B 396 -8.64 23.33 -37.68
C PHE B 396 -10.09 23.64 -38.05
N ASN B 397 -10.86 24.06 -37.06
CA ASN B 397 -12.24 24.46 -37.24
C ASN B 397 -12.42 25.89 -36.76
N GLU B 398 -13.40 26.58 -37.35
CA GLU B 398 -13.61 28.00 -37.03
C GLU B 398 -13.85 28.22 -35.56
N GLU B 399 -14.46 27.26 -34.87
CA GLU B 399 -14.83 27.42 -33.48
C GLU B 399 -13.71 27.07 -32.51
N GLY B 400 -12.55 26.62 -33.01
CA GLY B 400 -11.42 26.33 -32.17
C GLY B 400 -11.19 24.88 -31.84
N THR B 401 -11.83 23.96 -32.53
CA THR B 401 -11.65 22.53 -32.33
C THR B 401 -11.01 21.91 -33.56
N ALA B 402 -10.40 20.74 -33.37
CA ALA B 402 -9.66 20.06 -34.42
C ALA B 402 -10.26 18.69 -34.69
N SER B 403 -10.34 18.33 -35.96
CA SER B 403 -10.82 17.00 -36.34
C SER B 403 -9.75 15.97 -36.07
N LEU B 404 -10.11 14.90 -35.38
CA LEU B 404 -9.17 13.87 -34.95
C LEU B 404 -9.74 12.49 -35.22
N SER B 405 -10.22 12.29 -36.44
CA SER B 405 -10.85 11.02 -36.78
C SER B 405 -9.98 9.81 -36.48
N PRO B 406 -8.69 9.80 -36.81
CA PRO B 406 -7.83 8.71 -36.35
C PRO B 406 -7.37 8.94 -34.93
N GLY B 407 -6.75 7.90 -34.37
CA GLY B 407 -6.20 7.97 -33.03
C GLY B 407 -7.21 7.64 -31.96
N MET B 408 -6.69 7.40 -30.76
CA MET B 408 -7.48 7.01 -29.60
C MET B 408 -7.05 7.83 -28.38
N MET B 409 -6.96 9.15 -28.55
CA MET B 409 -6.28 10.00 -27.58
C MET B 409 -6.78 9.76 -26.15
N MET B 410 -8.09 9.56 -25.98
CA MET B 410 -8.64 9.39 -24.64
C MET B 410 -8.37 8.02 -24.05
N GLY B 411 -7.88 7.07 -24.84
CA GLY B 411 -7.82 5.71 -24.36
C GLY B 411 -9.22 5.15 -24.25
N MET B 412 -9.61 4.77 -23.04
CA MET B 412 -10.96 4.28 -22.71
C MET B 412 -11.28 2.96 -23.39
N PHE B 413 -10.38 2.43 -24.21
CA PHE B 413 -10.53 1.11 -24.81
C PHE B 413 -9.36 0.23 -24.38
N ASN B 414 -9.00 0.32 -23.11
CA ASN B 414 -7.90 -0.49 -22.60
C ASN B 414 -8.20 -1.97 -22.76
N MET B 415 -9.44 -2.38 -22.45
CA MET B 415 -9.81 -3.78 -22.59
C MET B 415 -9.82 -4.20 -24.06
N LEU B 416 -10.44 -3.39 -24.92
CA LEU B 416 -10.50 -3.76 -26.34
C LEU B 416 -9.11 -3.72 -26.98
N SER B 417 -8.30 -2.72 -26.62
CA SER B 417 -6.94 -2.67 -27.14
C SER B 417 -6.14 -3.86 -26.66
N THR B 418 -6.34 -4.27 -25.40
CA THR B 418 -5.69 -5.48 -24.90
C THR B 418 -6.14 -6.70 -25.69
N VAL B 419 -7.43 -6.76 -26.05
CA VAL B 419 -7.92 -7.88 -26.85
C VAL B 419 -7.20 -7.90 -28.19
N LEU B 420 -7.04 -6.74 -28.82
CA LEU B 420 -6.35 -6.66 -30.09
C LEU B 420 -4.89 -7.13 -29.95
N GLY B 421 -4.22 -6.68 -28.90
CA GLY B 421 -2.84 -7.10 -28.69
C GLY B 421 -2.73 -8.60 -28.48
N VAL B 422 -3.65 -9.17 -27.71
CA VAL B 422 -3.64 -10.62 -27.48
C VAL B 422 -3.88 -11.35 -28.79
N ALA B 423 -4.84 -10.87 -29.59
CA ALA B 423 -5.09 -11.49 -30.88
C ALA B 423 -3.83 -11.47 -31.74
N ALA B 424 -3.10 -10.35 -31.74
CA ALA B 424 -1.83 -10.29 -32.45
C ALA B 424 -0.87 -11.34 -31.90
N LEU B 425 -0.81 -11.49 -30.59
CA LEU B 425 0.02 -12.50 -29.96
C LEU B 425 -0.42 -13.92 -30.30
N GLY B 426 -1.66 -14.10 -30.76
CA GLY B 426 -2.19 -15.44 -30.97
C GLY B 426 -1.76 -16.11 -32.25
N ILE B 427 -1.08 -15.41 -33.15
CA ILE B 427 -0.68 -16.01 -34.42
C ILE B 427 0.34 -17.12 -34.19
N LYS B 428 1.38 -16.81 -33.40
CA LYS B 428 2.31 -17.82 -32.91
C LYS B 428 3.25 -18.36 -33.98
N ASN B 429 3.06 -17.98 -35.24
CA ASN B 429 3.96 -18.47 -36.29
C ASN B 429 3.56 -17.83 -37.61
N ILE B 430 4.55 -17.69 -38.50
CA ILE B 430 4.34 -17.17 -39.84
C ILE B 430 5.06 -18.07 -40.83
N GLY B 431 4.35 -18.52 -41.86
CA GLY B 431 4.96 -19.31 -42.90
C GLY B 431 5.54 -20.63 -42.43
N ASN B 432 5.00 -21.19 -41.35
CA ASN B 432 5.45 -22.48 -40.84
C ASN B 432 6.95 -22.46 -40.56
N LYS B 433 7.46 -21.32 -40.10
CA LYS B 433 8.87 -21.20 -39.80
C LYS B 433 9.20 -21.91 -38.49
N GLU B 434 10.49 -22.13 -38.27
CA GLU B 434 10.97 -22.92 -37.13
C GLU B 434 11.10 -22.05 -35.88
N TYR B 435 9.96 -21.54 -35.42
CA TYR B 435 9.93 -20.78 -34.18
C TYR B 435 8.49 -20.59 -33.75
N LEU B 436 8.28 -20.54 -32.44
CA LEU B 436 6.98 -20.25 -31.86
C LEU B 436 7.09 -19.01 -30.99
N TRP B 437 5.99 -18.28 -30.83
CA TRP B 437 6.00 -17.12 -29.94
C TRP B 437 4.67 -16.97 -29.23
N ASP B 438 4.74 -16.59 -27.97
CA ASP B 438 3.59 -16.26 -27.14
C ASP B 438 3.99 -15.08 -26.26
N GLY B 439 3.23 -14.80 -25.23
CA GLY B 439 3.61 -13.79 -24.28
C GLY B 439 2.43 -13.20 -23.55
N LEU B 440 2.67 -12.05 -22.93
CA LEU B 440 1.66 -11.34 -22.15
C LEU B 440 1.51 -9.92 -22.67
N GLN B 441 0.28 -9.44 -22.68
CA GLN B 441 -0.07 -8.11 -23.16
C GLN B 441 -0.98 -7.43 -22.15
N SER B 442 -0.70 -6.16 -21.85
CA SER B 442 -1.53 -5.39 -20.94
C SER B 442 -1.48 -3.94 -21.41
N SER B 443 -2.59 -3.48 -21.98
CA SER B 443 -2.68 -2.11 -22.48
C SER B 443 -1.54 -1.81 -23.44
N ASP B 444 -0.58 -0.99 -23.02
CA ASP B 444 0.50 -0.53 -23.87
C ASP B 444 1.83 -1.20 -23.56
N ASP B 445 1.84 -2.22 -22.71
CA ASP B 445 3.06 -2.94 -22.36
C ASP B 445 2.91 -4.41 -22.72
N PHE B 446 4.03 -5.07 -23.00
CA PHE B 446 3.97 -6.47 -23.36
C PHE B 446 5.33 -7.12 -23.20
N ALA B 447 5.30 -8.44 -23.00
CA ALA B 447 6.48 -9.28 -22.98
C ALA B 447 6.26 -10.41 -23.96
N LEU B 448 7.17 -10.56 -24.92
CA LEU B 448 7.03 -11.52 -26.01
C LEU B 448 8.09 -12.60 -25.85
N PHE B 449 7.65 -13.83 -25.59
CA PHE B 449 8.54 -14.97 -25.47
C PHE B 449 8.57 -15.71 -26.81
N VAL B 450 9.77 -16.08 -27.26
CA VAL B 450 9.95 -16.76 -28.54
C VAL B 450 10.89 -17.93 -28.32
N ASN B 451 10.50 -19.09 -28.82
CA ASN B 451 11.32 -20.29 -28.76
C ASN B 451 11.71 -20.72 -30.16
N ALA B 452 12.97 -21.14 -30.31
CA ALA B 452 13.48 -21.59 -31.60
C ALA B 452 14.63 -22.54 -31.35
N LYS B 453 15.40 -22.83 -32.41
CA LYS B 453 16.59 -23.67 -32.28
C LYS B 453 17.83 -22.86 -31.96
N ASP B 454 17.86 -21.59 -32.35
CA ASP B 454 19.01 -20.74 -32.10
C ASP B 454 18.54 -19.30 -31.98
N GLU B 455 19.36 -18.47 -31.34
CA GLU B 455 18.98 -17.09 -31.09
C GLU B 455 18.68 -16.34 -32.38
N GLU B 456 19.40 -16.65 -33.46
CA GLU B 456 19.13 -15.99 -34.74
C GLU B 456 17.70 -16.25 -35.19
N THR B 457 17.24 -17.50 -35.06
CA THR B 457 15.86 -17.81 -35.40
C THR B 457 14.88 -17.09 -34.48
N CYS B 458 15.25 -16.92 -33.21
CA CYS B 458 14.38 -16.18 -32.30
C CYS B 458 14.24 -14.73 -32.74
N MET B 459 15.36 -14.11 -33.14
CA MET B 459 15.29 -12.75 -33.64
C MET B 459 14.48 -12.69 -34.94
N GLU B 460 14.60 -13.70 -35.79
CA GLU B 460 13.76 -13.75 -36.98
C GLU B 460 12.28 -13.76 -36.60
N GLY B 461 11.93 -14.59 -35.63
CA GLY B 461 10.54 -14.64 -35.18
C GLY B 461 10.09 -13.31 -34.58
N ILE B 462 10.98 -12.64 -33.86
CA ILE B 462 10.62 -11.36 -33.28
C ILE B 462 10.42 -10.31 -34.38
N ASN B 463 11.23 -10.37 -35.44
CA ASN B 463 11.02 -9.50 -36.58
C ASN B 463 9.67 -9.77 -37.24
N ASP B 464 9.32 -11.04 -37.39
CA ASP B 464 8.02 -11.38 -37.95
C ASP B 464 6.89 -10.85 -37.08
N PHE B 465 7.05 -10.96 -35.76
CA PHE B 465 6.04 -10.43 -34.85
C PHE B 465 5.94 -8.91 -34.99
N TYR B 466 7.07 -8.23 -35.13
CA TYR B 466 7.05 -6.78 -35.31
C TYR B 466 6.29 -6.41 -36.57
N ARG B 467 6.53 -7.12 -37.65
CA ARG B 467 5.81 -6.84 -38.89
C ARG B 467 4.32 -7.12 -38.72
N THR B 468 3.97 -8.22 -38.06
CA THR B 468 2.56 -8.53 -37.83
C THR B 468 1.89 -7.43 -37.01
N CYS B 469 2.55 -6.96 -35.96
CA CYS B 469 1.99 -5.87 -35.16
C CYS B 469 1.84 -4.60 -35.97
N LYS B 470 2.84 -4.26 -36.79
CA LYS B 470 2.68 -3.16 -37.73
C LYS B 470 1.41 -3.33 -38.54
N LEU B 471 1.16 -4.54 -39.03
CA LEU B 471 0.00 -4.81 -39.86
C LEU B 471 -1.32 -4.54 -39.16
N LEU B 472 -1.39 -4.70 -37.84
CA LEU B 472 -2.63 -4.52 -37.09
C LEU B 472 -2.72 -3.15 -36.42
N GLY B 473 -1.82 -2.23 -36.74
CA GLY B 473 -1.87 -0.91 -36.16
C GLY B 473 -1.20 -0.77 -34.82
N ILE B 474 -0.33 -1.72 -34.45
CA ILE B 474 0.46 -1.64 -33.22
C ILE B 474 1.92 -1.47 -33.61
N ASN B 475 2.58 -0.51 -32.98
CA ASN B 475 3.98 -0.19 -33.26
C ASN B 475 4.80 -0.46 -32.00
N MET B 476 5.55 -1.56 -32.03
CA MET B 476 6.53 -1.81 -30.96
C MET B 476 7.66 -0.79 -31.06
N SER B 477 8.08 -0.28 -29.91
CA SER B 477 9.09 0.78 -29.86
C SER B 477 10.48 0.14 -29.85
N LYS B 478 11.26 0.40 -30.88
CA LYS B 478 12.61 -0.17 -30.95
C LYS B 478 13.57 0.54 -30.00
N LYS B 479 13.29 1.80 -29.66
CA LYS B 479 14.20 2.54 -28.79
C LYS B 479 14.08 2.07 -27.34
N LYS B 480 12.88 1.68 -26.92
CA LYS B 480 12.62 1.33 -25.53
C LYS B 480 12.51 -0.16 -25.27
N SER B 481 12.35 -0.97 -26.30
CA SER B 481 12.25 -2.42 -26.13
C SER B 481 13.63 -3.05 -26.19
N TYR B 482 13.73 -4.26 -25.65
CA TYR B 482 14.97 -5.01 -25.74
C TYR B 482 14.66 -6.49 -25.55
N CYS B 483 15.67 -7.32 -25.79
CA CYS B 483 15.51 -8.77 -25.73
C CYS B 483 16.66 -9.38 -24.96
N ASN B 484 16.39 -10.52 -24.33
CA ASN B 484 17.44 -11.26 -23.61
C ASN B 484 16.94 -12.67 -23.37
N GLU B 485 17.88 -13.58 -23.12
CA GLU B 485 17.52 -14.98 -22.93
C GLU B 485 16.49 -15.10 -21.81
N THR B 486 15.51 -15.99 -22.02
CA THR B 486 14.39 -16.09 -21.10
C THR B 486 14.88 -16.38 -19.68
N GLY B 487 14.23 -15.75 -18.71
CA GLY B 487 14.61 -15.90 -17.33
C GLY B 487 14.53 -14.62 -16.54
N MET B 488 14.67 -13.49 -17.23
CA MET B 488 14.55 -12.18 -16.59
C MET B 488 13.91 -11.22 -17.58
N PHE B 489 13.05 -10.35 -17.07
CA PHE B 489 12.37 -9.38 -17.92
C PHE B 489 11.61 -8.40 -17.03
N GLU B 490 10.85 -7.51 -17.67
CA GLU B 490 10.06 -6.50 -16.99
C GLU B 490 8.71 -6.39 -17.66
N PHE B 491 7.68 -6.07 -16.87
CA PHE B 491 6.32 -5.99 -17.38
C PHE B 491 5.50 -5.12 -16.45
N THR B 492 5.08 -3.95 -16.94
CA THR B 492 4.23 -3.04 -16.18
C THR B 492 4.81 -2.75 -14.80
N SER B 493 6.10 -2.39 -14.79
CA SER B 493 6.84 -2.04 -13.58
C SER B 493 7.06 -3.22 -12.66
N MET B 494 6.80 -4.44 -13.12
CA MET B 494 7.06 -5.65 -12.36
C MET B 494 8.28 -6.35 -12.96
N PHE B 495 9.32 -6.52 -12.16
CA PHE B 495 10.59 -7.06 -12.63
C PHE B 495 10.71 -8.51 -12.20
N TYR B 496 11.00 -9.39 -13.16
CA TYR B 496 11.12 -10.81 -12.93
C TYR B 496 12.56 -11.22 -13.19
N ARG B 497 13.11 -12.03 -12.28
CA ARG B 497 14.47 -12.54 -12.40
C ARG B 497 14.53 -13.87 -11.67
N ASP B 498 14.57 -14.97 -12.42
CA ASP B 498 14.69 -16.31 -11.84
C ASP B 498 13.68 -16.52 -10.72
N GLY B 499 12.42 -16.44 -11.08
CA GLY B 499 11.34 -16.66 -10.11
C GLY B 499 11.09 -15.49 -9.18
N PHE B 500 12.14 -14.94 -8.60
CA PHE B 500 12.00 -13.84 -7.66
C PHE B 500 11.52 -12.59 -8.38
N VAL B 501 10.25 -12.25 -8.20
CA VAL B 501 9.69 -11.00 -8.73
C VAL B 501 9.90 -9.91 -7.70
N SER B 502 10.52 -8.80 -8.13
CA SER B 502 10.93 -7.77 -7.19
C SER B 502 9.75 -7.17 -6.44
N ASN B 503 8.90 -6.43 -7.15
CA ASN B 503 7.74 -5.79 -6.56
C ASN B 503 7.03 -5.03 -7.67
N PHE B 504 5.85 -4.50 -7.34
CA PHE B 504 5.15 -3.56 -8.21
C PHE B 504 5.48 -2.16 -7.69
N ALA B 505 6.48 -1.54 -8.31
CA ALA B 505 6.92 -0.23 -7.87
C ALA B 505 5.77 0.77 -8.00
N MET B 506 5.23 1.20 -6.86
CA MET B 506 4.12 2.14 -6.84
C MET B 506 4.46 3.28 -5.90
N GLU B 507 3.95 4.47 -6.22
CA GLU B 507 4.22 5.65 -5.43
C GLU B 507 3.62 5.45 -4.05
N LEU B 508 4.47 5.14 -3.06
CA LEU B 508 3.98 5.11 -1.71
C LEU B 508 3.39 6.46 -1.34
N PRO B 509 2.17 6.50 -0.75
CA PRO B 509 1.51 7.78 -0.45
C PRO B 509 1.94 8.43 0.86
N SER B 510 1.46 9.66 1.10
CA SER B 510 1.71 10.43 2.31
C SER B 510 0.75 9.93 3.38
N PHE B 511 1.29 9.17 4.33
CA PHE B 511 0.53 8.69 5.47
C PHE B 511 0.26 9.86 6.39
N GLY B 512 -0.54 10.81 5.90
CA GLY B 512 -0.88 12.00 6.64
C GLY B 512 -2.31 11.99 7.15
N VAL B 513 -2.74 13.16 7.61
CA VAL B 513 -4.07 13.31 8.16
C VAL B 513 -5.10 13.13 7.05
N ALA B 514 -6.05 12.22 7.25
CA ALA B 514 -7.06 11.97 6.23
C ALA B 514 -7.96 13.19 6.04
N GLY B 515 -8.33 13.85 7.13
CA GLY B 515 -9.00 15.13 7.03
C GLY B 515 -10.51 15.12 7.11
N VAL B 516 -11.06 14.51 8.16
CA VAL B 516 -12.50 14.56 8.39
C VAL B 516 -12.80 15.04 9.81
N ASN B 517 -12.26 14.37 10.80
CA ASN B 517 -12.53 14.65 12.21
C ASN B 517 -11.37 14.06 13.01
N GLU B 518 -11.57 13.83 14.30
CA GLU B 518 -10.51 13.26 15.13
C GLU B 518 -10.50 11.74 15.07
N SER B 519 -11.67 11.10 15.18
CA SER B 519 -11.72 9.64 15.30
C SER B 519 -11.75 8.96 13.94
N ALA B 520 -12.68 9.36 13.07
CA ALA B 520 -12.72 8.79 11.73
C ALA B 520 -11.40 9.02 11.01
N ASP B 521 -10.67 10.07 11.38
CA ASP B 521 -9.35 10.30 10.80
C ASP B 521 -8.40 9.16 11.13
N MET B 522 -8.29 8.80 12.40
CA MET B 522 -7.44 7.68 12.78
C MET B 522 -7.93 6.40 12.11
N ALA B 523 -9.25 6.21 12.06
CA ALA B 523 -9.79 5.02 11.41
C ALA B 523 -9.33 4.94 9.96
N ILE B 524 -9.46 6.05 9.23
CA ILE B 524 -9.04 6.09 7.83
C ILE B 524 -7.56 5.81 7.73
N GLY B 525 -6.75 6.42 8.59
CA GLY B 525 -5.31 6.20 8.51
C GLY B 525 -4.94 4.75 8.68
N MET B 526 -5.47 4.11 9.72
CA MET B 526 -5.12 2.72 9.96
C MET B 526 -5.65 1.82 8.85
N THR B 527 -6.84 2.13 8.33
CA THR B 527 -7.38 1.34 7.23
C THR B 527 -6.52 1.46 5.99
N ILE B 528 -6.03 2.66 5.69
CA ILE B 528 -5.21 2.81 4.50
C ILE B 528 -3.88 2.10 4.68
N ILE B 529 -3.31 2.15 5.89
CA ILE B 529 -2.10 1.38 6.15
C ILE B 529 -2.36 -0.11 5.93
N LYS B 530 -3.47 -0.61 6.45
CA LYS B 530 -3.78 -2.03 6.31
C LYS B 530 -3.95 -2.40 4.83
N ASN B 531 -4.69 -1.57 4.09
CA ASN B 531 -4.92 -1.88 2.68
C ASN B 531 -3.63 -1.83 1.88
N ASN B 532 -2.81 -0.80 2.11
CA ASN B 532 -1.53 -0.72 1.42
C ASN B 532 -0.64 -1.91 1.74
N MET B 533 -0.77 -2.44 2.96
CA MET B 533 -0.04 -3.66 3.30
C MET B 533 -0.60 -4.86 2.56
N ILE B 534 -1.93 -4.95 2.46
CA ILE B 534 -2.57 -6.18 2.01
C ILE B 534 -2.68 -6.25 0.49
N ASN B 535 -2.94 -5.13 -0.18
CA ASN B 535 -3.07 -5.09 -1.63
C ASN B 535 -1.76 -4.73 -2.31
N ASN B 536 -1.17 -3.60 -1.94
CA ASN B 536 0.10 -3.17 -2.52
C ASN B 536 1.26 -3.77 -1.73
N GLY B 537 2.46 -3.56 -2.26
CA GLY B 537 3.65 -4.10 -1.64
C GLY B 537 4.15 -3.25 -0.48
N MET B 538 4.14 -3.82 0.73
CA MET B 538 4.75 -3.19 1.88
C MET B 538 4.96 -4.24 2.96
N GLY B 539 6.17 -4.29 3.50
CA GLY B 539 6.52 -5.28 4.49
C GLY B 539 6.20 -4.85 5.91
N PRO B 540 6.56 -5.68 6.89
CA PRO B 540 6.22 -5.35 8.28
C PRO B 540 6.91 -4.12 8.81
N ALA B 541 8.23 -4.04 8.69
CA ALA B 541 8.96 -2.89 9.20
C ALA B 541 8.51 -1.61 8.51
N THR B 542 8.31 -1.68 7.20
CA THR B 542 7.82 -0.50 6.47
C THR B 542 6.46 -0.07 6.98
N ALA B 543 5.57 -1.04 7.24
CA ALA B 543 4.25 -0.68 7.74
C ALA B 543 4.33 -0.07 9.13
N GLN B 544 5.21 -0.59 9.99
CA GLN B 544 5.34 -0.03 11.32
C GLN B 544 5.90 1.39 11.28
N THR B 545 6.90 1.63 10.42
CA THR B 545 7.38 2.99 10.22
C THR B 545 6.26 3.87 9.65
N ALA B 546 5.40 3.30 8.81
CA ALA B 546 4.25 4.04 8.30
C ALA B 546 3.32 4.45 9.43
N ILE B 547 3.09 3.53 10.36
CA ILE B 547 2.22 3.84 11.50
C ILE B 547 2.85 4.94 12.34
N GLN B 548 4.15 4.85 12.59
CA GLN B 548 4.83 5.89 13.37
C GLN B 548 4.69 7.25 12.68
N LEU B 549 4.95 7.30 11.38
CA LEU B 549 4.87 8.57 10.66
C LEU B 549 3.45 9.12 10.70
N PHE B 550 2.46 8.26 10.48
CA PHE B 550 1.08 8.74 10.51
C PHE B 550 0.70 9.28 11.87
N ILE B 551 1.12 8.59 12.94
CA ILE B 551 0.80 9.07 14.28
C ILE B 551 1.47 10.40 14.55
N ALA B 552 2.72 10.54 14.10
CA ALA B 552 3.41 11.82 14.28
C ALA B 552 2.66 12.95 13.58
N ASP B 553 2.27 12.71 12.32
CA ASP B 553 1.54 13.74 11.58
C ASP B 553 0.19 14.04 12.24
N TYR B 554 -0.50 12.99 12.71
CA TYR B 554 -1.78 13.18 13.37
C TYR B 554 -1.63 14.05 14.61
N ARG B 555 -0.64 13.72 15.45
CA ARG B 555 -0.45 14.48 16.67
C ARG B 555 -0.05 15.93 16.37
N TYR B 556 0.77 16.14 15.35
CA TYR B 556 1.13 17.50 14.98
C TYR B 556 -0.08 18.27 14.48
N THR B 557 -0.90 17.64 13.64
CA THR B 557 -2.04 18.33 13.05
C THR B 557 -3.06 18.70 14.11
N TYR B 558 -3.40 17.76 14.99
CA TYR B 558 -4.41 18.02 16.01
C TYR B 558 -3.82 18.57 17.30
N LYS B 559 -2.50 18.75 17.38
CA LYS B 559 -1.88 19.32 18.57
C LYS B 559 -2.28 18.55 19.82
N CYS B 560 -2.25 17.21 19.70
CA CYS B 560 -2.64 16.34 20.81
C CYS B 560 -1.48 15.44 21.20
N HIS B 561 -0.28 16.01 21.30
CA HIS B 561 0.90 15.23 21.66
C HIS B 561 0.68 14.54 23.00
N ARG B 562 1.57 13.61 23.32
CA ARG B 562 1.42 12.82 24.53
C ARG B 562 1.26 13.72 25.75
N GLY B 563 0.45 13.27 26.70
CA GLY B 563 0.20 14.06 27.89
C GLY B 563 1.47 14.38 28.65
N ASP B 564 2.40 13.43 28.71
CA ASP B 564 3.69 13.67 29.34
C ASP B 564 4.66 14.39 28.43
N SER B 565 4.30 14.61 27.17
CA SER B 565 5.17 15.35 26.27
C SER B 565 5.19 16.82 26.65
N LYS B 566 6.38 17.33 26.96
CA LYS B 566 6.54 18.70 27.46
C LYS B 566 6.31 19.76 26.39
N VAL B 567 5.87 19.40 25.18
CA VAL B 567 5.50 20.42 24.20
C VAL B 567 4.38 21.28 24.78
N GLU B 568 4.45 22.58 24.50
CA GLU B 568 3.50 23.55 25.03
C GLU B 568 2.59 24.05 23.92
N GLY B 569 1.32 24.28 24.27
CA GLY B 569 0.35 24.78 23.32
C GLY B 569 -0.94 25.09 24.04
N LYS B 570 -1.85 25.75 23.32
CA LYS B 570 -3.12 26.15 23.92
C LYS B 570 -3.91 24.92 24.38
N ARG B 571 -4.25 24.04 23.44
CA ARG B 571 -4.95 22.82 23.80
C ARG B 571 -4.03 21.87 24.58
N MET B 572 -2.74 21.89 24.28
CA MET B 572 -1.82 20.97 24.94
C MET B 572 -1.77 21.24 26.44
N LYS B 573 -2.07 22.47 26.88
CA LYS B 573 -2.10 22.76 28.30
C LYS B 573 -3.22 21.99 28.98
N ILE B 574 -4.43 22.03 28.42
CA ILE B 574 -5.52 21.26 28.98
C ILE B 574 -5.24 19.77 28.86
N ILE B 575 -4.54 19.37 27.80
CA ILE B 575 -4.16 17.95 27.66
C ILE B 575 -3.25 17.54 28.80
N LYS B 576 -2.27 18.37 29.14
CA LYS B 576 -1.39 18.08 30.26
C LYS B 576 -2.18 18.03 31.56
N GLU B 577 -3.14 18.94 31.73
CA GLU B 577 -3.98 18.92 32.92
C GLU B 577 -4.73 17.60 33.01
N LEU B 578 -5.27 17.12 31.89
CA LEU B 578 -5.92 15.82 31.86
C LEU B 578 -4.94 14.72 32.25
N TRP B 579 -3.72 14.77 31.69
CA TRP B 579 -2.72 13.74 31.99
C TRP B 579 -2.45 13.68 33.48
N GLU B 580 -2.24 14.83 34.12
CA GLU B 580 -2.04 14.84 35.57
C GLU B 580 -3.26 14.32 36.30
N ASN B 581 -4.45 14.76 35.88
CA ASN B 581 -5.68 14.29 36.51
C ASN B 581 -5.85 12.79 36.32
N THR B 582 -5.56 12.30 35.12
CA THR B 582 -5.81 10.89 34.81
C THR B 582 -5.01 9.98 35.74
N LYS B 583 -5.65 8.88 36.14
CA LYS B 583 -5.01 7.84 36.94
C LYS B 583 -4.55 6.67 36.07
N GLY B 584 -5.44 6.13 35.25
CA GLY B 584 -5.07 5.10 34.30
C GLY B 584 -4.71 5.67 32.95
N ARG B 585 -3.42 5.87 32.71
CA ARG B 585 -2.97 6.50 31.48
C ARG B 585 -2.94 5.54 30.29
N ASP B 586 -2.98 4.23 30.54
CA ASP B 586 -2.90 3.28 29.43
C ASP B 586 -4.10 3.43 28.50
N GLY B 587 -5.28 3.62 29.06
CA GLY B 587 -6.49 3.74 28.25
C GLY B 587 -6.84 5.16 27.88
N LEU B 588 -5.99 5.80 27.08
CA LEU B 588 -6.25 7.14 26.57
C LEU B 588 -6.02 7.14 25.07
N LEU B 589 -6.88 7.87 24.34
CA LEU B 589 -6.73 7.97 22.90
C LEU B 589 -5.63 8.96 22.55
N VAL B 590 -4.94 8.70 21.44
CA VAL B 590 -3.87 9.60 21.01
C VAL B 590 -4.45 10.98 20.76
N ALA B 591 -5.72 11.07 20.40
CA ALA B 591 -6.37 12.37 20.26
C ALA B 591 -6.36 13.16 21.55
N ASP B 592 -6.31 12.48 22.69
CA ASP B 592 -6.25 13.12 24.01
C ASP B 592 -4.88 12.95 24.65
N GLY B 593 -3.83 12.85 23.85
CA GLY B 593 -2.49 12.69 24.37
C GLY B 593 -2.19 11.32 24.91
N GLY B 594 -3.02 10.33 24.59
CA GLY B 594 -2.81 8.99 25.08
C GLY B 594 -1.71 8.27 24.32
N PRO B 595 -1.20 7.19 24.89
CA PRO B 595 -0.14 6.44 24.21
C PRO B 595 -0.66 5.79 22.93
N ASN B 596 0.22 5.66 21.96
CA ASN B 596 -0.10 4.95 20.72
C ASN B 596 -0.06 3.45 20.99
N ILE B 597 -1.16 2.77 20.70
CA ILE B 597 -1.26 1.33 20.94
C ILE B 597 -1.30 0.53 19.64
N TYR B 598 -1.54 1.17 18.51
CA TYR B 598 -1.72 0.44 17.26
C TYR B 598 -0.46 -0.30 16.87
N ASN B 599 -0.64 -1.39 16.13
CA ASN B 599 0.46 -2.19 15.62
C ASN B 599 -0.07 -2.96 14.41
N LEU B 600 0.73 -3.87 13.88
CA LEU B 600 0.28 -4.65 12.73
C LEU B 600 -0.93 -5.50 13.09
N ARG B 601 -0.92 -6.11 14.27
CA ARG B 601 -2.01 -7.02 14.64
C ARG B 601 -3.34 -6.29 14.71
N ASN B 602 -3.39 -5.18 15.45
CA ASN B 602 -4.64 -4.47 15.71
C ASN B 602 -4.86 -3.31 14.75
N LEU B 603 -4.38 -3.45 13.51
CA LEU B 603 -4.56 -2.39 12.52
C LEU B 603 -6.04 -2.18 12.22
N HIS B 604 -6.80 -3.26 12.14
CA HIS B 604 -8.18 -3.21 11.67
C HIS B 604 -9.18 -2.84 12.76
N ILE B 605 -8.77 -2.84 14.03
CA ILE B 605 -9.72 -2.64 15.13
C ILE B 605 -9.68 -1.17 15.57
N PRO B 606 -10.83 -0.53 15.77
CA PRO B 606 -10.82 0.88 16.22
C PRO B 606 -10.16 1.02 17.58
N GLU B 607 -9.49 2.16 17.78
CA GLU B 607 -8.71 2.36 18.99
C GLU B 607 -9.58 2.42 20.23
N ILE B 608 -10.77 3.01 20.10
CA ILE B 608 -11.62 3.20 21.28
C ILE B 608 -11.98 1.85 21.89
N VAL B 609 -12.31 0.86 21.05
CA VAL B 609 -12.63 -0.46 21.58
C VAL B 609 -11.39 -1.12 22.16
N LEU B 610 -10.23 -0.92 21.53
CA LEU B 610 -8.98 -1.45 22.08
C LEU B 610 -8.77 -0.98 23.51
N LYS B 611 -8.87 0.33 23.73
CA LYS B 611 -8.54 0.88 25.03
C LYS B 611 -9.69 0.81 26.03
N TYR B 612 -10.90 0.48 25.58
CA TYR B 612 -12.08 0.55 26.44
C TYR B 612 -11.86 -0.16 27.77
N ASN B 613 -11.32 -1.39 27.72
CA ASN B 613 -11.10 -2.15 28.94
C ASN B 613 -10.15 -1.42 29.88
N LEU B 614 -9.27 -0.58 29.35
CA LEU B 614 -8.27 0.09 30.15
C LEU B 614 -8.75 1.45 30.68
N MET B 615 -9.62 2.12 29.94
CA MET B 615 -10.01 3.47 30.34
C MET B 615 -10.84 3.42 31.61
N ASP B 616 -10.58 4.37 32.50
CA ASP B 616 -11.33 4.45 33.75
C ASP B 616 -12.63 5.20 33.52
N PRO B 617 -13.65 4.96 34.37
CA PRO B 617 -14.93 5.65 34.17
C PRO B 617 -14.81 7.17 34.25
N GLU B 618 -13.86 7.69 35.02
CA GLU B 618 -13.74 9.12 35.25
C GLU B 618 -13.73 9.89 33.93
N TYR B 619 -13.01 9.36 32.93
CA TYR B 619 -12.96 9.94 31.59
C TYR B 619 -13.74 9.14 30.58
N LYS B 620 -13.85 7.82 30.77
CA LYS B 620 -14.58 6.99 29.84
C LYS B 620 -16.04 7.44 29.75
N GLY B 621 -16.66 7.74 30.89
CA GLY B 621 -18.03 8.21 30.86
C GLY B 621 -18.18 9.48 30.05
N ARG B 622 -17.27 10.43 30.23
CA ARG B 622 -17.35 11.68 29.48
C ARG B 622 -17.18 11.43 27.99
N LEU B 623 -16.24 10.57 27.60
CA LEU B 623 -16.03 10.31 26.19
C LEU B 623 -17.28 9.72 25.56
N LEU B 624 -17.85 8.68 26.18
CA LEU B 624 -19.02 8.01 25.64
C LEU B 624 -20.31 8.64 26.18
N HIS B 625 -20.42 9.95 26.05
CA HIS B 625 -21.64 10.63 26.46
C HIS B 625 -22.70 10.47 25.37
N PRO B 626 -23.88 9.94 25.71
CA PRO B 626 -24.90 9.75 24.65
C PRO B 626 -25.23 11.06 23.95
N GLN B 627 -25.65 12.07 24.71
CA GLN B 627 -25.98 13.37 24.16
C GLN B 627 -24.78 14.32 24.20
N ASN B 628 -23.65 13.87 23.69
CA ASN B 628 -22.47 14.74 23.64
C ASN B 628 -22.77 15.94 22.75
N PRO B 629 -22.33 17.14 23.12
CA PRO B 629 -22.68 18.34 22.37
C PRO B 629 -21.86 18.57 21.11
N PHE B 630 -21.06 17.60 20.67
CA PHE B 630 -20.17 17.78 19.53
C PHE B 630 -20.68 17.10 18.27
N VAL B 631 -21.00 15.81 18.34
CA VAL B 631 -21.41 15.08 17.15
C VAL B 631 -22.71 15.66 16.60
N GLY B 632 -23.67 15.94 17.48
CA GLY B 632 -24.93 16.47 17.02
C GLY B 632 -25.67 15.47 16.15
N HIS B 633 -26.59 15.99 15.35
CA HIS B 633 -27.35 15.15 14.44
C HIS B 633 -26.42 14.47 13.45
N LEU B 634 -26.63 13.17 13.26
CA LEU B 634 -25.81 12.35 12.39
C LEU B 634 -26.58 11.94 11.14
N SER B 635 -25.85 11.46 10.15
CA SER B 635 -26.41 10.95 8.91
C SER B 635 -25.75 9.61 8.58
N ILE B 636 -26.47 8.79 7.82
CA ILE B 636 -25.95 7.48 7.45
C ILE B 636 -24.61 7.64 6.75
N GLU B 637 -24.44 8.70 5.95
CA GLU B 637 -23.15 8.97 5.33
C GLU B 637 -22.11 9.34 6.37
N GLY B 638 -22.50 10.09 7.40
CA GLY B 638 -21.53 10.65 8.32
C GLY B 638 -20.70 9.59 9.02
N ILE B 639 -21.36 8.56 9.58
CA ILE B 639 -20.63 7.56 10.35
C ILE B 639 -19.81 6.66 9.43
N LYS B 640 -20.35 6.33 8.26
CA LYS B 640 -19.65 5.42 7.35
C LYS B 640 -18.81 6.16 6.32
N GLU B 641 -19.29 7.29 5.82
CA GLU B 641 -18.54 8.06 4.84
C GLU B 641 -17.94 9.32 5.46
N MET B 654 -14.90 5.41 0.28
CA MET B 654 -14.38 4.44 1.23
C MET B 654 -15.12 4.51 2.55
N ASP B 655 -15.21 3.38 3.24
CA ASP B 655 -15.90 3.28 4.51
C ASP B 655 -14.91 3.01 5.64
N TYR B 656 -15.36 3.21 6.87
CA TYR B 656 -14.49 3.10 8.03
C TYR B 656 -15.32 2.73 9.26
N ASP B 657 -14.61 2.32 10.30
CA ASP B 657 -15.22 1.99 11.58
C ASP B 657 -14.82 3.02 12.62
N ALA B 658 -15.76 3.41 13.47
CA ALA B 658 -15.51 4.40 14.51
C ALA B 658 -16.62 4.30 15.54
N VAL B 659 -16.49 5.09 16.60
CA VAL B 659 -17.47 5.16 17.68
C VAL B 659 -17.96 6.60 17.77
N SER B 660 -19.28 6.76 17.90
CA SER B 660 -19.85 8.10 17.99
C SER B 660 -19.55 8.72 19.35
N GLY B 661 -18.30 9.06 19.59
CA GLY B 661 -17.87 9.68 20.82
C GLY B 661 -17.74 11.19 20.68
N THR B 662 -16.84 11.77 21.49
CA THR B 662 -16.58 13.19 21.43
C THR B 662 -15.62 13.56 20.32
N HIS B 663 -15.08 12.57 19.60
CA HIS B 663 -14.14 12.80 18.50
C HIS B 663 -14.76 12.53 17.14
N SER B 664 -16.09 12.64 17.04
CA SER B 664 -16.80 12.50 15.77
C SER B 664 -17.38 13.83 15.30
N TRP B 665 -16.89 14.95 15.83
CA TRP B 665 -17.41 16.25 15.46
C TRP B 665 -17.23 16.49 13.96
N ARG B 666 -17.86 17.55 13.47
CA ARG B 666 -17.86 17.91 12.07
C ARG B 666 -17.20 19.27 11.89
N THR B 667 -17.23 19.76 10.65
CA THR B 667 -16.60 21.04 10.31
C THR B 667 -17.48 22.19 10.84
N LYS B 668 -17.16 23.40 10.42
CA LYS B 668 -17.91 24.58 10.84
C LYS B 668 -19.39 24.45 10.46
N ASN D 44 -7.21 20.82 -0.96
CA ASN D 44 -6.45 19.96 -0.05
C ASN D 44 -7.25 19.66 1.21
N PRO D 45 -7.64 18.41 1.42
CA PRO D 45 -8.38 18.08 2.64
C PRO D 45 -7.51 18.10 3.88
N SER D 46 -6.28 17.58 3.78
CA SER D 46 -5.41 17.52 4.94
C SER D 46 -5.11 18.90 5.49
N LEU D 47 -4.83 19.86 4.61
CA LEU D 47 -4.51 21.21 5.08
C LEU D 47 -5.76 21.93 5.60
N ARG D 48 -6.95 21.48 5.19
CA ARG D 48 -8.15 22.29 5.42
C ARG D 48 -8.44 22.46 6.90
N MET D 49 -7.98 21.55 7.76
CA MET D 49 -8.26 21.65 9.18
C MET D 49 -7.05 22.02 10.04
N LYS D 50 -5.84 22.03 9.48
CA LYS D 50 -4.74 22.62 10.21
C LYS D 50 -4.97 24.11 10.47
N TRP D 51 -5.86 24.73 9.70
CA TRP D 51 -6.21 26.12 9.90
C TRP D 51 -7.51 26.30 10.68
N ALA D 52 -8.34 25.25 10.74
CA ALA D 52 -9.55 25.31 11.55
C ALA D 52 -9.20 25.48 13.02
N MET D 53 -8.15 24.80 13.48
CA MET D 53 -7.72 24.95 14.86
C MET D 53 -7.38 26.40 15.19
N CYS D 54 -6.77 27.10 14.23
CA CYS D 54 -6.49 28.52 14.46
C CYS D 54 -7.77 29.32 14.67
N SER D 55 -8.88 28.84 14.15
CA SER D 55 -10.15 29.52 14.33
C SER D 55 -10.58 29.47 15.79
N ASN D 56 -11.33 30.50 16.20
CA ASN D 56 -11.83 30.53 17.57
C ASN D 56 -12.75 29.36 17.86
N PHE D 57 -13.61 29.01 16.90
CA PHE D 57 -14.56 27.91 17.07
C PHE D 57 -14.80 27.28 15.71
N PRO D 58 -14.09 26.20 15.37
CA PRO D 58 -14.31 25.52 14.09
C PRO D 58 -15.37 24.42 14.12
N LEU D 59 -15.80 23.98 15.29
CA LEU D 59 -16.77 22.90 15.42
C LEU D 59 -18.17 23.47 15.58
N ALA D 60 -19.16 22.62 15.29
CA ALA D 60 -20.57 22.99 15.39
C ALA D 60 -21.11 22.50 16.73
N LEU D 61 -21.36 23.43 17.64
CA LEU D 61 -21.90 23.08 18.94
C LEU D 61 -23.38 22.75 18.83
N THR D 62 -23.86 21.98 19.80
CA THR D 62 -25.28 21.66 19.89
C THR D 62 -26.01 22.81 20.57
N LYS D 63 -27.27 22.59 20.93
CA LYS D 63 -28.09 23.60 21.59
C LYS D 63 -28.71 23.01 22.85
N GLY D 64 -28.72 23.80 23.92
CA GLY D 64 -29.35 23.39 25.15
C GLY D 64 -28.39 23.22 26.31
N ASP D 65 -28.69 22.26 27.19
CA ASP D 65 -27.90 22.09 28.40
C ASP D 65 -26.45 21.72 28.06
N MET D 66 -26.27 20.68 27.24
CA MET D 66 -24.92 20.26 26.87
C MET D 66 -24.19 21.34 26.10
N ALA D 67 -24.90 22.22 25.40
CA ALA D 67 -24.25 23.34 24.74
C ALA D 67 -23.60 24.27 25.76
N ASN D 68 -24.28 24.53 26.87
CA ASN D 68 -23.82 25.48 27.86
C ASN D 68 -23.06 24.83 29.02
N ARG D 69 -22.91 23.50 29.02
CA ARG D 69 -22.15 22.87 30.08
C ARG D 69 -20.69 23.33 30.05
N ILE D 70 -20.10 23.42 28.87
CA ILE D 70 -18.76 23.98 28.73
C ILE D 70 -18.85 25.49 28.86
N PRO D 71 -17.98 26.13 29.65
CA PRO D 71 -18.10 27.59 29.86
C PRO D 71 -17.71 28.37 28.61
N LEU D 72 -18.00 29.68 28.66
CA LEU D 72 -17.58 30.55 27.58
C LEU D 72 -16.07 30.56 27.42
N GLU D 73 -15.34 30.58 28.53
CA GLU D 73 -13.89 30.57 28.52
C GLU D 73 -13.40 29.78 29.73
N TYR D 74 -12.16 29.33 29.65
CA TYR D 74 -11.58 28.49 30.70
C TYR D 74 -10.07 28.70 30.70
N LYS D 75 -9.55 29.33 31.75
CA LYS D 75 -8.12 29.58 31.87
C LYS D 75 -7.59 30.34 30.65
N GLY D 76 -8.38 31.30 30.17
CA GLY D 76 -7.98 32.09 29.03
C GLY D 76 -8.15 31.41 27.68
N ILE D 77 -8.76 30.23 27.64
CA ILE D 77 -9.00 29.49 26.41
C ILE D 77 -10.49 29.47 26.14
N GLN D 78 -10.88 29.87 24.94
CA GLN D 78 -12.29 29.90 24.56
C GLN D 78 -12.75 28.51 24.16
N LEU D 79 -13.96 28.16 24.59
CA LEU D 79 -14.54 26.87 24.26
C LEU D 79 -15.80 26.99 23.42
N LYS D 80 -16.76 27.81 23.85
CA LYS D 80 -17.99 28.05 23.11
C LYS D 80 -18.18 29.55 22.92
N THR D 81 -19.29 29.91 22.28
CA THR D 81 -19.59 31.30 22.00
C THR D 81 -21.10 31.48 21.93
N ASN D 82 -21.52 32.73 22.11
CA ASN D 82 -22.92 33.12 21.96
C ASN D 82 -23.02 34.01 20.73
N ALA D 83 -23.17 33.38 19.58
CA ALA D 83 -23.24 34.07 18.29
C ALA D 83 -24.69 34.09 17.83
N GLU D 84 -25.19 35.29 17.52
CA GLU D 84 -26.57 35.44 17.07
C GLU D 84 -26.61 35.21 15.57
N ASP D 85 -26.70 33.94 15.17
CA ASP D 85 -26.76 33.60 13.76
C ASP D 85 -28.03 34.18 13.13
N ILE D 86 -28.03 34.21 11.80
CA ILE D 86 -29.13 34.86 11.07
C ILE D 86 -30.44 34.10 11.28
N GLY D 87 -30.49 32.83 10.89
CA GLY D 87 -31.69 32.04 11.01
C GLY D 87 -31.46 30.59 11.37
N THR D 88 -30.20 30.21 11.55
CA THR D 88 -29.85 28.82 11.86
C THR D 88 -29.75 28.55 13.35
N LYS D 89 -29.76 29.58 14.20
CA LYS D 89 -29.60 29.42 15.64
C LYS D 89 -28.32 28.65 15.99
N GLY D 90 -27.37 28.59 15.05
CA GLY D 90 -26.21 27.76 15.26
C GLY D 90 -25.23 28.35 16.25
N GLN D 91 -24.46 27.46 16.87
CA GLN D 91 -23.42 27.84 17.82
C GLN D 91 -22.15 27.07 17.49
N MET D 92 -21.03 27.78 17.49
CA MET D 92 -19.74 27.21 17.13
C MET D 92 -18.89 27.00 18.37
N CYS D 93 -18.28 25.82 18.47
CA CYS D 93 -17.50 25.43 19.63
C CYS D 93 -16.04 25.27 19.23
N SER D 94 -15.15 25.41 20.21
CA SER D 94 -13.72 25.42 19.96
C SER D 94 -13.21 23.99 19.74
N ILE D 95 -11.90 23.85 19.69
CA ILE D 95 -11.25 22.54 19.56
C ILE D 95 -10.85 21.99 20.93
N ALA D 96 -10.33 22.85 21.80
CA ALA D 96 -9.95 22.40 23.13
C ALA D 96 -11.14 22.01 23.98
N ALA D 97 -12.36 22.36 23.54
CA ALA D 97 -13.54 22.04 24.33
C ALA D 97 -13.71 20.54 24.49
N VAL D 98 -13.25 19.75 23.51
CA VAL D 98 -13.31 18.30 23.66
C VAL D 98 -12.44 17.86 24.84
N THR D 99 -11.27 18.47 24.98
CA THR D 99 -10.41 18.16 26.11
C THR D 99 -11.07 18.53 27.43
N TRP D 100 -11.77 19.68 27.46
CA TRP D 100 -12.48 20.06 28.67
C TRP D 100 -13.58 19.06 28.98
N TRP D 101 -14.30 18.59 27.95
CA TRP D 101 -15.31 17.58 28.17
C TRP D 101 -14.70 16.31 28.76
N ASN D 102 -13.53 15.92 28.23
CA ASN D 102 -12.87 14.71 28.74
C ASN D 102 -12.41 14.89 30.18
N THR D 103 -11.98 16.10 30.54
CA THR D 103 -11.46 16.32 31.89
C THR D 103 -12.57 16.52 32.91
N TYR D 104 -13.34 17.60 32.75
CA TYR D 104 -14.34 18.00 33.73
C TYR D 104 -15.77 17.85 33.20
N GLY D 105 -15.95 17.36 31.98
CA GLY D 105 -17.27 17.22 31.42
C GLY D 105 -18.14 16.31 32.26
N PRO D 106 -19.45 16.47 32.17
CA PRO D 106 -20.34 15.61 32.96
C PRO D 106 -20.14 14.15 32.62
N ILE D 107 -20.19 13.30 33.63
CA ILE D 107 -20.00 11.86 33.44
C ILE D 107 -21.30 11.27 32.96
N GLY D 108 -21.46 11.18 31.65
CA GLY D 108 -22.70 10.68 31.08
C GLY D 108 -22.87 9.19 31.31
N ASP D 109 -24.11 8.74 31.12
CA ASP D 109 -24.42 7.32 31.25
C ASP D 109 -23.86 6.56 30.07
N THR D 110 -23.14 5.48 30.35
CA THR D 110 -22.53 4.64 29.34
C THR D 110 -23.12 3.23 29.32
N GLU D 111 -24.23 3.01 30.03
CA GLU D 111 -24.81 1.68 30.11
C GLU D 111 -25.18 1.17 28.72
N GLY D 112 -24.87 -0.10 28.47
CA GLY D 112 -25.23 -0.74 27.23
C GLY D 112 -24.34 -0.44 26.05
N PHE D 113 -23.30 0.39 26.23
CA PHE D 113 -22.45 0.75 25.11
C PHE D 113 -21.79 -0.49 24.50
N GLU D 114 -21.28 -1.38 25.36
CA GLU D 114 -20.66 -2.60 24.86
C GLU D 114 -21.63 -3.39 23.99
N ARG D 115 -22.91 -3.40 24.35
CA ARG D 115 -23.89 -4.13 23.56
C ARG D 115 -24.11 -3.48 22.20
N VAL D 116 -24.07 -2.15 22.13
CA VAL D 116 -24.28 -1.47 20.85
C VAL D 116 -23.19 -1.86 19.86
N TYR D 117 -21.94 -1.86 20.32
CA TYR D 117 -20.78 -2.11 19.47
C TYR D 117 -20.31 -3.56 19.58
N GLU D 118 -21.26 -4.49 19.69
CA GLU D 118 -20.91 -5.89 19.90
C GLU D 118 -19.98 -6.41 18.82
N SER D 119 -20.08 -5.89 17.59
CA SER D 119 -19.24 -6.37 16.51
C SER D 119 -17.76 -6.08 16.79
N PHE D 120 -17.44 -4.82 17.12
CA PHE D 120 -16.06 -4.45 17.38
C PHE D 120 -15.53 -5.20 18.61
N PHE D 121 -16.36 -5.36 19.63
CA PHE D 121 -15.93 -6.07 20.82
C PHE D 121 -15.64 -7.53 20.52
N LEU D 122 -16.48 -8.17 19.70
CA LEU D 122 -16.20 -9.54 19.31
C LEU D 122 -14.91 -9.63 18.50
N ARG D 123 -14.68 -8.64 17.63
CA ARG D 123 -13.42 -8.62 16.87
C ARG D 123 -12.22 -8.53 17.82
N LYS D 124 -12.29 -7.62 18.78
CA LYS D 124 -11.19 -7.44 19.72
C LYS D 124 -10.99 -8.68 20.59
N MET D 125 -12.09 -9.36 20.95
CA MET D 125 -11.98 -10.58 21.74
C MET D 125 -11.40 -11.72 20.92
N ARG D 126 -11.75 -11.81 19.64
CA ARG D 126 -11.14 -12.80 18.77
C ARG D 126 -9.64 -12.56 18.67
N LEU D 127 -9.23 -11.30 18.52
CA LEU D 127 -7.80 -10.99 18.50
C LEU D 127 -7.14 -11.31 19.84
N ASP D 128 -7.78 -10.96 20.94
CA ASP D 128 -7.19 -11.15 22.26
C ASP D 128 -7.05 -12.63 22.60
N ASN D 129 -8.11 -13.40 22.33
CA ASN D 129 -8.13 -14.82 22.67
C ASN D 129 -7.39 -15.68 21.65
N ALA D 130 -6.62 -15.07 20.75
CA ALA D 130 -5.92 -15.80 19.70
C ALA D 130 -4.55 -16.24 20.17
N THR D 131 -3.97 -17.19 19.43
CA THR D 131 -2.64 -17.71 19.69
C THR D 131 -1.82 -17.60 18.42
N TRP D 132 -0.55 -17.21 18.57
CA TRP D 132 0.33 -16.94 17.44
C TRP D 132 1.35 -18.05 17.32
N GLY D 133 1.52 -18.56 16.11
CA GLY D 133 2.45 -19.63 15.80
C GLY D 133 3.77 -19.09 15.28
N ARG D 134 4.47 -19.93 14.53
CA ARG D 134 5.76 -19.56 13.97
C ARG D 134 5.57 -18.60 12.80
N ILE D 135 6.64 -17.91 12.45
CA ILE D 135 6.70 -17.06 11.26
C ILE D 135 7.72 -17.65 10.31
N THR D 136 7.30 -17.95 9.09
CA THR D 136 8.12 -18.63 8.11
C THR D 136 8.44 -17.68 6.96
N PHE D 137 9.63 -17.83 6.40
CA PHE D 137 10.08 -16.99 5.29
C PHE D 137 10.27 -17.88 4.06
N GLY D 138 9.62 -17.51 2.96
CA GLY D 138 9.69 -18.27 1.73
C GLY D 138 8.65 -17.81 0.73
N PRO D 139 8.53 -18.55 -0.37
CA PRO D 139 7.52 -18.21 -1.38
C PRO D 139 6.12 -18.53 -0.88
N VAL D 140 5.20 -17.57 -1.05
CA VAL D 140 3.81 -17.74 -0.70
C VAL D 140 2.96 -17.37 -1.92
N GLU D 141 2.04 -18.25 -2.28
CA GLU D 141 1.19 -18.06 -3.45
C GLU D 141 -0.20 -17.67 -2.96
N ARG D 142 -0.66 -16.47 -3.34
CA ARG D 142 -1.95 -15.95 -2.93
C ARG D 142 -2.82 -15.71 -4.17
N VAL D 143 -4.11 -15.97 -4.01
CA VAL D 143 -5.08 -15.89 -5.10
C VAL D 143 -6.14 -14.86 -4.74
N ARG D 144 -6.59 -14.10 -5.74
CA ARG D 144 -7.61 -13.09 -5.52
C ARG D 144 -8.98 -13.74 -5.40
N LYS D 145 -9.72 -13.38 -4.35
CA LYS D 145 -11.02 -13.98 -4.08
C LYS D 145 -11.91 -12.97 -3.39
N ARG D 146 -13.21 -13.14 -3.57
CA ARG D 146 -14.24 -12.35 -2.87
C ARG D 146 -14.52 -13.06 -1.55
N VAL D 147 -14.00 -12.52 -0.45
CA VAL D 147 -13.88 -13.30 0.77
C VAL D 147 -14.47 -12.60 2.00
N LEU D 148 -15.46 -11.73 1.80
CA LEU D 148 -16.31 -11.26 2.89
C LEU D 148 -15.48 -10.67 4.04
N LEU D 149 -14.89 -9.51 3.76
CA LEU D 149 -13.95 -8.84 4.66
C LEU D 149 -14.29 -9.03 6.13
N ASN D 150 -15.51 -8.70 6.54
CA ASN D 150 -15.90 -8.70 7.94
C ASN D 150 -16.95 -9.76 8.22
N PRO D 151 -17.09 -10.19 9.47
CA PRO D 151 -18.13 -11.17 9.81
C PRO D 151 -19.48 -10.50 9.99
N LEU D 152 -20.52 -11.34 10.07
CA LEU D 152 -21.89 -10.86 10.20
C LEU D 152 -22.65 -11.76 11.17
N THR D 153 -23.51 -11.15 11.98
CA THR D 153 -24.39 -11.93 12.85
C THR D 153 -25.34 -12.78 12.01
N LYS D 154 -25.92 -12.20 10.96
CA LYS D 154 -26.73 -12.94 10.02
C LYS D 154 -26.70 -12.21 8.69
N GLU D 155 -26.18 -12.87 7.66
CA GLU D 155 -26.05 -12.24 6.35
C GLU D 155 -27.43 -11.87 5.82
N MET D 156 -27.57 -10.63 5.36
CA MET D 156 -28.86 -10.11 4.91
C MET D 156 -28.69 -9.29 3.63
N PRO D 157 -29.70 -9.28 2.77
CA PRO D 157 -29.71 -8.30 1.68
C PRO D 157 -29.87 -6.89 2.22
N PRO D 158 -29.38 -5.87 1.50
CA PRO D 158 -29.46 -4.51 2.04
C PRO D 158 -30.88 -4.07 2.39
N ASP D 159 -31.85 -4.36 1.54
CA ASP D 159 -33.22 -3.94 1.83
C ASP D 159 -33.80 -4.70 3.01
N GLU D 160 -33.57 -6.01 3.07
CA GLU D 160 -34.02 -6.78 4.22
C GLU D 160 -33.35 -6.30 5.50
N ALA D 161 -32.05 -5.99 5.42
CA ALA D 161 -31.35 -5.45 6.58
C ALA D 161 -31.96 -4.13 7.02
N SER D 162 -32.27 -3.24 6.08
CA SER D 162 -32.88 -1.97 6.43
C SER D 162 -34.24 -2.19 7.10
N ASN D 163 -35.04 -3.11 6.57
CA ASN D 163 -36.33 -3.40 7.19
C ASN D 163 -36.16 -3.87 8.62
N VAL D 164 -35.29 -4.87 8.84
CA VAL D 164 -35.14 -5.39 10.19
C VAL D 164 -34.65 -4.29 11.12
N ILE D 165 -33.71 -3.47 10.66
CA ILE D 165 -33.18 -2.39 11.49
C ILE D 165 -34.29 -1.43 11.87
N MET D 166 -35.10 -1.02 10.89
CA MET D 166 -36.23 -0.14 11.18
C MET D 166 -37.13 -0.77 12.24
N GLU D 167 -37.32 -2.08 12.18
CA GLU D 167 -38.13 -2.73 13.19
C GLU D 167 -37.47 -2.62 14.57
N ILE D 168 -36.17 -2.94 14.64
CA ILE D 168 -35.51 -2.99 15.95
C ILE D 168 -35.56 -1.62 16.62
N LEU D 169 -35.22 -0.57 15.88
CA LEU D 169 -35.11 0.74 16.52
C LEU D 169 -36.45 1.43 16.71
N PHE D 170 -37.31 1.43 15.69
CA PHE D 170 -38.56 2.19 15.72
C PHE D 170 -39.72 1.28 15.29
N PRO D 171 -40.17 0.40 16.17
CA PRO D 171 -41.38 -0.38 15.85
C PRO D 171 -42.60 0.48 15.60
N LYS D 172 -42.72 1.62 16.31
CA LYS D 172 -43.86 2.51 16.10
C LYS D 172 -43.83 3.15 14.72
N GLU D 173 -42.65 3.47 14.22
CA GLU D 173 -42.49 4.16 12.95
C GLU D 173 -42.15 3.21 11.81
N ALA D 174 -42.22 1.89 12.05
CA ALA D 174 -41.88 0.93 11.00
C ALA D 174 -42.78 1.08 9.78
N GLY D 175 -43.99 1.60 9.97
CA GLY D 175 -44.92 1.78 8.86
C GLY D 175 -45.73 0.53 8.59
N ILE D 176 -45.82 0.16 7.31
CA ILE D 176 -46.60 -1.04 6.95
C ILE D 176 -45.85 -2.28 7.41
N PRO D 177 -46.50 -3.22 8.09
CA PRO D 177 -45.80 -4.44 8.50
C PRO D 177 -45.25 -5.19 7.30
N ARG D 178 -44.09 -5.82 7.49
CA ARG D 178 -43.38 -6.50 6.42
C ARG D 178 -43.15 -7.96 6.77
N GLU D 179 -42.48 -8.67 5.86
CA GLU D 179 -42.44 -10.12 5.93
C GLU D 179 -41.12 -10.62 6.53
N SER D 180 -40.01 -9.98 6.16
CA SER D 180 -38.75 -10.28 6.82
C SER D 180 -38.87 -10.06 8.32
N THR D 181 -39.80 -9.18 8.73
CA THR D 181 -40.16 -9.08 10.14
C THR D 181 -40.71 -10.40 10.64
N TRP D 182 -41.56 -11.05 9.84
CA TRP D 182 -42.09 -12.35 10.25
C TRP D 182 -40.98 -13.38 10.38
N ILE D 183 -40.27 -13.66 9.29
CA ILE D 183 -39.37 -14.81 9.34
C ILE D 183 -38.23 -14.57 10.33
N HIS D 184 -37.63 -13.39 10.33
CA HIS D 184 -36.51 -13.09 11.23
C HIS D 184 -36.97 -12.62 12.60
N ARG D 185 -37.86 -13.37 13.25
CA ARG D 185 -38.33 -12.96 14.57
C ARG D 185 -37.28 -13.21 15.65
N GLU D 186 -36.48 -14.27 15.50
CA GLU D 186 -35.51 -14.61 16.53
C GLU D 186 -34.46 -13.51 16.71
N LEU D 187 -33.82 -13.10 15.60
CA LEU D 187 -32.80 -12.06 15.70
C LEU D 187 -33.42 -10.75 16.16
N ILE D 188 -34.61 -10.43 15.66
CA ILE D 188 -35.29 -9.20 16.06
C ILE D 188 -35.51 -9.20 17.57
N LYS D 189 -36.00 -10.32 18.11
CA LYS D 189 -36.27 -10.39 19.54
C LYS D 189 -34.99 -10.31 20.35
N GLU D 190 -33.93 -10.99 19.92
CA GLU D 190 -32.67 -10.92 20.64
C GLU D 190 -32.14 -9.50 20.68
N LYS D 191 -32.20 -8.79 19.55
CA LYS D 191 -31.69 -7.43 19.52
C LYS D 191 -32.57 -6.48 20.31
N ARG D 192 -33.88 -6.71 20.34
CA ARG D 192 -34.75 -5.94 21.24
C ARG D 192 -34.33 -6.15 22.68
N GLU D 193 -34.06 -7.39 23.06
CA GLU D 193 -33.60 -7.68 24.42
C GLU D 193 -32.24 -7.08 24.70
N LYS D 194 -31.41 -6.87 23.68
CA LYS D 194 -30.05 -6.39 23.88
C LYS D 194 -29.96 -4.87 23.91
N LEU D 195 -30.53 -4.19 22.92
CA LEU D 195 -30.41 -2.74 22.81
C LEU D 195 -31.43 -1.99 23.65
N LYS D 196 -32.04 -2.64 24.64
CA LYS D 196 -33.03 -1.98 25.47
C LYS D 196 -32.35 -1.11 26.52
N GLY D 197 -32.86 0.10 26.72
CA GLY D 197 -32.42 0.96 27.79
C GLY D 197 -31.24 1.86 27.48
N THR D 198 -30.61 1.70 26.32
CA THR D 198 -29.46 2.53 25.98
C THR D 198 -29.91 3.91 25.56
N MET D 199 -29.15 4.92 25.99
CA MET D 199 -29.44 6.31 25.67
C MET D 199 -28.68 6.79 24.43
N ILE D 200 -27.92 5.91 23.77
CA ILE D 200 -27.15 6.33 22.60
C ILE D 200 -28.12 6.73 21.49
N THR D 201 -27.64 7.62 20.60
CA THR D 201 -28.48 8.08 19.51
C THR D 201 -28.87 6.90 18.63
N PRO D 202 -30.13 6.81 18.19
CA PRO D 202 -30.55 5.64 17.40
C PRO D 202 -29.82 5.49 16.09
N ILE D 203 -29.31 6.58 15.51
CA ILE D 203 -28.60 6.47 14.24
C ILE D 203 -27.35 5.61 14.38
N VAL D 204 -26.63 5.75 15.50
CA VAL D 204 -25.45 4.93 15.71
C VAL D 204 -25.84 3.47 15.87
N LEU D 205 -26.94 3.21 16.59
CA LEU D 205 -27.42 1.83 16.72
C LEU D 205 -27.73 1.24 15.36
N ALA D 206 -28.42 2.00 14.50
CA ALA D 206 -28.76 1.53 13.18
C ALA D 206 -27.52 1.28 12.34
N TYR D 207 -26.53 2.17 12.44
CA TYR D 207 -25.30 1.98 11.69
C TYR D 207 -24.57 0.71 12.12
N MET D 208 -24.48 0.47 13.43
CA MET D 208 -23.79 -0.73 13.89
C MET D 208 -24.58 -1.98 13.52
N LEU D 209 -25.90 -1.92 13.57
CA LEU D 209 -26.72 -3.04 13.13
C LEU D 209 -26.47 -3.35 11.66
N GLU D 210 -26.40 -2.30 10.84
CA GLU D 210 -26.10 -2.49 9.42
C GLU D 210 -24.71 -3.10 9.24
N ARG D 211 -23.75 -2.64 10.05
CA ARG D 211 -22.40 -3.20 9.98
C ARG D 211 -22.42 -4.70 10.25
N GLU D 212 -23.14 -5.12 11.28
CA GLU D 212 -23.18 -6.53 11.63
C GLU D 212 -24.12 -7.36 10.77
N LEU D 213 -24.99 -6.72 9.98
CA LEU D 213 -25.91 -7.43 9.10
C LEU D 213 -25.52 -7.34 7.64
N VAL D 214 -25.28 -6.13 7.12
CA VAL D 214 -24.98 -5.96 5.71
C VAL D 214 -23.57 -6.47 5.42
N ALA D 215 -23.46 -7.36 4.45
CA ALA D 215 -22.15 -7.89 4.06
C ALA D 215 -21.36 -6.82 3.32
N ARG D 216 -20.04 -6.89 3.45
CA ARG D 216 -19.11 -5.99 2.76
C ARG D 216 -18.05 -6.88 2.12
N ARG D 217 -18.28 -7.24 0.86
CA ARG D 217 -17.42 -8.16 0.13
C ARG D 217 -16.45 -7.39 -0.76
N ARG D 218 -15.20 -7.86 -0.79
CA ARG D 218 -14.17 -7.24 -1.61
C ARG D 218 -13.22 -8.32 -2.09
N PHE D 219 -12.53 -8.02 -3.19
CA PHE D 219 -11.56 -8.94 -3.77
C PHE D 219 -10.20 -8.73 -3.10
N LEU D 220 -9.72 -9.73 -2.38
CA LEU D 220 -8.46 -9.67 -1.66
C LEU D 220 -7.65 -10.92 -1.95
N PRO D 221 -6.33 -10.85 -1.78
CA PRO D 221 -5.50 -12.05 -1.97
C PRO D 221 -5.43 -12.90 -0.71
N VAL D 222 -5.59 -14.21 -0.91
CA VAL D 222 -5.64 -15.16 0.19
C VAL D 222 -4.75 -16.35 -0.15
N ALA D 223 -4.03 -16.86 0.85
CA ALA D 223 -3.16 -18.03 0.69
C ALA D 223 -3.40 -18.96 1.87
N GLY D 224 -4.35 -19.88 1.71
CA GLY D 224 -4.59 -20.89 2.72
C GLY D 224 -5.31 -20.41 3.95
N ALA D 225 -6.03 -19.30 3.87
CA ALA D 225 -6.78 -18.78 5.02
C ALA D 225 -8.03 -18.08 4.47
N THR D 226 -9.12 -18.84 4.37
CA THR D 226 -10.34 -18.37 3.75
C THR D 226 -11.48 -18.10 4.72
N SER D 227 -11.35 -18.51 5.98
CA SER D 227 -12.41 -18.27 6.95
C SER D 227 -12.60 -16.78 7.18
N ALA D 228 -13.83 -16.39 7.52
CA ALA D 228 -14.13 -14.99 7.75
C ALA D 228 -13.30 -14.44 8.90
N GLU D 229 -13.09 -15.24 9.94
CA GLU D 229 -12.29 -14.81 11.07
C GLU D 229 -10.86 -14.49 10.67
N PHE D 230 -10.37 -15.06 9.58
CA PHE D 230 -9.00 -14.88 9.14
C PHE D 230 -8.81 -13.61 8.32
N ILE D 231 -9.84 -13.18 7.60
CA ILE D 231 -9.66 -12.06 6.67
C ILE D 231 -9.36 -10.78 7.43
N GLU D 232 -10.00 -10.58 8.59
CA GLU D 232 -9.78 -9.36 9.35
C GLU D 232 -8.32 -9.20 9.74
N MET D 233 -7.56 -10.28 9.79
CA MET D 233 -6.12 -10.24 10.08
C MET D 233 -5.28 -10.62 8.86
N LEU D 234 -5.90 -10.86 7.72
CA LEU D 234 -5.19 -11.21 6.49
C LEU D 234 -3.95 -10.34 6.26
N HIS D 235 -3.98 -9.09 6.73
CA HIS D 235 -2.82 -8.22 6.54
C HIS D 235 -1.60 -8.76 7.27
N CYS D 236 -1.80 -9.28 8.48
CA CYS D 236 -0.70 -9.89 9.24
C CYS D 236 -0.51 -11.37 8.94
N LEU D 237 -1.50 -12.02 8.32
CA LEU D 237 -1.40 -13.45 8.10
C LEU D 237 -0.18 -13.80 7.26
N GLN D 238 0.03 -13.09 6.16
CA GLN D 238 1.15 -13.42 5.28
C GLN D 238 1.35 -12.29 4.28
N GLY D 239 2.62 -12.05 3.96
CA GLY D 239 2.99 -11.10 2.94
C GLY D 239 3.29 -11.76 1.61
N GLU D 240 4.11 -11.09 0.81
CA GLU D 240 4.50 -11.63 -0.49
C GLU D 240 5.76 -12.49 -0.42
N ASN D 241 6.42 -12.57 0.73
CA ASN D 241 7.59 -13.43 0.87
C ASN D 241 7.66 -14.12 2.23
N TRP D 242 6.54 -14.20 2.95
CA TRP D 242 6.55 -14.81 4.27
C TRP D 242 5.13 -15.18 4.67
N ARG D 243 5.02 -16.03 5.67
CA ARG D 243 3.74 -16.48 6.21
C ARG D 243 3.78 -16.40 7.73
N GLN D 244 2.62 -16.12 8.32
CA GLN D 244 2.46 -16.07 9.77
C GLN D 244 1.29 -16.96 10.16
N ILE D 245 1.47 -17.76 11.20
CA ILE D 245 0.42 -18.67 11.67
C ILE D 245 -0.42 -17.92 12.69
N TYR D 246 -1.73 -17.86 12.45
CA TYR D 246 -2.66 -17.14 13.31
C TYR D 246 -3.84 -18.06 13.62
N HIS D 247 -4.18 -18.18 14.90
CA HIS D 247 -5.29 -19.01 15.34
C HIS D 247 -6.27 -18.15 16.15
N PRO D 248 -7.33 -17.63 15.53
CA PRO D 248 -8.25 -16.76 16.28
C PRO D 248 -8.86 -17.50 17.47
N GLY D 249 -9.04 -16.77 18.56
CA GLY D 249 -9.68 -17.35 19.72
C GLY D 249 -11.15 -17.62 19.47
N GLY D 250 -11.69 -18.58 20.23
CA GLY D 250 -13.09 -18.93 20.13
C GLY D 250 -13.92 -18.39 21.26
N ASN D 251 -14.25 -19.24 22.22
CA ASN D 251 -15.04 -18.88 23.39
C ASN D 251 -14.12 -18.86 24.62
N LYS D 252 -14.70 -18.54 25.77
CA LYS D 252 -13.97 -18.56 27.04
C LYS D 252 -13.74 -20.02 27.41
N LEU D 253 -12.71 -20.61 26.81
CA LEU D 253 -12.47 -22.05 26.95
C LEU D 253 -12.17 -22.41 28.40
N THR D 254 -12.62 -23.60 28.79
CA THR D 254 -12.53 -24.05 30.18
C THR D 254 -11.11 -24.44 30.58
N GLU D 255 -10.22 -24.70 29.64
CA GLU D 255 -8.88 -25.17 29.95
C GLU D 255 -7.94 -23.99 30.25
N SER D 256 -8.34 -23.16 31.22
CA SER D 256 -7.55 -21.98 31.55
C SER D 256 -6.26 -22.38 32.26
N ARG D 257 -6.35 -23.26 33.26
CA ARG D 257 -5.18 -23.61 34.06
C ARG D 257 -4.13 -24.29 33.20
N SER D 258 -4.54 -25.26 32.37
CA SER D 258 -3.59 -25.94 31.50
C SER D 258 -2.97 -24.97 30.51
N GLN D 259 -3.78 -24.12 29.90
CA GLN D 259 -3.27 -23.15 28.95
C GLN D 259 -2.27 -22.21 29.61
N SER D 260 -2.46 -21.90 30.89
CA SER D 260 -1.54 -21.01 31.58
C SER D 260 -0.24 -21.72 31.92
N MET D 261 -0.32 -22.93 32.50
CA MET D 261 0.90 -23.62 32.90
C MET D 261 1.72 -24.04 31.69
N ILE D 262 1.08 -24.32 30.55
CA ILE D 262 1.84 -24.69 29.36
C ILE D 262 2.75 -23.55 28.94
N VAL D 263 2.19 -22.34 28.82
CA VAL D 263 3.00 -21.20 28.42
C VAL D 263 4.03 -20.86 29.50
N ALA D 264 3.65 -21.00 30.76
CA ALA D 264 4.61 -20.75 31.84
C ALA D 264 5.82 -21.66 31.70
N CYS D 265 5.60 -22.97 31.54
CA CYS D 265 6.69 -23.92 31.41
C CYS D 265 7.50 -23.65 30.15
N ARG D 266 6.82 -23.27 29.07
CA ARG D 266 7.53 -22.95 27.84
C ARG D 266 8.50 -21.79 28.06
N LYS D 267 8.05 -20.74 28.75
CA LYS D 267 8.94 -19.63 29.04
C LYS D 267 10.08 -20.08 29.95
N ILE D 268 9.79 -20.92 30.95
CA ILE D 268 10.84 -21.42 31.80
C ILE D 268 11.92 -22.08 30.96
N ILE D 269 11.51 -22.91 30.00
CA ILE D 269 12.48 -23.59 29.14
C ILE D 269 13.24 -22.59 28.28
N ARG D 270 12.55 -21.59 27.73
CA ARG D 270 13.21 -20.62 26.87
C ARG D 270 14.27 -19.85 27.64
N ARG D 271 13.97 -19.50 28.89
CA ARG D 271 14.95 -18.79 29.71
C ARG D 271 16.10 -19.70 30.13
N SER D 272 15.79 -20.96 30.44
CA SER D 272 16.83 -21.86 30.92
C SER D 272 17.81 -22.24 29.81
N ILE D 273 17.31 -22.47 28.60
CA ILE D 273 18.16 -23.02 27.55
C ILE D 273 19.32 -22.07 27.24
N VAL D 274 19.04 -20.77 27.15
CA VAL D 274 20.09 -19.81 26.79
C VAL D 274 21.16 -19.76 27.87
N ALA D 275 20.76 -19.75 29.13
CA ALA D 275 21.72 -19.64 30.22
C ALA D 275 22.49 -20.94 30.40
N SER D 276 23.72 -20.81 30.89
CA SER D 276 24.54 -21.98 31.16
C SER D 276 23.97 -22.78 32.32
N ASN D 277 24.13 -24.10 32.23
CA ASN D 277 23.59 -25.01 33.22
C ASN D 277 22.10 -24.76 33.41
N PRO D 278 21.28 -25.02 32.39
CA PRO D 278 19.84 -24.77 32.52
C PRO D 278 19.20 -25.50 33.69
N LEU D 279 19.83 -26.53 34.25
CA LEU D 279 19.20 -27.33 35.30
C LEU D 279 18.84 -26.47 36.50
N GLU D 280 19.84 -25.89 37.16
CA GLU D 280 19.59 -25.17 38.41
C GLU D 280 18.68 -23.98 38.19
N LEU D 281 18.92 -23.22 37.11
CA LEU D 281 18.09 -22.05 36.85
C LEU D 281 16.64 -22.45 36.57
N ALA D 282 16.44 -23.51 35.80
CA ALA D 282 15.08 -23.95 35.48
C ALA D 282 14.36 -24.43 36.72
N VAL D 283 15.02 -25.23 37.56
CA VAL D 283 14.36 -25.72 38.77
C VAL D 283 14.07 -24.57 39.72
N GLU D 284 15.01 -23.62 39.84
CA GLU D 284 14.76 -22.46 40.68
C GLU D 284 13.56 -21.67 40.19
N ILE D 285 13.48 -21.45 38.87
CA ILE D 285 12.38 -20.67 38.31
C ILE D 285 11.05 -21.40 38.55
N ALA D 286 11.02 -22.72 38.30
CA ALA D 286 9.79 -23.47 38.46
C ALA D 286 9.38 -23.56 39.94
N ASN D 287 10.35 -23.49 40.85
CA ASN D 287 10.01 -23.51 42.27
C ASN D 287 9.46 -22.18 42.75
N LYS D 288 9.88 -21.07 42.14
CA LYS D 288 9.48 -19.73 42.54
C LYS D 288 8.51 -19.10 41.55
N THR D 289 7.62 -19.91 40.99
CA THR D 289 6.58 -19.43 40.10
C THR D 289 5.22 -19.85 40.64
N VAL D 290 4.24 -18.95 40.53
CA VAL D 290 2.91 -19.14 41.09
C VAL D 290 1.90 -18.75 40.03
N ILE D 291 0.92 -19.63 39.77
CA ILE D 291 -0.18 -19.28 38.85
C ILE D 291 -1.26 -18.65 39.72
N ASP D 292 -1.01 -17.40 40.10
CA ASP D 292 -1.98 -16.47 40.65
C ASP D 292 -2.60 -16.90 41.98
N THR D 293 -2.45 -18.18 42.37
CA THR D 293 -2.87 -18.58 43.71
C THR D 293 -1.99 -19.67 44.31
N GLU D 294 -1.21 -20.37 43.50
CA GLU D 294 -0.56 -21.59 43.95
C GLU D 294 0.68 -21.85 43.12
N PRO D 295 1.63 -22.62 43.64
CA PRO D 295 2.85 -22.91 42.87
C PRO D 295 2.55 -23.79 41.66
N LEU D 296 3.41 -23.66 40.66
CA LEU D 296 3.23 -24.41 39.42
C LEU D 296 3.32 -25.92 39.67
N LYS D 297 4.12 -26.33 40.65
CA LYS D 297 4.32 -27.76 40.92
C LYS D 297 3.01 -28.43 41.29
N SER D 298 2.22 -27.79 42.14
CA SER D 298 0.96 -28.39 42.57
C SER D 298 0.03 -28.61 41.37
N CYS D 299 -0.07 -27.63 40.48
CA CYS D 299 -0.90 -27.81 39.29
C CYS D 299 -0.36 -28.93 38.43
N LEU D 300 0.95 -28.94 38.16
CA LEU D 300 1.52 -29.99 37.33
C LEU D 300 1.20 -31.37 37.89
N ALA D 301 1.30 -31.53 39.22
CA ALA D 301 0.94 -32.80 39.82
C ALA D 301 -0.55 -33.08 39.66
N ALA D 302 -1.39 -32.05 39.82
CA ALA D 302 -2.83 -32.28 39.82
C ALA D 302 -3.34 -32.67 38.44
N ILE D 303 -2.97 -31.92 37.40
CA ILE D 303 -3.49 -32.13 36.05
C ILE D 303 -2.44 -32.87 35.23
N ASP D 304 -2.87 -33.90 34.50
CA ASP D 304 -2.00 -34.66 33.61
C ASP D 304 -1.95 -34.02 32.22
N GLY D 305 -1.64 -32.73 32.17
CA GLY D 305 -1.65 -31.98 30.94
C GLY D 305 -0.25 -31.77 30.37
N GLY D 306 -0.18 -30.85 29.42
CA GLY D 306 1.07 -30.51 28.78
C GLY D 306 1.40 -31.46 27.64
N ASP D 307 2.33 -31.00 26.79
CA ASP D 307 2.76 -31.78 25.63
C ASP D 307 4.23 -32.18 25.78
N VAL D 308 5.13 -31.23 26.01
CA VAL D 308 6.54 -31.54 26.20
C VAL D 308 7.10 -30.70 27.34
N ALA D 309 6.84 -29.39 27.31
CA ALA D 309 7.41 -28.49 28.31
C ALA D 309 7.03 -28.91 29.71
N CYS D 310 5.76 -29.26 29.93
CA CYS D 310 5.33 -29.71 31.25
C CYS D 310 6.09 -30.97 31.65
N ASP D 311 6.30 -31.90 30.72
CA ASP D 311 7.05 -33.10 31.03
C ASP D 311 8.48 -32.77 31.44
N ILE D 312 9.13 -31.86 30.69
CA ILE D 312 10.51 -31.51 31.00
C ILE D 312 10.59 -30.88 32.38
N ILE D 313 9.68 -29.97 32.68
CA ILE D 313 9.69 -29.30 33.98
C ILE D 313 9.42 -30.30 35.10
N ARG D 314 8.48 -31.22 34.87
CA ARG D 314 8.16 -32.23 35.87
C ARG D 314 9.37 -33.08 36.17
N ALA D 315 10.09 -33.52 35.12
CA ALA D 315 11.29 -34.31 35.33
C ALA D 315 12.36 -33.50 36.07
N ALA D 316 12.52 -32.22 35.70
CA ALA D 316 13.48 -31.38 36.41
C ALA D 316 13.15 -31.27 37.88
N LEU D 317 11.85 -31.25 38.21
CA LEU D 317 11.40 -31.21 39.60
C LEU D 317 11.20 -32.59 40.20
N GLY D 318 11.35 -33.65 39.41
CA GLY D 318 11.17 -35.00 39.92
C GLY D 318 9.71 -35.35 40.16
N LEU D 319 8.91 -35.36 39.10
CA LEU D 319 7.50 -35.71 39.16
C LEU D 319 7.22 -36.84 38.18
N LYS D 320 5.96 -37.24 38.11
CA LYS D 320 5.54 -38.37 37.27
C LYS D 320 5.06 -37.85 35.92
N ILE D 321 5.55 -38.46 34.85
CA ILE D 321 5.21 -38.08 33.49
C ILE D 321 4.85 -39.33 32.70
N ARG D 322 4.13 -39.13 31.59
CA ARG D 322 3.78 -40.22 30.70
C ARG D 322 4.99 -40.63 29.88
N GLN D 323 5.01 -41.90 29.48
CA GLN D 323 6.15 -42.49 28.78
C GLN D 323 5.81 -42.55 27.29
N ARG D 324 6.51 -41.74 26.49
CA ARG D 324 6.34 -41.75 25.05
C ARG D 324 7.43 -40.89 24.43
N GLN D 325 7.97 -41.35 23.29
CA GLN D 325 8.98 -40.60 22.58
C GLN D 325 8.34 -39.44 21.80
N ARG D 326 9.15 -38.41 21.56
CA ARG D 326 8.69 -37.24 20.84
C ARG D 326 9.76 -36.78 19.86
N PHE D 327 9.31 -36.22 18.74
CA PHE D 327 10.17 -35.61 17.74
C PHE D 327 9.59 -34.27 17.31
N GLY D 328 9.15 -33.47 18.28
CA GLY D 328 8.44 -32.24 18.00
C GLY D 328 6.96 -32.36 18.34
N ARG D 329 6.10 -32.02 17.38
CA ARG D 329 4.67 -32.17 17.59
C ARG D 329 4.20 -33.61 17.48
N LEU D 330 5.06 -34.52 17.04
CA LEU D 330 4.69 -35.92 16.81
C LEU D 330 5.33 -36.79 17.89
N GLU D 331 4.52 -37.66 18.49
CA GLU D 331 4.98 -38.58 19.53
C GLU D 331 4.90 -40.01 19.04
N LEU D 332 5.86 -40.82 19.48
CA LEU D 332 5.98 -42.20 19.07
C LEU D 332 5.79 -43.12 20.28
N LYS D 333 5.30 -44.33 20.01
CA LYS D 333 5.17 -45.37 21.03
C LYS D 333 5.52 -46.70 20.35
N ARG D 334 6.77 -47.13 20.54
CA ARG D 334 7.22 -48.36 19.91
C ARG D 334 6.38 -49.53 20.35
N ILE D 335 6.03 -50.40 19.40
CA ILE D 335 5.24 -51.58 19.67
C ILE D 335 5.99 -52.86 19.33
N SER D 336 6.71 -52.87 18.21
CA SER D 336 7.42 -54.08 17.77
C SER D 336 8.67 -53.69 17.01
N GLY D 337 9.63 -54.61 17.01
CA GLY D 337 10.90 -54.41 16.33
C GLY D 337 11.90 -53.66 17.18
N ARG D 338 13.13 -53.62 16.68
CA ARG D 338 14.21 -52.89 17.33
C ARG D 338 15.20 -52.43 16.28
N GLY D 339 15.99 -51.41 16.64
CA GLY D 339 16.96 -50.86 15.71
C GLY D 339 18.21 -50.42 16.45
N PHE D 340 19.27 -50.20 15.67
CA PHE D 340 20.55 -49.77 16.18
C PHE D 340 20.92 -48.42 15.57
N LYS D 341 21.69 -47.64 16.32
CA LYS D 341 22.11 -46.32 15.90
C LYS D 341 23.54 -46.39 15.36
N ASN D 342 23.72 -45.96 14.12
CA ASN D 342 25.03 -45.95 13.47
C ASN D 342 25.30 -44.56 12.91
N ASP D 343 26.49 -44.04 13.15
CA ASP D 343 26.87 -42.70 12.74
C ASP D 343 27.59 -42.77 11.40
N GLU D 344 27.10 -42.03 10.41
CA GLU D 344 27.71 -42.03 9.09
C GLU D 344 27.29 -40.76 8.35
N GLU D 345 27.93 -40.53 7.22
CA GLU D 345 27.68 -39.36 6.40
C GLU D 345 26.66 -39.68 5.31
N ILE D 346 25.85 -38.67 4.96
CA ILE D 346 24.84 -38.81 3.91
C ILE D 346 24.88 -37.57 3.02
N LEU D 347 24.39 -37.74 1.80
CA LEU D 347 24.34 -36.67 0.82
C LEU D 347 22.91 -36.14 0.72
N ILE D 348 22.77 -34.82 0.84
CA ILE D 348 21.48 -34.18 0.73
C ILE D 348 21.33 -33.66 -0.70
N GLY D 349 20.09 -33.36 -1.09
CA GLY D 349 19.84 -32.86 -2.43
C GLY D 349 20.62 -31.58 -2.73
N ASN D 350 20.69 -30.67 -1.76
CA ASN D 350 21.37 -29.40 -1.97
C ASN D 350 22.88 -29.58 -2.15
N GLY D 351 23.43 -30.75 -1.82
CA GLY D 351 24.82 -31.03 -2.10
C GLY D 351 25.77 -30.70 -0.96
N THR D 352 25.47 -31.23 0.23
CA THR D 352 26.34 -31.06 1.39
C THR D 352 26.42 -32.38 2.14
N ILE D 353 27.49 -32.53 2.92
CA ILE D 353 27.76 -33.75 3.69
C ILE D 353 27.82 -33.38 5.16
N GLN D 354 27.10 -34.13 5.98
CA GLN D 354 27.09 -33.90 7.42
C GLN D 354 26.75 -35.22 8.12
N LYS D 355 27.44 -35.49 9.22
CA LYS D 355 27.27 -36.76 9.90
C LYS D 355 25.91 -36.84 10.59
N ILE D 356 25.34 -38.05 10.60
CA ILE D 356 24.04 -38.30 11.21
C ILE D 356 24.09 -39.68 11.88
N GLY D 357 23.40 -39.81 13.00
CA GLY D 357 23.18 -41.10 13.61
C GLY D 357 21.85 -41.69 13.16
N ILE D 358 21.89 -42.56 12.18
CA ILE D 358 20.69 -43.15 11.60
C ILE D 358 20.34 -44.41 12.36
N TRP D 359 19.05 -44.72 12.40
CA TRP D 359 18.53 -45.92 13.04
C TRP D 359 18.21 -46.96 11.98
N ASP D 360 18.78 -48.15 12.12
CA ASP D 360 18.57 -49.25 11.18
C ASP D 360 17.87 -50.40 11.89
N GLY D 361 16.93 -51.03 11.18
CA GLY D 361 16.18 -52.15 11.71
C GLY D 361 14.69 -51.92 11.58
N GLU D 362 13.95 -53.03 11.47
CA GLU D 362 12.50 -52.94 11.34
C GLU D 362 11.89 -52.45 12.65
N GLU D 363 11.02 -51.45 12.56
CA GLU D 363 10.38 -50.86 13.72
C GLU D 363 8.94 -50.51 13.40
N GLU D 364 8.06 -50.67 14.39
CA GLU D 364 6.66 -50.28 14.27
C GLU D 364 6.32 -49.33 15.40
N PHE D 365 5.65 -48.23 15.08
CA PHE D 365 5.36 -47.18 16.04
C PHE D 365 3.89 -46.82 16.01
N HIS D 366 3.32 -46.61 17.20
CA HIS D 366 1.96 -46.09 17.33
C HIS D 366 2.01 -44.56 17.24
N VAL D 367 2.37 -44.10 16.04
CA VAL D 367 2.62 -42.68 15.83
C VAL D 367 1.33 -41.88 15.98
N ARG D 368 1.44 -40.73 16.63
CA ARG D 368 0.31 -39.83 16.81
C ARG D 368 0.81 -38.39 16.80
N CYS D 369 -0.05 -37.49 16.35
CA CYS D 369 0.29 -36.07 16.26
C CYS D 369 -0.97 -35.25 16.51
N GLY D 370 -0.95 -34.40 17.53
CA GLY D 370 -2.12 -33.63 17.88
C GLY D 370 -3.28 -34.51 18.27
N GLU D 371 -4.29 -34.59 17.41
CA GLU D 371 -5.45 -35.44 17.63
C GLU D 371 -5.47 -36.68 16.76
N CYS D 372 -4.91 -36.61 15.56
CA CYS D 372 -4.95 -37.73 14.62
C CYS D 372 -4.00 -38.83 15.05
N ARG D 373 -4.49 -40.07 15.02
CA ARG D 373 -3.71 -41.24 15.38
C ARG D 373 -3.15 -41.89 14.12
N GLY D 374 -2.41 -42.98 14.31
CA GLY D 374 -1.87 -43.71 13.18
C GLY D 374 -0.83 -44.72 13.62
N ILE D 375 -0.34 -45.45 12.62
CA ILE D 375 0.70 -46.45 12.82
C ILE D 375 1.74 -46.30 11.71
N LEU D 376 3.01 -46.46 12.06
CA LEU D 376 4.11 -46.25 11.14
C LEU D 376 5.02 -47.46 11.14
N LYS D 377 5.47 -47.84 9.94
CA LYS D 377 6.47 -48.88 9.76
C LYS D 377 7.74 -48.24 9.21
N LYS D 378 8.85 -48.42 9.91
CA LYS D 378 10.11 -47.77 9.58
C LYS D 378 11.22 -48.79 9.44
N SER D 379 12.08 -48.59 8.44
CA SER D 379 13.24 -49.44 8.23
C SER D 379 14.38 -48.56 7.71
N LYS D 380 15.44 -49.21 7.22
CA LYS D 380 16.62 -48.51 6.75
C LYS D 380 16.29 -47.78 5.46
N MET D 381 16.11 -46.46 5.54
CA MET D 381 15.91 -45.57 4.40
C MET D 381 14.62 -45.86 3.64
N LYS D 382 13.69 -46.61 4.22
CA LYS D 382 12.44 -46.94 3.56
C LYS D 382 11.27 -46.69 4.49
N LEU D 383 10.16 -46.21 3.93
CA LEU D 383 8.90 -46.08 4.64
C LEU D 383 7.98 -47.18 4.13
N GLU D 384 7.92 -48.28 4.89
CA GLU D 384 7.21 -49.47 4.43
C GLU D 384 5.72 -49.18 4.23
N LYS D 385 5.02 -48.82 5.30
CA LYS D 385 3.60 -48.54 5.23
C LYS D 385 3.22 -47.60 6.37
N LEU D 386 2.24 -46.74 6.09
CA LEU D 386 1.75 -45.78 7.05
C LEU D 386 0.24 -45.80 7.04
N LEU D 387 -0.37 -45.79 8.22
CA LEU D 387 -1.82 -45.75 8.37
C LEU D 387 -2.19 -44.57 9.24
N ILE D 388 -3.23 -43.84 8.84
CA ILE D 388 -3.72 -42.68 9.59
C ILE D 388 -5.24 -42.75 9.63
N ASN D 389 -5.82 -41.80 10.36
CA ASN D 389 -7.26 -41.65 10.49
C ASN D 389 -7.69 -40.29 9.95
N SER D 390 -8.97 -39.97 10.11
CA SER D 390 -9.54 -38.71 9.65
C SER D 390 -9.44 -37.67 10.77
N ALA D 391 -9.14 -36.44 10.39
CA ALA D 391 -8.96 -35.36 11.36
C ALA D 391 -8.84 -34.05 10.59
N LYS D 392 -8.56 -32.97 11.33
CA LYS D 392 -8.29 -31.69 10.69
C LYS D 392 -7.09 -31.81 9.75
N LYS D 393 -7.16 -31.10 8.62
CA LYS D 393 -6.20 -31.31 7.55
C LYS D 393 -4.79 -31.00 8.02
N GLU D 394 -4.63 -29.89 8.76
CA GLU D 394 -3.31 -29.52 9.24
C GLU D 394 -2.74 -30.54 10.21
N ASP D 395 -3.58 -31.09 11.09
CA ASP D 395 -3.11 -32.10 12.04
C ASP D 395 -2.47 -33.28 11.31
N MET D 396 -3.20 -33.86 10.36
CA MET D 396 -2.67 -35.01 9.65
C MET D 396 -1.49 -34.64 8.76
N ARG D 397 -1.49 -33.42 8.21
CA ARG D 397 -0.35 -32.97 7.42
C ARG D 397 0.91 -32.95 8.28
N ASP D 398 0.83 -32.32 9.45
CA ASP D 398 1.97 -32.31 10.37
C ASP D 398 2.39 -33.73 10.72
N LEU D 399 1.41 -34.58 11.04
CA LEU D 399 1.71 -35.97 11.34
C LEU D 399 2.56 -36.60 10.25
N ILE D 400 2.05 -36.59 9.02
CA ILE D 400 2.70 -37.34 7.94
C ILE D 400 4.08 -36.75 7.64
N ILE D 401 4.21 -35.43 7.62
CA ILE D 401 5.51 -34.84 7.32
C ILE D 401 6.51 -35.19 8.41
N LEU D 402 6.07 -35.21 9.67
CA LEU D 402 6.97 -35.59 10.75
C LEU D 402 7.39 -37.04 10.63
N CYS D 403 6.46 -37.93 10.23
CA CYS D 403 6.86 -39.31 9.97
C CYS D 403 7.90 -39.37 8.87
N MET D 404 7.69 -38.60 7.80
CA MET D 404 8.64 -38.61 6.68
C MET D 404 10.03 -38.22 7.15
N VAL D 405 10.13 -37.09 7.86
CA VAL D 405 11.45 -36.62 8.29
C VAL D 405 12.09 -37.59 9.27
N PHE D 406 11.30 -38.11 10.22
CA PHE D 406 11.85 -39.06 11.18
C PHE D 406 12.27 -40.35 10.49
N SER D 407 11.53 -40.77 9.46
CA SER D 407 11.80 -42.04 8.82
C SER D 407 13.18 -42.11 8.18
N GLN D 408 13.79 -40.96 7.90
CA GLN D 408 15.10 -40.92 7.24
C GLN D 408 15.08 -41.58 5.86
N ASP D 409 13.94 -41.49 5.17
CA ASP D 409 13.87 -42.02 3.82
C ASP D 409 14.82 -41.25 2.91
N THR D 410 15.47 -41.98 2.00
CA THR D 410 16.40 -41.33 1.07
C THR D 410 15.70 -40.24 0.27
N ARG D 411 14.44 -40.45 -0.09
CA ARG D 411 13.67 -39.42 -0.77
C ARG D 411 13.62 -38.14 0.05
N MET D 412 13.58 -38.25 1.38
CA MET D 412 13.58 -37.06 2.21
C MET D 412 14.93 -36.36 2.16
N PHE D 413 16.02 -37.11 2.10
CA PHE D 413 17.33 -36.49 1.91
C PHE D 413 17.38 -35.75 0.59
N GLN D 414 16.79 -36.32 -0.46
CA GLN D 414 16.85 -35.70 -1.79
C GLN D 414 15.78 -34.63 -1.98
N GLY D 415 14.94 -34.38 -0.98
CA GLY D 415 13.89 -33.40 -1.12
C GLY D 415 14.23 -32.02 -0.57
N VAL D 416 15.51 -31.76 -0.35
CA VAL D 416 15.97 -30.50 0.22
C VAL D 416 16.61 -29.68 -0.89
N ARG D 417 16.20 -28.41 -1.00
CA ARG D 417 16.75 -27.49 -1.99
C ARG D 417 17.49 -26.33 -1.35
N GLY D 418 16.85 -25.60 -0.43
CA GLY D 418 17.48 -24.45 0.18
C GLY D 418 18.43 -24.82 1.30
N GLU D 419 19.16 -23.81 1.77
CA GLU D 419 20.09 -24.02 2.87
C GLU D 419 19.34 -24.38 4.14
N ILE D 420 19.98 -25.20 4.98
CA ILE D 420 19.31 -25.84 6.11
C ILE D 420 20.07 -25.49 7.38
N ASN D 421 20.60 -24.27 7.43
CA ASN D 421 21.44 -23.81 8.53
C ASN D 421 20.63 -23.21 9.69
N PHE D 422 19.37 -23.62 9.84
CA PHE D 422 18.51 -23.04 10.87
C PHE D 422 19.22 -23.00 12.22
N LEU D 423 18.88 -22.00 13.01
CA LEU D 423 19.41 -21.81 14.36
C LEU D 423 18.31 -22.00 15.39
N ASN D 424 18.72 -22.12 16.64
CA ASN D 424 17.83 -22.25 17.78
C ASN D 424 17.80 -20.94 18.57
N ARG D 425 17.00 -20.93 19.64
CA ARG D 425 16.90 -19.74 20.47
C ARG D 425 18.23 -19.40 21.12
N ALA D 426 18.96 -20.42 21.60
CA ALA D 426 20.26 -20.21 22.22
C ALA D 426 21.33 -19.83 21.20
N GLY D 427 21.04 -19.91 19.91
CA GLY D 427 22.01 -19.61 18.88
C GLY D 427 22.91 -20.77 18.51
N GLN D 428 22.63 -21.97 19.00
CA GLN D 428 23.41 -23.15 18.65
C GLN D 428 22.77 -23.87 17.47
N LEU D 429 23.63 -24.42 16.61
CA LEU D 429 23.15 -25.13 15.44
C LEU D 429 22.27 -26.31 15.84
N LEU D 430 21.11 -26.43 15.19
CA LEU D 430 20.21 -27.53 15.47
C LEU D 430 20.80 -28.85 14.98
N SER D 431 20.36 -29.94 15.61
CA SER D 431 20.78 -31.26 15.18
C SER D 431 20.24 -31.53 13.77
N PRO D 432 20.93 -32.37 13.00
CA PRO D 432 20.50 -32.56 11.59
C PRO D 432 19.05 -32.97 11.45
N MET D 433 18.58 -33.92 12.27
CA MET D 433 17.22 -34.40 12.12
C MET D 433 16.22 -33.28 12.38
N TYR D 434 16.43 -32.51 13.45
CA TYR D 434 15.54 -31.39 13.73
C TYR D 434 15.68 -30.30 12.67
N GLN D 435 16.88 -30.17 12.08
CA GLN D 435 17.04 -29.22 10.98
C GLN D 435 16.15 -29.59 9.80
N LEU D 436 16.18 -30.87 9.40
CA LEU D 436 15.29 -31.31 8.33
C LEU D 436 13.83 -31.15 8.72
N GLN D 437 13.50 -31.46 9.98
CA GLN D 437 12.13 -31.30 10.43
C GLN D 437 11.66 -29.86 10.25
N ARG D 438 12.45 -28.91 10.73
CA ARG D 438 12.07 -27.50 10.59
C ARG D 438 12.00 -27.09 9.13
N TYR D 439 13.00 -27.50 8.33
CA TYR D 439 13.03 -27.09 6.93
C TYR D 439 11.79 -27.58 6.19
N PHE D 440 11.41 -28.84 6.41
CA PHE D 440 10.26 -29.38 5.69
C PHE D 440 8.94 -28.91 6.28
N LEU D 441 8.92 -28.54 7.57
CA LEU D 441 7.74 -27.88 8.10
C LEU D 441 7.53 -26.52 7.44
N ASN D 442 8.63 -25.80 7.21
CA ASN D 442 8.55 -24.54 6.48
C ASN D 442 8.37 -24.74 4.98
N ARG D 443 8.59 -25.95 4.48
CA ARG D 443 8.52 -26.23 3.04
C ARG D 443 7.94 -27.64 2.87
N SER D 444 6.63 -27.71 2.63
CA SER D 444 5.93 -28.99 2.50
C SER D 444 5.75 -29.43 1.07
N ASN D 445 5.53 -28.51 0.14
CA ASN D 445 5.23 -28.90 -1.24
C ASN D 445 6.39 -29.64 -1.88
N ASP D 446 7.63 -29.24 -1.55
CA ASP D 446 8.79 -29.84 -2.20
C ASP D 446 8.88 -31.33 -1.91
N LEU D 447 8.76 -31.71 -0.64
CA LEU D 447 8.83 -33.12 -0.29
C LEU D 447 7.67 -33.90 -0.90
N PHE D 448 6.47 -33.33 -0.89
CA PHE D 448 5.33 -34.02 -1.49
C PHE D 448 5.59 -34.28 -2.97
N ASP D 449 6.10 -33.29 -3.69
CA ASP D 449 6.39 -33.47 -5.11
C ASP D 449 7.49 -34.50 -5.32
N GLN D 450 8.54 -34.47 -4.50
CA GLN D 450 9.69 -35.35 -4.72
C GLN D 450 9.37 -36.79 -4.36
N TRP D 451 8.54 -37.02 -3.35
CA TRP D 451 8.33 -38.37 -2.83
C TRP D 451 7.81 -39.31 -3.90
N GLY D 452 6.81 -38.87 -4.66
CA GLY D 452 6.20 -39.71 -5.67
C GLY D 452 4.92 -40.35 -5.15
N TYR D 453 4.03 -40.69 -6.09
CA TYR D 453 2.72 -41.24 -5.79
C TYR D 453 2.62 -42.68 -6.28
N GLU D 454 1.53 -43.33 -5.87
CA GLU D 454 1.20 -44.67 -6.32
C GLU D 454 -0.30 -44.86 -6.17
N GLU D 455 -0.77 -46.05 -6.54
CA GLU D 455 -2.20 -46.33 -6.50
C GLU D 455 -2.64 -46.70 -5.08
N SER D 456 -3.82 -46.20 -4.71
CA SER D 456 -4.39 -46.48 -3.40
C SER D 456 -4.98 -47.88 -3.35
N PRO D 457 -5.08 -48.48 -2.17
CA PRO D 457 -5.64 -49.83 -2.07
C PRO D 457 -7.13 -49.86 -2.38
N LYS D 458 -7.61 -51.04 -2.72
CA LYS D 458 -8.99 -51.24 -3.10
C LYS D 458 -9.92 -51.49 -1.91
N ALA D 459 -9.39 -51.51 -0.68
CA ALA D 459 -10.24 -51.70 0.48
C ALA D 459 -11.23 -50.55 0.61
N SER D 460 -12.42 -50.88 1.11
CA SER D 460 -13.47 -49.88 1.20
C SER D 460 -13.08 -48.75 2.14
N GLU D 461 -12.49 -49.07 3.29
CA GLU D 461 -12.15 -48.08 4.30
C GLU D 461 -10.81 -47.41 4.05
N LEU D 462 -10.05 -47.85 3.06
CA LEU D 462 -8.73 -47.30 2.78
C LEU D 462 -8.79 -46.45 1.51
N HIS D 463 -8.28 -45.22 1.61
CA HIS D 463 -8.28 -44.30 0.47
C HIS D 463 -7.05 -43.42 0.55
N GLY D 464 -6.71 -42.82 -0.58
CA GLY D 464 -5.52 -42.00 -0.68
C GLY D 464 -5.73 -40.56 -0.26
N ILE D 465 -4.69 -39.76 -0.47
CA ILE D 465 -4.72 -38.34 -0.15
C ILE D 465 -3.71 -37.63 -1.04
N ASN D 466 -4.06 -36.40 -1.45
CA ASN D 466 -3.22 -35.59 -2.32
C ASN D 466 -2.30 -34.70 -1.49
N GLU D 467 -1.64 -33.74 -2.14
CA GLU D 467 -0.79 -32.81 -1.39
C GLU D 467 -1.59 -32.02 -0.38
N SER D 468 -2.80 -31.61 -0.74
CA SER D 468 -3.69 -30.88 0.16
C SER D 468 -4.58 -31.80 0.98
N MET D 469 -4.18 -33.06 1.17
CA MET D 469 -4.98 -34.01 1.94
C MET D 469 -6.36 -34.25 1.31
N ASN D 470 -6.40 -34.33 -0.02
CA ASN D 470 -7.64 -34.61 -0.75
C ASN D 470 -7.65 -36.06 -1.19
N ALA D 471 -8.74 -36.75 -0.90
CA ALA D 471 -8.86 -38.16 -1.26
C ALA D 471 -8.72 -38.34 -2.76
N SER D 472 -7.87 -39.28 -3.16
CA SER D 472 -7.65 -39.54 -4.58
C SER D 472 -6.99 -40.90 -4.73
N ASP D 473 -7.08 -41.44 -5.95
CA ASP D 473 -6.41 -42.71 -6.24
C ASP D 473 -4.91 -42.58 -6.10
N TYR D 474 -4.35 -41.47 -6.58
CA TYR D 474 -2.92 -41.21 -6.45
C TYR D 474 -2.64 -40.79 -5.01
N THR D 475 -1.95 -41.64 -4.27
CA THR D 475 -1.64 -41.40 -2.86
C THR D 475 -0.14 -41.52 -2.64
N LEU D 476 0.35 -40.82 -1.64
CA LEU D 476 1.75 -40.93 -1.27
C LEU D 476 2.10 -42.38 -0.94
N LYS D 477 3.24 -42.83 -1.44
CA LYS D 477 3.63 -44.23 -1.26
C LYS D 477 3.73 -44.56 0.21
N GLY D 478 3.10 -45.67 0.61
CA GLY D 478 3.14 -46.10 1.99
C GLY D 478 2.21 -45.35 2.92
N VAL D 479 1.38 -44.45 2.40
CA VAL D 479 0.48 -43.65 3.21
C VAL D 479 -0.95 -43.91 2.75
N VAL D 480 -1.83 -44.17 3.70
CA VAL D 480 -3.23 -44.47 3.40
C VAL D 480 -4.09 -44.01 4.55
N VAL D 481 -5.31 -43.59 4.23
CA VAL D 481 -6.29 -43.21 5.24
C VAL D 481 -7.08 -44.44 5.65
N THR D 482 -7.69 -44.37 6.83
CA THR D 482 -8.46 -45.49 7.35
C THR D 482 -9.55 -44.96 8.26
N ARG D 483 -10.60 -45.76 8.44
CA ARG D 483 -11.74 -45.37 9.27
C ARG D 483 -11.76 -46.06 10.63
N ASN D 484 -11.19 -47.26 10.75
CA ASN D 484 -11.17 -47.97 12.03
C ASN D 484 -10.15 -47.29 12.93
N VAL D 485 -10.64 -46.33 13.72
CA VAL D 485 -9.76 -45.56 14.61
C VAL D 485 -9.08 -46.51 15.59
N ILE D 486 -7.81 -46.23 15.87
CA ILE D 486 -7.01 -47.02 16.80
C ILE D 486 -6.99 -46.30 18.13
N ASP D 487 -7.24 -47.03 19.21
CA ASP D 487 -7.24 -46.43 20.54
C ASP D 487 -5.87 -45.86 20.88
N ASP D 488 -5.88 -44.77 21.63
CA ASP D 488 -4.65 -44.11 22.04
C ASP D 488 -3.65 -45.09 22.65
N GLU D 493 0.15 -45.70 34.95
CA GLU D 493 0.43 -45.23 33.59
C GLU D 493 1.40 -44.05 33.62
N THR D 494 2.21 -43.97 34.67
CA THR D 494 3.17 -42.90 34.83
C THR D 494 4.47 -43.47 35.40
N GLU D 495 5.56 -42.75 35.16
CA GLU D 495 6.87 -43.18 35.63
C GLU D 495 7.72 -41.95 35.90
N LYS D 496 8.94 -42.19 36.36
CA LYS D 496 9.90 -41.13 36.67
C LYS D 496 11.06 -41.21 35.69
N VAL D 497 11.49 -40.05 35.20
CA VAL D 497 12.53 -39.96 34.18
C VAL D 497 13.58 -38.96 34.65
N SER D 498 14.85 -39.28 34.38
CA SER D 498 15.94 -38.40 34.77
C SER D 498 16.13 -37.28 33.74
N ILE D 499 16.88 -36.26 34.14
CA ILE D 499 17.16 -35.10 33.31
C ILE D 499 18.65 -34.84 33.32
N THR D 500 19.14 -34.23 32.24
CA THR D 500 20.55 -33.87 32.09
C THR D 500 20.67 -32.36 31.98
N LYS D 501 21.91 -31.91 31.75
CA LYS D 501 22.18 -30.48 31.71
C LYS D 501 21.40 -29.79 30.60
N ASN D 502 21.31 -30.44 29.43
CA ASN D 502 20.71 -29.82 28.24
C ASN D 502 19.19 -29.95 28.22
N LEU D 503 18.56 -30.17 29.37
CA LEU D 503 17.10 -30.28 29.44
C LEU D 503 16.58 -31.38 28.52
N SER D 504 17.27 -32.52 28.53
CA SER D 504 16.88 -33.67 27.73
C SER D 504 16.47 -34.79 28.68
N LEU D 505 15.34 -35.43 28.40
CA LEU D 505 14.89 -36.55 29.20
C LEU D 505 15.51 -37.84 28.69
N ILE D 506 16.11 -38.61 29.60
CA ILE D 506 16.72 -39.89 29.28
C ILE D 506 16.12 -40.94 30.19
N LYS D 507 15.67 -42.05 29.61
CA LYS D 507 15.03 -43.10 30.38
C LYS D 507 16.05 -43.81 31.27
N ARG D 508 15.59 -44.85 31.97
CA ARG D 508 16.47 -45.57 32.88
C ARG D 508 17.65 -46.19 32.14
N THR D 509 17.41 -46.76 30.96
CA THR D 509 18.49 -47.34 30.18
C THR D 509 19.33 -46.29 29.47
N GLY D 510 18.85 -45.05 29.37
CA GLY D 510 19.62 -43.96 28.81
C GLY D 510 19.07 -43.40 27.50
N GLU D 511 18.09 -44.05 26.88
CA GLU D 511 17.57 -43.55 25.62
C GLU D 511 16.90 -42.19 25.83
N VAL D 512 17.05 -41.31 24.86
CA VAL D 512 16.45 -39.97 24.93
C VAL D 512 14.99 -40.06 24.53
N ILE D 513 14.11 -39.56 25.39
CA ILE D 513 12.67 -39.59 25.16
C ILE D 513 12.13 -38.21 24.79
N MET D 514 12.62 -37.17 25.45
CA MET D 514 12.24 -35.79 25.16
C MET D 514 13.49 -34.98 24.89
N GLY D 515 13.45 -34.18 23.82
CA GLY D 515 14.50 -33.25 23.51
C GLY D 515 14.07 -31.82 23.77
N ALA D 516 15.05 -30.99 24.13
CA ALA D 516 14.76 -29.58 24.39
C ALA D 516 14.26 -28.85 23.15
N ASN D 517 14.44 -29.44 21.97
CA ASN D 517 14.02 -28.82 20.72
C ASN D 517 12.59 -29.20 20.33
N ASP D 518 11.92 -30.04 21.11
CA ASP D 518 10.55 -30.44 20.81
C ASP D 518 9.52 -29.42 21.27
N VAL D 519 9.94 -28.37 21.99
CA VAL D 519 8.99 -27.39 22.51
C VAL D 519 8.34 -26.66 21.34
N SER D 520 7.01 -26.72 21.28
CA SER D 520 6.29 -26.01 20.23
C SER D 520 6.47 -24.51 20.39
N GLU D 521 6.65 -23.83 19.26
CA GLU D 521 6.83 -22.38 19.26
C GLU D 521 5.52 -21.63 19.10
N LEU D 522 4.41 -22.21 19.53
CA LEU D 522 3.10 -21.55 19.49
C LEU D 522 3.01 -20.59 20.67
N GLU D 523 3.40 -19.34 20.43
CA GLU D 523 3.31 -18.33 21.47
C GLU D 523 1.85 -17.94 21.70
N SER D 524 1.51 -17.66 22.96
CA SER D 524 0.15 -17.30 23.30
C SER D 524 0.15 -16.55 24.63
N GLN D 525 -1.00 -16.00 24.98
CA GLN D 525 -1.18 -15.26 26.23
C GLN D 525 -1.96 -16.11 27.23
N ALA D 526 -1.44 -16.19 28.45
CA ALA D 526 -2.12 -16.95 29.49
C ALA D 526 -3.45 -16.29 29.85
N GLN D 527 -4.46 -17.12 30.11
CA GLN D 527 -5.78 -16.61 30.46
C GLN D 527 -5.84 -16.05 31.87
N LEU D 528 -4.89 -16.39 32.73
CA LEU D 528 -4.86 -15.91 34.10
C LEU D 528 -3.62 -15.05 34.31
N MET D 529 -3.69 -14.19 35.33
CA MET D 529 -2.60 -13.25 35.62
C MET D 529 -1.54 -13.97 36.45
N ILE D 530 -0.66 -14.69 35.75
CA ILE D 530 0.42 -15.40 36.41
C ILE D 530 1.42 -14.39 36.96
N THR D 531 2.10 -14.78 38.04
CA THR D 531 3.13 -13.96 38.66
C THR D 531 4.37 -14.81 38.93
N TYR D 532 5.51 -14.15 38.97
CA TYR D 532 6.79 -14.79 39.26
C TYR D 532 7.58 -13.92 40.23
N ASP D 533 8.50 -14.56 40.95
CA ASP D 533 9.30 -13.88 41.96
C ASP D 533 10.77 -13.75 41.58
N THR D 534 11.28 -14.61 40.72
CA THR D 534 12.70 -14.60 40.40
C THR D 534 13.06 -13.33 39.64
N PRO D 535 14.20 -12.70 39.94
CA PRO D 535 14.66 -11.59 39.08
C PRO D 535 15.11 -12.05 37.71
N LYS D 536 15.63 -13.27 37.60
CA LYS D 536 16.26 -13.72 36.36
C LYS D 536 15.31 -13.65 35.17
N MET D 537 14.01 -13.72 35.41
CA MET D 537 13.03 -13.78 34.34
C MET D 537 12.24 -12.48 34.20
N TRP D 538 12.58 -11.44 34.96
CA TRP D 538 11.86 -10.18 34.87
C TRP D 538 11.90 -9.60 33.46
N GLU D 539 12.87 -9.98 32.63
CA GLU D 539 12.92 -9.46 31.27
C GLU D 539 11.70 -9.83 30.47
N MET D 540 10.93 -10.83 30.91
CA MET D 540 9.70 -11.16 30.21
C MET D 540 8.73 -9.98 30.22
N GLY D 541 8.60 -9.30 31.36
CA GLY D 541 7.70 -8.18 31.43
C GLY D 541 8.21 -6.98 30.67
N THR D 542 7.31 -6.01 30.48
CA THR D 542 7.66 -4.80 29.75
C THR D 542 8.70 -4.00 30.51
N THR D 543 9.47 -3.20 29.77
CA THR D 543 10.54 -2.42 30.38
C THR D 543 10.02 -1.61 31.57
N LYS D 544 8.82 -1.06 31.46
CA LYS D 544 8.20 -0.38 32.60
C LYS D 544 8.08 -1.33 33.78
N GLU D 545 7.55 -2.53 33.53
CA GLU D 545 7.36 -3.51 34.61
C GLU D 545 8.70 -3.93 35.18
N LEU D 546 9.70 -4.15 34.32
CA LEU D 546 11.01 -4.55 34.80
C LEU D 546 11.62 -3.47 35.69
N VAL D 547 11.53 -2.21 35.25
CA VAL D 547 12.07 -1.11 36.05
C VAL D 547 11.36 -1.04 37.39
N GLN D 548 10.04 -1.18 37.39
CA GLN D 548 9.30 -1.15 38.64
C GLN D 548 9.74 -2.27 39.56
N ASN D 549 9.89 -3.47 39.02
CA ASN D 549 10.28 -4.62 39.84
C ASN D 549 11.66 -4.43 40.44
N THR D 550 12.63 -3.99 39.62
CA THR D 550 13.99 -3.82 40.13
C THR D 550 14.07 -2.70 41.16
N TYR D 551 13.33 -1.61 40.94
CA TYR D 551 13.36 -0.53 41.92
C TYR D 551 12.69 -0.96 43.22
N GLN D 552 11.61 -1.73 43.13
CA GLN D 552 11.00 -2.27 44.34
C GLN D 552 11.99 -3.17 45.09
N TRP D 553 12.70 -4.02 44.34
CA TRP D 553 13.65 -4.93 44.97
C TRP D 553 14.77 -4.18 45.68
N VAL D 554 15.32 -3.15 45.03
CA VAL D 554 16.40 -2.40 45.66
C VAL D 554 15.87 -1.60 46.86
N LEU D 555 14.66 -1.07 46.75
CA LEU D 555 14.10 -0.31 47.86
C LEU D 555 13.86 -1.19 49.07
N LYS D 556 13.32 -2.39 48.86
CA LYS D 556 12.97 -3.25 49.99
C LYS D 556 14.20 -3.63 50.81
N ASN D 557 15.29 -4.02 50.13
CA ASN D 557 16.53 -4.39 50.79
C ASN D 557 17.56 -3.27 50.72
N LEU D 558 17.12 -2.01 50.79
CA LEU D 558 18.05 -0.90 50.73
C LEU D 558 19.05 -0.95 51.87
N VAL D 559 18.63 -1.41 53.05
CA VAL D 559 19.53 -1.42 54.20
C VAL D 559 20.74 -2.30 53.92
N THR D 560 20.50 -3.50 53.38
CA THR D 560 21.60 -4.42 53.09
C THR D 560 22.51 -3.85 52.02
N LEU D 561 21.93 -3.25 50.98
CA LEU D 561 22.74 -2.67 49.92
C LEU D 561 23.63 -1.55 50.46
N LYS D 562 23.06 -0.68 51.29
CA LYS D 562 23.86 0.39 51.88
C LYS D 562 24.96 -0.17 52.77
N ALA D 563 24.64 -1.18 53.59
CA ALA D 563 25.64 -1.76 54.47
C ALA D 563 26.79 -2.35 53.68
N GLN D 564 26.49 -3.07 52.59
CA GLN D 564 27.55 -3.63 51.77
C GLN D 564 28.33 -2.56 51.04
N PHE D 565 27.64 -1.52 50.55
CA PHE D 565 28.32 -0.45 49.82
C PHE D 565 29.29 0.29 50.71
N LEU D 566 28.89 0.55 51.97
CA LEU D 566 29.78 1.26 52.88
C LEU D 566 31.10 0.52 53.06
N LEU D 567 31.09 -0.81 52.91
CA LEU D 567 32.32 -1.57 53.05
C LEU D 567 33.28 -1.27 51.91
N GLY D 568 32.80 -1.32 50.67
CA GLY D 568 33.57 -0.92 49.51
C GLY D 568 34.07 -2.03 48.61
N LYS D 569 33.38 -3.17 48.54
CA LYS D 569 33.74 -4.23 47.60
C LYS D 569 32.94 -4.05 46.30
N GLU D 570 32.97 -5.05 45.44
CA GLU D 570 32.29 -5.00 44.15
C GLU D 570 31.20 -6.04 43.98
N ASP D 571 31.07 -6.99 44.90
CA ASP D 571 30.08 -8.05 44.75
C ASP D 571 28.64 -7.56 44.91
N MET D 572 28.45 -6.31 45.36
CA MET D 572 27.11 -5.75 45.50
C MET D 572 26.56 -5.25 44.18
N PHE D 573 27.37 -5.23 43.12
CA PHE D 573 26.94 -4.80 41.79
C PHE D 573 26.58 -5.98 40.89
N GLN D 574 26.55 -7.20 41.44
CA GLN D 574 26.35 -8.41 40.64
C GLN D 574 25.05 -9.12 41.00
N TRP D 575 24.11 -8.42 41.63
CA TRP D 575 22.85 -9.04 42.04
C TRP D 575 22.02 -9.43 40.82
N ASP D 576 21.23 -10.50 40.99
CA ASP D 576 20.46 -11.03 39.87
C ASP D 576 19.50 -9.98 39.32
N ALA D 577 18.97 -9.12 40.20
CA ALA D 577 18.07 -8.06 39.73
C ALA D 577 18.79 -7.15 38.75
N PHE D 578 20.03 -6.79 39.04
CA PHE D 578 20.79 -5.95 38.12
C PHE D 578 21.14 -6.72 36.84
N GLU D 579 21.33 -8.04 36.94
CA GLU D 579 21.52 -8.84 35.74
C GLU D 579 20.30 -8.73 34.83
N ALA D 580 19.10 -8.85 35.41
CA ALA D 580 17.89 -8.68 34.60
C ALA D 580 17.78 -7.26 34.06
N PHE D 581 18.18 -6.27 34.86
CA PHE D 581 18.05 -4.89 34.45
C PHE D 581 18.99 -4.53 33.30
N GLU D 582 20.16 -5.17 33.24
CA GLU D 582 21.10 -4.87 32.18
C GLU D 582 20.56 -5.20 30.80
N SER D 583 19.51 -6.01 30.72
CA SER D 583 18.94 -6.37 29.41
C SER D 583 18.42 -5.13 28.69
N ILE D 584 17.71 -4.25 29.41
CA ILE D 584 17.06 -3.11 28.77
C ILE D 584 18.02 -1.96 28.49
N ILE D 585 19.20 -1.97 29.11
CA ILE D 585 20.21 -0.94 28.83
C ILE D 585 20.80 -1.25 27.45
N PRO D 586 21.02 -0.26 26.59
CA PRO D 586 21.60 -0.57 25.28
C PRO D 586 23.06 -0.96 25.41
N GLN D 587 23.45 -1.98 24.63
CA GLN D 587 24.78 -2.54 24.77
C GLN D 587 25.85 -1.51 24.44
N LYS D 588 25.64 -0.70 23.41
CA LYS D 588 26.65 0.26 22.99
C LYS D 588 26.98 1.24 24.11
N MET D 589 25.96 1.72 24.82
CA MET D 589 26.14 2.71 25.88
C MET D 589 26.14 2.10 27.27
N ALA D 590 25.99 0.78 27.39
CA ALA D 590 25.91 0.15 28.70
C ALA D 590 27.20 0.35 29.48
N GLY D 591 28.34 0.16 28.83
CA GLY D 591 29.61 0.32 29.52
C GLY D 591 29.81 1.74 30.02
N GLN D 592 29.48 2.72 29.19
CA GLN D 592 29.62 4.11 29.61
C GLN D 592 28.68 4.43 30.76
N TYR D 593 27.44 3.94 30.70
CA TYR D 593 26.50 4.16 31.79
C TYR D 593 27.03 3.57 33.08
N SER D 594 27.55 2.34 33.03
CA SER D 594 28.07 1.70 34.22
C SER D 594 29.28 2.44 34.76
N GLY D 595 30.17 2.89 33.88
CA GLY D 595 31.31 3.67 34.34
C GLY D 595 30.89 4.94 35.04
N PHE D 596 29.92 5.66 34.46
CA PHE D 596 29.43 6.88 35.07
C PHE D 596 28.80 6.60 36.43
N ALA D 597 28.00 5.52 36.51
CA ALA D 597 27.36 5.18 37.78
C ALA D 597 28.39 4.84 38.84
N ARG D 598 29.40 4.03 38.48
CA ARG D 598 30.43 3.68 39.45
C ARG D 598 31.20 4.90 39.89
N ALA D 599 31.55 5.79 38.94
CA ALA D 599 32.30 6.99 39.31
C ALA D 599 31.50 7.88 40.23
N VAL D 600 30.21 8.10 39.93
CA VAL D 600 29.41 8.98 40.76
C VAL D 600 29.20 8.37 42.14
N LEU D 601 28.99 7.05 42.21
CA LEU D 601 28.84 6.41 43.52
C LEU D 601 30.13 6.49 44.32
N LYS D 602 31.28 6.31 43.66
CA LYS D 602 32.55 6.40 44.37
C LYS D 602 32.78 7.82 44.90
N GLN D 603 32.49 8.83 44.08
CA GLN D 603 32.60 10.21 44.54
C GLN D 603 31.62 10.47 45.68
N MET D 604 30.43 9.89 45.59
CA MET D 604 29.43 10.04 46.64
C MET D 604 29.95 9.46 47.96
N ARG D 605 30.58 8.29 47.90
CA ARG D 605 31.05 7.63 49.10
C ARG D 605 32.28 8.31 49.68
N ASP D 606 33.21 8.74 48.83
CA ASP D 606 34.46 9.32 49.32
C ASP D 606 34.18 10.56 50.16
N GLN D 607 33.44 11.51 49.61
CA GLN D 607 33.04 12.70 50.34
C GLN D 607 31.56 12.57 50.71
N GLU D 608 31.26 12.76 51.99
CA GLU D 608 29.95 12.42 52.52
C GLU D 608 28.88 13.42 52.08
N VAL D 609 28.30 13.18 50.90
CA VAL D 609 27.14 13.92 50.42
C VAL D 609 26.07 12.90 50.06
N MET D 610 26.07 11.78 50.78
CA MET D 610 25.19 10.66 50.51
C MET D 610 23.74 11.11 50.39
N LYS D 611 23.12 10.81 49.24
CA LYS D 611 21.73 11.13 48.98
C LYS D 611 21.01 9.87 48.52
N THR D 612 19.93 9.53 49.23
CA THR D 612 19.25 8.26 48.96
C THR D 612 18.67 8.23 47.55
N ASP D 613 18.06 9.33 47.12
CA ASP D 613 17.41 9.34 45.80
C ASP D 613 18.39 8.99 44.69
N GLN D 614 19.54 9.67 44.67
CA GLN D 614 20.51 9.44 43.60
C GLN D 614 21.11 8.04 43.71
N PHE D 615 21.39 7.58 44.93
CA PHE D 615 21.90 6.23 45.11
C PHE D 615 20.96 5.21 44.51
N ILE D 616 19.66 5.31 44.84
CA ILE D 616 18.68 4.37 44.30
C ILE D 616 18.61 4.50 42.78
N LYS D 617 18.62 5.74 42.29
CA LYS D 617 18.47 5.94 40.84
C LYS D 617 19.62 5.32 40.07
N LEU D 618 20.85 5.48 40.54
CA LEU D 618 22.03 5.11 39.78
C LEU D 618 22.62 3.76 40.15
N LEU D 619 22.13 3.10 41.19
CA LEU D 619 22.66 1.78 41.53
C LEU D 619 22.43 0.77 40.41
N PRO D 620 21.25 0.68 39.80
CA PRO D 620 21.00 -0.42 38.85
C PRO D 620 21.94 -0.44 37.65
N PHE D 621 22.54 0.70 37.31
CA PHE D 621 23.38 0.78 36.12
C PHE D 621 24.82 0.35 36.36
N CYS D 622 25.18 -0.01 37.59
CA CYS D 622 26.58 -0.25 37.93
C CYS D 622 27.05 -1.66 37.58
N PHE D 623 26.19 -2.53 37.09
CA PHE D 623 26.59 -3.90 36.79
C PHE D 623 27.64 -3.93 35.67
N SER D 624 27.26 -3.47 34.47
CA SER D 624 28.08 -3.67 33.28
C SER D 624 29.53 -3.23 33.53
N PRO D 625 30.51 -3.85 32.87
CA PRO D 625 31.90 -3.47 33.09
C PRO D 625 32.11 -2.01 32.72
N PRO D 626 32.96 -1.29 33.46
CA PRO D 626 33.19 0.12 33.15
C PRO D 626 33.89 0.29 31.81
N LYS D 627 33.56 1.39 31.13
CA LYS D 627 34.16 1.74 29.84
C LYS D 627 34.52 3.22 29.91
N LEU D 628 35.73 3.51 30.38
CA LEU D 628 36.20 4.88 30.49
C LEU D 628 36.73 5.37 29.15
N ARG D 629 36.95 6.67 29.06
CA ARG D 629 37.49 7.27 27.84
C ARG D 629 38.99 7.00 27.74
N SER D 630 39.56 7.38 26.59
CA SER D 630 41.00 7.25 26.41
C SER D 630 41.77 8.09 27.42
N ASN D 631 41.17 9.18 27.89
CA ASN D 631 41.79 10.01 28.91
C ASN D 631 41.77 9.35 30.28
N GLY D 632 41.06 8.23 30.44
CA GLY D 632 40.93 7.58 31.72
C GLY D 632 39.85 8.14 32.60
N GLU D 633 39.13 9.16 32.15
CA GLU D 633 38.07 9.76 32.94
C GLU D 633 36.72 9.18 32.54
N PRO D 634 35.80 8.98 33.49
CA PRO D 634 34.51 8.37 33.14
C PRO D 634 33.68 9.29 32.25
N TYR D 635 32.85 8.66 31.43
CA TYR D 635 31.93 9.41 30.59
C TYR D 635 31.01 10.24 31.47
N GLN D 636 30.29 11.17 30.85
CA GLN D 636 29.37 12.04 31.57
C GLN D 636 28.05 12.08 30.82
N PHE D 637 26.96 12.30 31.55
CA PHE D 637 25.64 12.20 30.96
C PHE D 637 24.68 13.18 31.63
N LEU D 638 23.60 13.48 30.92
CA LEU D 638 22.48 14.25 31.46
C LEU D 638 21.26 13.38 31.72
N LYS D 639 20.98 12.42 30.85
CA LYS D 639 19.91 11.46 31.06
C LYS D 639 20.34 10.13 30.45
N LEU D 640 19.96 9.04 31.11
CA LEU D 640 20.31 7.70 30.65
C LEU D 640 19.11 7.12 29.92
N VAL D 641 19.31 6.78 28.65
CA VAL D 641 18.24 6.24 27.80
C VAL D 641 18.27 4.73 27.87
N LEU D 642 17.09 4.13 27.91
CA LEU D 642 16.93 2.69 27.95
C LEU D 642 16.34 2.19 26.64
N LYS D 643 16.11 0.89 26.56
CA LYS D 643 15.47 0.31 25.37
C LYS D 643 14.04 0.81 25.24
N GLY D 644 13.60 0.97 24.00
CA GLY D 644 12.28 1.46 23.69
C GLY D 644 12.21 2.94 23.40
N GLY D 645 13.22 3.70 23.80
CA GLY D 645 13.27 5.13 23.51
C GLY D 645 12.10 5.89 24.11
N GLY D 646 12.00 7.17 23.76
CA GLY D 646 10.88 7.97 24.25
C GLY D 646 10.89 8.07 25.76
N GLU D 647 9.75 7.70 26.37
CA GLU D 647 9.61 7.83 27.81
C GLU D 647 10.65 7.01 28.56
N ASN D 648 11.16 5.94 27.95
CA ASN D 648 12.07 5.04 28.65
C ASN D 648 13.42 5.70 28.86
N PHE D 649 13.48 6.67 29.77
CA PHE D 649 14.73 7.35 30.08
C PHE D 649 14.67 7.83 31.52
N ILE D 650 15.82 7.80 32.19
CA ILE D 650 15.95 8.22 33.58
C ILE D 650 16.78 9.49 33.61
N GLU D 651 16.21 10.56 34.17
CA GLU D 651 16.91 11.82 34.26
C GLU D 651 17.88 11.82 35.43
N VAL D 652 19.09 12.35 35.20
CA VAL D 652 20.13 12.37 36.21
C VAL D 652 20.06 13.59 37.12
N ARG D 653 19.26 14.60 36.77
CA ARG D 653 19.24 15.87 37.50
C ARG D 653 17.92 16.16 38.18
N LYS D 654 16.81 16.12 37.44
CA LYS D 654 15.51 16.54 37.96
C LYS D 654 14.56 15.39 38.24
N GLY D 655 14.43 14.45 37.32
CA GLY D 655 13.50 13.35 37.46
C GLY D 655 12.84 13.08 36.12
N SER D 656 12.38 11.84 35.95
CA SER D 656 11.80 11.37 34.70
C SER D 656 10.50 10.64 35.00
N PRO D 657 9.68 10.41 33.98
CA PRO D 657 8.44 9.64 34.21
C PRO D 657 8.69 8.29 34.86
N LEU D 658 9.82 7.64 34.57
CA LEU D 658 10.16 6.37 35.17
C LEU D 658 10.76 6.51 36.56
N PHE D 659 11.09 7.73 37.01
CA PHE D 659 11.68 7.92 38.32
C PHE D 659 11.52 9.38 38.72
N SER D 660 10.89 9.63 39.86
CA SER D 660 10.73 10.98 40.38
C SER D 660 10.78 10.94 41.90
N TYR D 661 11.19 12.07 42.49
CA TYR D 661 11.31 12.20 43.93
C TYR D 661 10.70 13.52 44.36
N ASN D 662 9.88 13.47 45.41
CA ASN D 662 9.32 14.67 46.03
C ASN D 662 9.88 14.78 47.44
N PRO D 663 10.90 15.61 47.68
CA PRO D 663 11.48 15.69 49.03
C PRO D 663 10.58 16.43 50.02
N GLN D 664 9.66 17.28 49.55
CA GLN D 664 8.76 17.96 50.46
C GLN D 664 7.91 16.96 51.23
N THR D 665 7.39 15.95 50.55
CA THR D 665 6.64 14.86 51.17
C THR D 665 7.44 13.57 51.27
N GLU D 666 8.68 13.57 50.79
CA GLU D 666 9.54 12.39 50.82
C GLU D 666 8.84 11.19 50.17
N VAL D 667 8.47 11.37 48.91
CA VAL D 667 7.71 10.37 48.16
C VAL D 667 8.51 9.99 46.92
N LEU D 668 8.65 8.69 46.69
CA LEU D 668 9.32 8.16 45.51
C LEU D 668 8.26 7.68 44.53
N THR D 669 8.23 8.28 43.34
CA THR D 669 7.28 7.93 42.29
C THR D 669 8.04 7.14 41.23
N ILE D 670 7.86 5.83 41.24
CA ILE D 670 8.50 4.93 40.28
C ILE D 670 7.43 4.51 39.29
N CYS D 671 7.59 4.97 38.04
CA CYS D 671 6.74 4.54 36.93
C CYS D 671 5.27 4.80 37.21
N GLY D 672 4.98 5.85 37.96
CA GLY D 672 3.61 6.22 38.29
C GLY D 672 3.08 5.67 39.60
N ARG D 673 3.85 4.83 40.29
CA ARG D 673 3.44 4.26 41.57
C ARG D 673 4.19 4.97 42.69
N MET D 674 3.47 5.35 43.73
CA MET D 674 4.02 6.16 44.82
C MET D 674 4.38 5.27 46.01
N MET D 675 5.52 5.56 46.62
CA MET D 675 5.96 4.90 47.84
C MET D 675 6.56 5.93 48.78
N SER D 676 6.60 5.57 50.06
CA SER D 676 7.17 6.42 51.10
C SER D 676 8.51 5.86 51.54
N LEU D 677 9.50 6.76 51.68
CA LEU D 677 10.85 6.38 52.08
C LEU D 677 11.16 6.82 53.51
N LYS D 678 10.13 6.89 54.36
CA LYS D 678 10.36 7.25 55.75
C LYS D 678 11.26 6.23 56.43
N GLY D 679 12.11 6.71 57.33
CA GLY D 679 13.01 5.86 58.08
C GLY D 679 14.38 5.70 57.47
N LYS D 680 14.54 6.00 56.18
CA LYS D 680 15.83 5.93 55.51
C LYS D 680 16.29 7.26 54.96
N ILE D 681 15.55 8.34 55.20
CA ILE D 681 15.87 9.67 54.70
C ILE D 681 16.29 10.52 55.89
N GLU D 682 17.45 11.16 55.79
CA GLU D 682 17.96 12.02 56.84
C GLU D 682 17.62 13.48 56.54
N ASP D 683 17.55 14.29 57.60
CA ASP D 683 17.27 15.71 57.43
C ASP D 683 18.34 16.38 56.58
N GLU D 684 19.60 16.05 56.83
CA GLU D 684 20.68 16.57 56.01
C GLU D 684 20.50 16.16 54.55
N GLU D 685 19.93 14.96 54.32
CA GLU D 685 19.61 14.56 52.96
C GLU D 685 18.58 15.51 52.35
N ARG D 686 17.59 15.91 53.14
CA ARG D 686 16.63 16.90 52.66
C ARG D 686 17.32 18.22 52.35
N ASN D 687 18.30 18.61 53.16
CA ASN D 687 19.03 19.85 52.92
C ASN D 687 19.76 19.80 51.58
N ARG D 688 20.73 18.88 51.46
CA ARG D 688 21.50 18.75 50.23
C ARG D 688 20.58 18.24 49.12
N SER D 689 20.34 19.07 48.10
CA SER D 689 19.30 18.74 47.14
C SER D 689 19.79 17.78 46.05
N MET D 690 20.64 18.26 45.14
CA MET D 690 21.15 17.39 44.09
C MET D 690 22.55 17.75 43.62
N GLY D 691 23.22 18.74 44.21
CA GLY D 691 24.34 19.38 43.55
C GLY D 691 25.58 18.51 43.41
N ASN D 692 25.77 17.54 44.29
CA ASN D 692 27.02 16.79 44.35
C ASN D 692 26.90 15.37 43.82
N ALA D 693 25.79 15.03 43.16
CA ALA D 693 25.55 13.67 42.70
C ALA D 693 24.95 13.68 41.30
N VAL D 694 25.47 14.52 40.41
CA VAL D 694 25.00 14.59 39.04
C VAL D 694 26.16 14.41 38.07
N LEU D 695 27.36 14.77 38.51
CA LEU D 695 28.51 14.85 37.63
C LEU D 695 29.71 14.19 38.32
N ALA D 696 30.57 13.57 37.52
CA ALA D 696 31.69 12.80 38.06
C ALA D 696 32.87 13.73 38.33
N GLY D 697 33.37 13.68 39.55
CA GLY D 697 34.52 14.50 39.92
C GLY D 697 34.21 15.96 40.08
N PHE D 698 32.95 16.32 40.33
CA PHE D 698 32.54 17.70 40.47
C PHE D 698 31.75 17.87 41.76
N LEU D 699 31.87 19.03 42.39
CA LEU D 699 31.15 19.33 43.62
C LEU D 699 30.75 20.79 43.63
N VAL D 700 29.73 21.10 44.43
CA VAL D 700 29.20 22.45 44.48
C VAL D 700 30.19 23.38 45.18
N SER D 701 30.24 24.63 44.72
CA SER D 701 31.08 25.64 45.36
C SER D 701 30.39 26.98 45.56
N GLY D 702 29.25 27.24 44.93
CA GLY D 702 28.58 28.51 45.08
C GLY D 702 27.15 28.49 44.57
N LYS D 703 26.73 29.56 43.90
CA LYS D 703 25.39 29.67 43.34
C LYS D 703 25.51 30.25 41.94
N TYR D 704 24.35 30.52 41.32
CA TYR D 704 24.33 31.05 39.96
C TYR D 704 25.11 32.35 39.90
N ASP D 705 26.10 32.40 39.01
CA ASP D 705 26.88 33.61 38.76
C ASP D 705 26.79 33.93 37.27
N PRO D 706 25.87 34.79 36.85
CA PRO D 706 25.80 35.14 35.42
C PRO D 706 27.11 35.70 34.90
N ASP D 707 27.91 36.34 35.76
CA ASP D 707 29.18 36.91 35.30
C ASP D 707 30.10 35.82 34.76
N LEU D 708 30.15 34.67 35.44
CA LEU D 708 30.99 33.58 34.97
C LEU D 708 30.58 33.12 33.57
N GLY D 709 29.29 33.17 33.27
CA GLY D 709 28.77 32.76 31.98
C GLY D 709 27.46 32.03 32.12
N ASP D 710 26.94 31.59 30.98
CA ASP D 710 25.68 30.86 30.94
C ASP D 710 25.92 29.41 31.38
N PHE D 711 24.90 28.57 31.23
CA PHE D 711 25.03 27.17 31.60
C PHE D 711 25.95 26.45 30.63
N LYS D 712 26.78 25.56 31.17
CA LYS D 712 27.81 24.87 30.40
C LYS D 712 27.33 23.47 30.04
N THR D 713 27.53 23.08 28.78
CA THR D 713 27.11 21.77 28.31
C THR D 713 28.20 20.73 28.58
N ILE D 714 27.83 19.45 28.38
CA ILE D 714 28.74 18.37 28.71
C ILE D 714 29.97 18.38 27.80
N GLU D 715 29.78 18.75 26.53
CA GLU D 715 30.90 18.73 25.59
C GLU D 715 32.10 19.48 26.14
N GLU D 716 31.86 20.62 26.80
CA GLU D 716 32.94 21.38 27.41
C GLU D 716 33.22 20.95 28.83
N LEU D 717 32.22 20.40 29.54
CA LEU D 717 32.44 19.95 30.91
C LEU D 717 33.47 18.83 30.95
N GLU D 718 33.39 17.89 30.00
CA GLU D 718 34.37 16.80 29.97
C GLU D 718 35.77 17.32 29.70
N LYS D 719 35.89 18.42 28.95
CA LYS D 719 37.18 18.97 28.56
C LYS D 719 37.79 19.87 29.63
N LEU D 720 37.08 20.11 30.73
CA LEU D 720 37.59 21.01 31.76
C LEU D 720 38.83 20.43 32.43
N LYS D 721 39.58 21.31 33.09
CA LYS D 721 40.79 20.95 33.81
C LYS D 721 40.59 21.14 35.30
N PRO D 722 41.24 20.34 36.14
CA PRO D 722 41.09 20.52 37.60
C PRO D 722 41.32 21.96 38.02
N GLY D 723 40.63 22.35 39.09
CA GLY D 723 40.77 23.68 39.65
C GLY D 723 39.99 24.76 38.93
N GLU D 724 38.97 24.41 38.16
CA GLU D 724 38.18 25.36 37.40
C GLU D 724 36.71 25.23 37.79
N LYS D 725 36.04 26.37 37.91
CA LYS D 725 34.65 26.42 38.36
C LYS D 725 33.74 26.68 37.17
N ALA D 726 32.64 25.93 37.10
CA ALA D 726 31.66 26.06 36.03
C ALA D 726 30.26 26.17 36.62
N ASN D 727 29.29 26.41 35.76
CA ASN D 727 27.89 26.52 36.16
C ASN D 727 27.06 25.52 35.36
N ILE D 728 26.09 24.91 36.04
CA ILE D 728 25.19 23.95 35.42
C ILE D 728 23.77 24.25 35.86
N LEU D 729 22.81 23.58 35.22
CA LEU D 729 21.39 23.77 35.50
C LEU D 729 20.78 22.41 35.81
N LEU D 730 20.22 22.28 37.01
CA LEU D 730 19.50 21.05 37.35
C LEU D 730 18.19 20.98 36.57
N TYR D 731 17.32 21.97 36.76
CA TYR D 731 16.13 22.10 35.95
C TYR D 731 15.74 23.58 35.93
N GLN D 732 14.72 23.88 35.12
CA GLN D 732 14.26 25.25 34.95
C GLN D 732 14.11 25.94 36.30
N GLY D 733 14.81 27.08 36.46
CA GLY D 733 14.70 27.88 37.65
C GLY D 733 15.55 27.45 38.82
N LYS D 734 16.41 26.45 38.67
CA LYS D 734 17.31 25.99 39.72
C LYS D 734 18.71 25.79 39.17
N PRO D 735 19.40 26.86 38.83
CA PRO D 735 20.81 26.75 38.45
C PRO D 735 21.70 26.54 39.67
N VAL D 736 22.94 26.10 39.41
CA VAL D 736 23.89 25.83 40.46
C VAL D 736 25.30 25.96 39.89
N LYS D 737 26.28 26.10 40.79
CA LYS D 737 27.68 26.21 40.43
C LYS D 737 28.44 25.01 40.97
N VAL D 738 29.39 24.50 40.18
CA VAL D 738 30.15 23.32 40.53
C VAL D 738 31.63 23.56 40.24
N VAL D 739 32.47 22.70 40.80
CA VAL D 739 33.91 22.76 40.60
C VAL D 739 34.44 21.33 40.49
N LYS D 740 35.38 21.12 39.55
CA LYS D 740 35.96 19.81 39.37
C LYS D 740 36.91 19.49 40.52
N ARG D 741 36.88 18.24 40.98
CA ARG D 741 37.79 17.75 42.00
C ARG D 741 38.61 16.61 41.45
N LYS D 742 39.90 16.62 41.79
CA LYS D 742 40.83 15.60 41.31
C LYS D 742 40.38 14.20 41.72
#